data_1BXZ
#
_entry.id   1BXZ
#
_cell.length_a   80.450
_cell.length_b   123.080
_cell.length_c   168.030
_cell.angle_alpha   90.00
_cell.angle_beta   90.00
_cell.angle_gamma   90.00
#
_symmetry.space_group_name_H-M   'P 21 21 21'
#
loop_
_entity.id
_entity.type
_entity.pdbx_description
1 polymer 'NADP-DEPENDENT ALCOHOL DEHYDROGENASE'
2 non-polymer 'ZINC ION'
3 non-polymer 'CHLORIDE ION'
4 non-polymer 'MAGNESIUM ION'
5 non-polymer 2-BUTANOL
6 water water
#
_entity_poly.entity_id   1
_entity_poly.type   'polypeptide(L)'
_entity_poly.pdbx_seq_one_letter_code
;MKGFAMLSIGKVGWIEKEKPAPGPFDAIVRPLAVAPCTSDIHTVFEGAIGERHNMILGHEAVGEVVEVGSEVKDFKPGDR
VVVPAITPDWRTSEVQRGYHQHSGGMLAGWKFSNVKDGVFGEFFHVNDADMNLAHLPKEIPLEAAVMIPDMMTTGFHGAE
LADIELGATVAVLGIGPVGLMAVAGAKLRGAGRIIAVGSRPVCVDAAKYYGATDIVNYKDGPIESQIMNLTEGKGVDAAI
IAGGNADIMATAVKIVKPGGTIANVNYFGEGEVLPVPRLEWGCGMAHKTIKGGLCPGGRLRMERLIDLVFYKRVDPSKLV
THVFRGFDNIEKAFMLMKDKPKDLIKPVVILA
;
_entity_poly.pdbx_strand_id   A,B,C,D
#
loop_
_chem_comp.id
_chem_comp.type
_chem_comp.name
_chem_comp.formula
CL non-polymer 'CHLORIDE ION' 'Cl -1'
MG non-polymer 'MAGNESIUM ION' 'Mg 2'
SBT non-polymer 2-BUTANOL 'C4 H10 O'
ZN non-polymer 'ZINC ION' 'Zn 2'
#
# COMPACT_ATOMS: atom_id res chain seq x y z
N MET A 1 -47.83 10.85 4.20
CA MET A 1 -46.99 9.62 4.19
C MET A 1 -46.81 9.13 5.61
N LYS A 2 -46.96 7.82 5.80
CA LYS A 2 -46.82 7.20 7.11
C LYS A 2 -45.35 6.81 7.28
N GLY A 3 -44.80 7.00 8.47
CA GLY A 3 -43.42 6.64 8.70
C GLY A 3 -43.06 6.52 10.17
N PHE A 4 -42.37 5.45 10.52
CA PHE A 4 -41.96 5.21 11.91
C PHE A 4 -40.74 6.07 12.20
N ALA A 5 -40.86 7.00 13.15
CA ALA A 5 -39.73 7.89 13.43
C ALA A 5 -39.39 8.15 14.89
N MET A 6 -38.32 8.90 15.06
CA MET A 6 -37.84 9.30 16.37
C MET A 6 -38.56 10.61 16.64
N LEU A 7 -39.23 10.66 17.77
CA LEU A 7 -40.06 11.79 18.20
C LEU A 7 -39.27 12.81 18.97
N SER A 8 -38.30 12.27 19.73
CA SER A 8 -37.41 13.05 20.54
C SER A 8 -36.65 11.97 21.28
N ILE A 9 -35.52 12.32 21.88
CA ILE A 9 -34.76 11.29 22.59
C ILE A 9 -35.68 10.47 23.51
N GLY A 10 -35.54 9.15 23.45
CA GLY A 10 -36.32 8.24 24.28
C GLY A 10 -37.77 8.05 23.88
N LYS A 11 -38.15 8.56 22.71
CA LYS A 11 -39.54 8.44 22.26
C LYS A 11 -39.68 8.26 20.76
N VAL A 12 -40.34 7.16 20.35
CA VAL A 12 -40.58 6.86 18.92
C VAL A 12 -42.04 6.52 18.70
N GLY A 13 -42.45 6.47 17.44
CA GLY A 13 -43.81 6.15 17.08
C GLY A 13 -44.10 6.63 15.67
N TRP A 14 -45.15 6.08 15.04
CA TRP A 14 -45.48 6.48 13.68
C TRP A 14 -45.92 7.94 13.60
N ILE A 15 -45.54 8.63 12.53
CA ILE A 15 -45.92 10.02 12.31
C ILE A 15 -46.25 10.17 10.84
N GLU A 16 -46.52 11.39 10.39
CA GLU A 16 -46.81 11.63 8.99
C GLU A 16 -46.09 12.87 8.48
N LYS A 17 -45.41 12.67 7.35
CA LYS A 17 -44.66 13.73 6.69
C LYS A 17 -45.12 13.79 5.25
N GLU A 18 -44.63 14.78 4.53
CA GLU A 18 -45.00 14.90 3.13
C GLU A 18 -44.08 14.02 2.29
N LYS A 19 -44.66 13.24 1.38
CA LYS A 19 -43.87 12.38 0.51
C LYS A 19 -42.79 13.25 -0.12
N PRO A 20 -41.52 12.79 -0.08
CA PRO A 20 -40.37 13.50 -0.63
C PRO A 20 -40.43 13.71 -2.14
N ALA A 21 -39.75 14.75 -2.57
CA ALA A 21 -39.70 15.07 -3.98
C ALA A 21 -38.27 14.94 -4.44
N PRO A 22 -38.06 14.20 -5.51
CA PRO A 22 -36.72 14.00 -6.06
C PRO A 22 -36.16 15.27 -6.73
N GLY A 23 -34.88 15.53 -6.51
CA GLY A 23 -34.25 16.65 -7.17
C GLY A 23 -33.89 16.10 -8.53
N PRO A 24 -33.37 16.93 -9.45
CA PRO A 24 -33.01 16.41 -10.78
C PRO A 24 -32.10 15.16 -10.80
N PHE A 25 -31.30 14.96 -9.74
CA PHE A 25 -30.40 13.81 -9.66
C PHE A 25 -30.81 12.77 -8.62
N ASP A 26 -31.95 12.98 -7.95
CA ASP A 26 -32.40 12.07 -6.91
C ASP A 26 -33.48 11.09 -7.35
N ALA A 27 -33.77 10.15 -6.47
CA ALA A 27 -34.79 9.11 -6.69
C ALA A 27 -35.62 8.91 -5.40
N ILE A 28 -36.88 8.56 -5.57
CA ILE A 28 -37.73 8.30 -4.42
C ILE A 28 -38.01 6.81 -4.48
N VAL A 29 -37.66 6.10 -3.40
CA VAL A 29 -37.85 4.66 -3.37
C VAL A 29 -38.91 4.23 -2.38
N ARG A 30 -39.57 3.12 -2.71
CA ARG A 30 -40.62 2.55 -1.88
C ARG A 30 -40.05 1.27 -1.30
N PRO A 31 -39.91 1.18 0.02
CA PRO A 31 -39.37 -0.02 0.66
C PRO A 31 -40.02 -1.34 0.28
N LEU A 32 -39.21 -2.39 0.21
CA LEU A 32 -39.67 -3.74 -0.09
C LEU A 32 -39.23 -4.63 1.07
N ALA A 33 -38.14 -4.22 1.72
CA ALA A 33 -37.60 -4.95 2.86
C ALA A 33 -36.66 -4.01 3.60
N VAL A 34 -36.76 -4.02 4.94
CA VAL A 34 -35.91 -3.17 5.76
C VAL A 34 -35.45 -3.91 7.00
N ALA A 35 -34.58 -3.28 7.77
CA ALA A 35 -34.05 -3.85 9.01
C ALA A 35 -33.61 -2.78 10.01
N PRO A 36 -33.83 -3.04 11.31
CA PRO A 36 -33.46 -2.11 12.39
C PRO A 36 -32.02 -2.37 12.78
N CYS A 37 -31.29 -1.30 13.11
CA CYS A 37 -29.90 -1.47 13.52
C CYS A 37 -29.78 -1.03 14.96
N THR A 38 -28.88 -1.67 15.68
CA THR A 38 -28.68 -1.33 17.07
C THR A 38 -28.30 0.12 17.15
N SER A 39 -27.85 0.69 16.03
CA SER A 39 -27.46 2.10 16.00
C SER A 39 -28.67 2.98 16.16
N ASP A 40 -29.79 2.63 15.55
CA ASP A 40 -31.01 3.42 15.69
C ASP A 40 -31.34 3.50 17.17
N ILE A 41 -31.33 2.35 17.84
CA ILE A 41 -31.61 2.27 19.27
C ILE A 41 -30.77 3.28 20.05
N HIS A 42 -29.46 3.25 19.85
CA HIS A 42 -28.58 4.18 20.53
C HIS A 42 -28.94 5.62 20.16
N THR A 43 -29.34 5.83 18.91
CA THR A 43 -29.70 7.17 18.42
C THR A 43 -30.95 7.71 19.07
N VAL A 44 -31.90 6.81 19.35
CA VAL A 44 -33.17 7.22 19.96
C VAL A 44 -33.15 7.21 21.49
N PHE A 45 -32.74 6.11 22.11
CA PHE A 45 -32.75 6.03 23.56
C PHE A 45 -31.45 6.38 24.24
N GLU A 46 -30.49 6.94 23.51
CA GLU A 46 -29.22 7.31 24.10
C GLU A 46 -28.64 8.54 23.42
N GLY A 47 -29.45 9.17 22.57
CA GLY A 47 -29.02 10.35 21.85
C GLY A 47 -27.58 10.29 21.40
N ALA A 48 -27.17 9.16 20.82
CA ALA A 48 -25.82 8.99 20.36
C ALA A 48 -25.44 10.09 19.25
N ILE A 49 -26.36 10.61 18.52
CA ILE A 49 -26.25 11.65 17.38
C ILE A 49 -26.69 13.05 17.86
N GLY A 50 -27.06 13.16 19.11
CA GLY A 50 -27.66 14.44 19.44
C GLY A 50 -29.20 14.31 19.42
N GLU A 51 -29.85 15.45 19.68
CA GLU A 51 -31.31 15.53 19.72
C GLU A 51 -31.91 15.64 18.31
N ARG A 52 -33.03 14.98 18.08
CA ARG A 52 -33.70 14.97 16.75
C ARG A 52 -35.20 14.89 16.96
N HIS A 53 -35.94 15.69 16.18
CA HIS A 53 -37.37 15.66 16.34
C HIS A 53 -38.08 15.28 15.06
N ASN A 54 -38.87 14.20 15.13
CA ASN A 54 -39.61 13.72 13.98
C ASN A 54 -38.73 13.39 12.79
N MET A 55 -37.79 12.46 13.00
CA MET A 55 -36.89 12.00 11.96
C MET A 55 -37.22 10.55 11.76
N ILE A 56 -37.65 10.18 10.57
CA ILE A 56 -37.97 8.79 10.30
C ILE A 56 -36.66 8.00 10.46
N LEU A 57 -36.74 6.82 11.06
CA LEU A 57 -35.57 5.99 11.32
C LEU A 57 -35.28 4.91 10.27
N GLY A 58 -34.13 4.26 10.41
CA GLY A 58 -33.75 3.22 9.48
C GLY A 58 -32.77 3.65 8.40
N HIS A 59 -31.81 2.78 8.10
CA HIS A 59 -30.82 3.06 7.08
C HIS A 59 -30.42 1.82 6.29
N GLU A 60 -31.16 0.73 6.47
CA GLU A 60 -30.89 -0.52 5.76
C GLU A 60 -32.12 -0.95 4.97
N ALA A 61 -32.15 -0.65 3.68
CA ALA A 61 -33.32 -1.05 2.91
C ALA A 61 -33.04 -1.48 1.48
N VAL A 62 -33.99 -2.24 0.95
CA VAL A 62 -33.96 -2.72 -0.41
C VAL A 62 -35.30 -2.24 -0.88
N GLY A 63 -35.34 -1.47 -1.95
CA GLY A 63 -36.62 -0.97 -2.42
C GLY A 63 -36.89 -0.94 -3.91
N GLU A 64 -37.97 -0.29 -4.27
CA GLU A 64 -38.37 -0.15 -5.66
C GLU A 64 -38.43 1.32 -5.95
N VAL A 65 -37.70 1.74 -6.98
CA VAL A 65 -37.70 3.12 -7.39
C VAL A 65 -39.11 3.47 -7.85
N VAL A 66 -39.71 4.48 -7.28
CA VAL A 66 -41.05 4.84 -7.73
C VAL A 66 -41.01 6.15 -8.52
N GLU A 67 -40.00 6.97 -8.28
CA GLU A 67 -39.87 8.22 -8.98
C GLU A 67 -38.44 8.70 -9.08
N VAL A 68 -38.02 9.14 -10.25
CA VAL A 68 -36.66 9.63 -10.42
C VAL A 68 -36.66 11.07 -10.90
N GLY A 69 -35.53 11.74 -10.75
CA GLY A 69 -35.41 13.11 -11.20
C GLY A 69 -35.14 13.19 -12.69
N SER A 70 -35.20 14.40 -13.23
CA SER A 70 -34.98 14.58 -14.66
C SER A 70 -33.60 14.19 -15.11
N GLU A 71 -32.63 14.21 -14.19
CA GLU A 71 -31.24 13.88 -14.51
C GLU A 71 -30.74 12.46 -14.20
N VAL A 72 -31.58 11.64 -13.57
CA VAL A 72 -31.19 10.28 -13.28
C VAL A 72 -31.19 9.53 -14.59
N LYS A 73 -30.18 8.72 -14.83
CA LYS A 73 -30.08 7.98 -16.09
C LYS A 73 -30.11 6.46 -15.99
N ASP A 74 -29.60 5.91 -14.90
CA ASP A 74 -29.54 4.45 -14.76
C ASP A 74 -30.66 3.74 -14.00
N PHE A 75 -31.56 4.50 -13.38
CA PHE A 75 -32.65 3.96 -12.60
C PHE A 75 -33.99 4.53 -13.01
N LYS A 76 -34.96 3.65 -13.21
CA LYS A 76 -36.30 4.04 -13.63
C LYS A 76 -37.34 3.50 -12.65
N PRO A 77 -38.54 4.10 -12.62
CA PRO A 77 -39.56 3.61 -11.69
C PRO A 77 -39.89 2.15 -11.91
N GLY A 78 -39.85 1.38 -10.83
CA GLY A 78 -40.15 -0.04 -10.90
C GLY A 78 -38.92 -0.89 -10.67
N ASP A 79 -37.75 -0.27 -10.78
CA ASP A 79 -36.50 -0.98 -10.59
C ASP A 79 -36.32 -1.41 -9.16
N ARG A 80 -35.84 -2.65 -8.97
CA ARG A 80 -35.56 -3.17 -7.64
C ARG A 80 -34.11 -2.85 -7.36
N VAL A 81 -33.84 -2.18 -6.25
CA VAL A 81 -32.47 -1.80 -5.93
C VAL A 81 -32.07 -2.02 -4.49
N VAL A 82 -30.77 -2.03 -4.25
CA VAL A 82 -30.26 -2.17 -2.90
C VAL A 82 -29.78 -0.77 -2.56
N VAL A 83 -30.18 -0.25 -1.41
CA VAL A 83 -29.80 1.09 -1.04
C VAL A 83 -28.78 1.13 0.09
N PRO A 84 -27.57 1.63 -0.18
CA PRO A 84 -26.52 1.72 0.83
C PRO A 84 -26.86 2.62 2.04
N ALA A 85 -26.38 2.25 3.23
CA ALA A 85 -26.61 3.06 4.42
C ALA A 85 -25.94 4.40 4.19
N ILE A 86 -24.71 4.36 3.68
CA ILE A 86 -23.95 5.56 3.36
C ILE A 86 -24.32 5.98 1.96
N THR A 87 -24.85 7.20 1.87
CA THR A 87 -25.29 7.78 0.60
C THR A 87 -24.75 9.20 0.48
N PRO A 88 -23.45 9.32 0.17
CA PRO A 88 -22.76 10.60 0.04
C PRO A 88 -23.10 11.49 -1.13
N ASP A 89 -22.53 12.68 -1.06
CA ASP A 89 -22.64 13.70 -2.08
C ASP A 89 -21.25 13.53 -2.73
N TRP A 90 -21.23 13.00 -3.94
CA TRP A 90 -19.96 12.73 -4.60
C TRP A 90 -19.15 13.87 -5.13
N ARG A 91 -19.65 15.09 -4.99
CA ARG A 91 -18.90 16.23 -5.46
C ARG A 91 -18.45 17.06 -4.28
N THR A 92 -17.50 16.51 -3.53
CA THR A 92 -16.96 17.15 -2.35
C THR A 92 -15.43 16.93 -2.33
N SER A 93 -14.74 17.67 -1.47
CA SER A 93 -13.29 17.59 -1.34
C SER A 93 -12.84 16.19 -1.02
N GLU A 94 -13.26 15.70 0.15
CA GLU A 94 -12.89 14.36 0.62
C GLU A 94 -13.16 13.21 -0.37
N VAL A 95 -14.08 13.42 -1.31
CA VAL A 95 -14.33 12.40 -2.31
C VAL A 95 -13.11 12.33 -3.22
N GLN A 96 -12.39 13.45 -3.32
CA GLN A 96 -11.17 13.51 -4.12
C GLN A 96 -9.99 12.94 -3.34
N ARG A 97 -10.11 12.89 -2.00
CA ARG A 97 -9.04 12.34 -1.15
C ARG A 97 -9.23 10.83 -0.96
N GLY A 98 -10.34 10.30 -1.48
CA GLY A 98 -10.60 8.88 -1.38
C GLY A 98 -11.45 8.45 -0.20
N TYR A 99 -12.03 9.41 0.52
CA TYR A 99 -12.85 9.07 1.67
C TYR A 99 -14.27 9.59 1.54
N HIS A 100 -15.04 8.99 0.63
CA HIS A 100 -16.43 9.43 0.46
C HIS A 100 -17.23 9.29 1.77
N GLN A 101 -16.80 8.41 2.67
CA GLN A 101 -17.53 8.21 3.90
C GLN A 101 -17.66 9.51 4.63
N HIS A 102 -16.64 10.35 4.45
CA HIS A 102 -16.61 11.65 5.10
C HIS A 102 -16.80 12.85 4.14
N SER A 103 -17.65 12.67 3.12
CA SER A 103 -17.95 13.71 2.10
C SER A 103 -18.74 14.88 2.68
N GLY A 104 -18.04 15.96 2.96
CA GLY A 104 -18.68 17.14 3.52
C GLY A 104 -18.63 17.17 5.05
N GLY A 105 -17.71 16.42 5.63
CA GLY A 105 -17.60 16.39 7.08
C GLY A 105 -17.42 14.98 7.58
N MET A 106 -16.96 14.85 8.81
CA MET A 106 -16.72 13.55 9.44
C MET A 106 -18.00 12.74 9.54
N LEU A 107 -18.00 11.58 8.91
CA LEU A 107 -19.15 10.66 8.88
C LEU A 107 -20.34 11.25 8.11
N ALA A 108 -20.05 12.27 7.30
CA ALA A 108 -21.08 12.95 6.52
C ALA A 108 -21.67 12.01 5.47
N GLY A 109 -20.97 10.92 5.16
CA GLY A 109 -21.49 9.98 4.18
C GLY A 109 -22.80 9.36 4.62
N TRP A 110 -22.96 9.26 5.93
CA TRP A 110 -24.15 8.68 6.50
C TRP A 110 -25.24 9.73 6.63
N LYS A 111 -26.30 9.57 5.83
CA LYS A 111 -27.42 10.52 5.83
C LYS A 111 -28.68 9.93 6.42
N PHE A 112 -29.08 8.79 5.87
CA PHE A 112 -30.28 8.10 6.34
C PHE A 112 -30.31 7.99 7.87
N SER A 113 -31.35 8.53 8.49
CA SER A 113 -31.53 8.47 9.93
C SER A 113 -30.46 9.28 10.69
N ASN A 114 -29.96 10.34 10.05
CA ASN A 114 -28.95 11.16 10.69
C ASN A 114 -29.16 12.65 10.37
N VAL A 115 -29.41 12.96 9.11
CA VAL A 115 -29.62 14.34 8.70
C VAL A 115 -30.61 14.32 7.57
N LYS A 116 -31.23 13.17 7.38
CA LYS A 116 -32.20 12.95 6.30
C LYS A 116 -33.15 11.89 6.87
N ASP A 117 -34.42 11.92 6.52
CA ASP A 117 -35.31 10.89 7.04
C ASP A 117 -34.84 9.50 6.58
N GLY A 118 -34.93 8.54 7.50
CA GLY A 118 -34.50 7.19 7.20
C GLY A 118 -35.40 6.47 6.22
N VAL A 119 -35.19 5.16 6.10
CA VAL A 119 -35.95 4.32 5.19
C VAL A 119 -37.25 3.71 5.71
N PHE A 120 -37.56 3.90 7.00
CA PHE A 120 -38.77 3.33 7.59
C PHE A 120 -40.03 4.18 7.29
N GLY A 121 -40.26 4.48 6.02
CA GLY A 121 -41.43 5.25 5.64
C GLY A 121 -42.06 4.67 4.40
N GLU A 122 -43.27 5.10 4.05
CA GLU A 122 -43.90 4.56 2.86
C GLU A 122 -43.01 4.82 1.67
N PHE A 123 -42.20 5.87 1.80
CA PHE A 123 -41.26 6.23 0.78
C PHE A 123 -40.09 6.92 1.45
N PHE A 124 -38.99 7.02 0.72
CA PHE A 124 -37.80 7.70 1.21
C PHE A 124 -37.00 8.28 0.07
N HIS A 125 -36.13 9.23 0.40
CA HIS A 125 -35.33 9.92 -0.58
C HIS A 125 -33.84 9.54 -0.65
N VAL A 126 -33.44 9.04 -1.82
CA VAL A 126 -32.07 8.66 -2.07
C VAL A 126 -31.44 9.78 -2.92
N ASN A 127 -30.32 10.35 -2.47
CA ASN A 127 -29.65 11.41 -3.23
C ASN A 127 -28.68 10.86 -4.27
N ASP A 128 -28.64 11.49 -5.43
CA ASP A 128 -27.75 11.08 -6.49
C ASP A 128 -27.94 9.60 -6.74
N ALA A 129 -29.07 9.21 -7.32
CA ALA A 129 -29.37 7.82 -7.57
C ALA A 129 -28.36 7.07 -8.44
N ASP A 130 -27.91 7.67 -9.54
CA ASP A 130 -26.96 6.99 -10.41
C ASP A 130 -25.68 6.66 -9.68
N MET A 131 -25.32 7.47 -8.69
CA MET A 131 -24.12 7.24 -7.88
C MET A 131 -24.36 6.37 -6.63
N ASN A 132 -25.53 6.51 -6.00
CA ASN A 132 -25.80 5.78 -4.77
C ASN A 132 -26.75 4.57 -4.76
N LEU A 133 -27.26 4.15 -5.91
CA LEU A 133 -28.15 2.97 -5.96
C LEU A 133 -27.51 1.86 -6.78
N ALA A 134 -27.90 0.63 -6.47
CA ALA A 134 -27.41 -0.55 -7.16
C ALA A 134 -28.60 -1.43 -7.49
N HIS A 135 -28.61 -2.01 -8.69
CA HIS A 135 -29.70 -2.89 -9.08
C HIS A 135 -29.62 -4.22 -8.32
N LEU A 136 -30.77 -4.74 -7.94
CA LEU A 136 -30.88 -6.01 -7.23
C LEU A 136 -31.26 -7.15 -8.16
N PRO A 137 -30.36 -8.12 -8.38
CA PRO A 137 -30.60 -9.28 -9.23
C PRO A 137 -31.80 -10.04 -8.68
N LYS A 138 -32.71 -10.50 -9.55
CA LYS A 138 -33.90 -11.18 -9.04
C LYS A 138 -33.60 -12.46 -8.28
N GLU A 139 -32.46 -13.09 -8.57
CA GLU A 139 -32.14 -14.32 -7.87
C GLU A 139 -31.75 -14.12 -6.41
N ILE A 140 -31.39 -12.91 -6.00
CA ILE A 140 -31.04 -12.67 -4.60
C ILE A 140 -32.28 -12.29 -3.79
N PRO A 141 -32.64 -13.11 -2.81
CA PRO A 141 -33.80 -12.93 -1.92
C PRO A 141 -33.75 -11.67 -1.05
N LEU A 142 -34.88 -10.98 -0.95
CA LEU A 142 -34.96 -9.75 -0.15
C LEU A 142 -34.33 -9.84 1.22
N GLU A 143 -34.63 -10.91 1.95
CA GLU A 143 -34.08 -11.08 3.30
C GLU A 143 -32.57 -10.90 3.29
N ALA A 144 -31.90 -11.59 2.37
CA ALA A 144 -30.43 -11.51 2.27
C ALA A 144 -29.88 -10.18 1.77
N ALA A 145 -30.46 -9.64 0.71
CA ALA A 145 -30.00 -8.38 0.15
C ALA A 145 -29.95 -7.24 1.16
N VAL A 146 -30.88 -7.23 2.11
CA VAL A 146 -30.94 -6.17 3.13
C VAL A 146 -29.77 -6.22 4.13
N MET A 147 -28.97 -7.27 4.09
CA MET A 147 -27.84 -7.38 4.99
C MET A 147 -26.67 -6.69 4.35
N ILE A 148 -26.85 -6.35 3.08
CA ILE A 148 -25.83 -5.71 2.27
C ILE A 148 -25.63 -4.21 2.54
N PRO A 149 -26.71 -3.43 2.67
CA PRO A 149 -26.61 -1.99 2.92
C PRO A 149 -25.71 -1.54 4.08
N ASP A 150 -25.67 -2.29 5.18
CA ASP A 150 -24.84 -1.92 6.31
C ASP A 150 -24.06 -3.04 6.96
N MET A 151 -24.72 -4.16 7.23
CA MET A 151 -24.04 -5.28 7.90
C MET A 151 -22.87 -5.80 7.15
N MET A 152 -23.05 -6.05 5.87
CA MET A 152 -22.00 -6.62 5.04
C MET A 152 -20.84 -5.68 4.66
N THR A 153 -21.07 -4.40 4.40
CA THR A 153 -19.96 -3.45 4.07
C THR A 153 -19.18 -3.09 5.35
N THR A 154 -19.83 -3.07 6.51
CA THR A 154 -19.13 -2.74 7.77
C THR A 154 -18.24 -3.90 8.17
N GLY A 155 -18.80 -5.10 8.18
CA GLY A 155 -18.01 -6.27 8.50
C GLY A 155 -16.86 -6.44 7.52
N PHE A 156 -17.16 -6.39 6.23
CA PHE A 156 -16.12 -6.52 5.22
C PHE A 156 -15.05 -5.40 5.29
N HIS A 157 -15.45 -4.17 5.59
CA HIS A 157 -14.48 -3.07 5.64
C HIS A 157 -13.69 -3.16 6.94
N GLY A 158 -14.08 -4.12 7.75
CA GLY A 158 -13.29 -4.44 8.94
C GLY A 158 -12.11 -5.29 8.46
N ALA A 159 -12.44 -6.36 7.73
CA ALA A 159 -11.47 -7.29 7.18
C ALA A 159 -10.54 -6.53 6.24
N GLU A 160 -11.10 -5.59 5.50
CA GLU A 160 -10.32 -4.81 4.57
C GLU A 160 -9.29 -3.98 5.30
N LEU A 161 -9.71 -3.27 6.32
CA LEU A 161 -8.81 -2.43 7.10
C LEU A 161 -7.68 -3.15 7.80
N ALA A 162 -7.85 -4.44 8.06
CA ALA A 162 -6.84 -5.22 8.76
C ALA A 162 -5.59 -5.58 7.99
N ASP A 163 -5.65 -5.47 6.67
CA ASP A 163 -4.49 -5.81 5.86
C ASP A 163 -4.14 -7.27 6.10
N ILE A 164 -5.16 -8.12 6.08
CA ILE A 164 -5.01 -9.55 6.29
C ILE A 164 -4.21 -10.17 5.18
N GLU A 165 -3.23 -10.99 5.54
CA GLU A 165 -2.41 -11.69 4.55
C GLU A 165 -2.82 -13.17 4.46
N LEU A 166 -2.49 -13.81 3.33
CA LEU A 166 -2.85 -15.20 3.14
C LEU A 166 -2.37 -16.09 4.27
N GLY A 167 -3.29 -16.85 4.86
CA GLY A 167 -2.96 -17.74 5.95
C GLY A 167 -2.72 -17.08 7.30
N ALA A 168 -2.96 -15.78 7.39
CA ALA A 168 -2.76 -15.06 8.64
C ALA A 168 -3.85 -15.39 9.63
N THR A 169 -3.52 -15.30 10.91
CA THR A 169 -4.47 -15.56 11.98
C THR A 169 -5.14 -14.26 12.38
N VAL A 170 -6.47 -14.24 12.26
CA VAL A 170 -7.24 -13.06 12.58
C VAL A 170 -8.21 -13.29 13.73
N ALA A 171 -8.25 -12.31 14.62
CA ALA A 171 -9.13 -12.36 15.76
C ALA A 171 -10.26 -11.34 15.57
N VAL A 172 -11.49 -11.77 15.81
CA VAL A 172 -12.63 -10.89 15.68
C VAL A 172 -13.28 -10.69 17.04
N LEU A 173 -13.16 -9.48 17.55
CA LEU A 173 -13.72 -9.10 18.84
C LEU A 173 -15.12 -8.54 18.63
N GLY A 174 -16.12 -9.32 19.02
CA GLY A 174 -17.51 -8.93 18.87
C GLY A 174 -18.15 -9.71 17.73
N ILE A 175 -18.95 -10.72 18.05
CA ILE A 175 -19.57 -11.52 17.01
C ILE A 175 -21.03 -11.24 16.75
N GLY A 176 -21.41 -9.97 16.71
CA GLY A 176 -22.81 -9.65 16.44
C GLY A 176 -23.04 -9.78 14.95
N PRO A 177 -24.09 -9.17 14.40
CA PRO A 177 -24.29 -9.30 12.96
C PRO A 177 -23.11 -8.68 12.18
N VAL A 178 -22.58 -7.56 12.67
CA VAL A 178 -21.41 -6.92 12.04
C VAL A 178 -20.18 -7.81 12.20
N GLY A 179 -20.02 -8.37 13.40
CA GLY A 179 -18.89 -9.24 13.65
C GLY A 179 -18.91 -10.48 12.76
N LEU A 180 -20.11 -11.00 12.56
CA LEU A 180 -20.29 -12.17 11.72
C LEU A 180 -19.87 -11.87 10.30
N MET A 181 -20.12 -10.66 9.82
CA MET A 181 -19.68 -10.32 8.49
C MET A 181 -18.20 -9.99 8.45
N ALA A 182 -17.65 -9.62 9.60
CA ALA A 182 -16.23 -9.30 9.69
C ALA A 182 -15.47 -10.63 9.69
N VAL A 183 -16.10 -11.68 10.20
CA VAL A 183 -15.55 -13.01 10.24
C VAL A 183 -15.53 -13.55 8.81
N ALA A 184 -16.62 -13.32 8.09
CA ALA A 184 -16.72 -13.75 6.71
C ALA A 184 -15.72 -12.96 5.85
N GLY A 185 -15.52 -11.70 6.22
CA GLY A 185 -14.58 -10.86 5.49
C GLY A 185 -13.15 -11.31 5.68
N ALA A 186 -12.82 -11.76 6.89
CA ALA A 186 -11.47 -12.26 7.15
C ALA A 186 -11.25 -13.53 6.32
N LYS A 187 -12.31 -14.32 6.15
CA LYS A 187 -12.23 -15.54 5.35
C LYS A 187 -12.12 -15.16 3.87
N LEU A 188 -12.76 -14.06 3.49
CA LEU A 188 -12.71 -13.60 2.11
C LEU A 188 -11.37 -12.95 1.82
N ARG A 189 -10.62 -12.66 2.90
CA ARG A 189 -9.30 -12.11 2.65
C ARG A 189 -8.17 -13.14 2.72
N GLY A 190 -8.52 -14.43 2.76
CA GLY A 190 -7.57 -15.53 2.84
C GLY A 190 -7.08 -15.83 4.25
N ALA A 191 -7.86 -15.42 5.24
CA ALA A 191 -7.46 -15.65 6.61
C ALA A 191 -7.39 -17.15 6.82
N GLY A 192 -6.38 -17.59 7.55
CA GLY A 192 -6.22 -19.00 7.84
C GLY A 192 -7.12 -19.25 9.03
N ARG A 193 -6.54 -19.15 10.22
CA ARG A 193 -7.28 -19.36 11.44
C ARG A 193 -8.03 -18.08 11.79
N ILE A 194 -9.30 -18.22 12.16
CA ILE A 194 -10.10 -17.08 12.55
C ILE A 194 -10.72 -17.31 13.93
N ILE A 195 -10.23 -16.54 14.89
CA ILE A 195 -10.66 -16.64 16.28
C ILE A 195 -11.75 -15.62 16.57
N ALA A 196 -12.98 -16.09 16.71
CA ALA A 196 -14.13 -15.22 16.98
C ALA A 196 -14.38 -15.12 18.49
N VAL A 197 -14.45 -13.90 19.00
CA VAL A 197 -14.67 -13.69 20.41
C VAL A 197 -16.11 -13.27 20.67
N GLY A 198 -16.88 -14.13 21.34
CA GLY A 198 -18.27 -13.82 21.64
C GLY A 198 -18.87 -14.85 22.58
N SER A 199 -20.03 -14.55 23.15
CA SER A 199 -20.66 -15.48 24.10
C SER A 199 -22.10 -15.90 23.80
N ARG A 200 -22.76 -15.26 22.84
CA ARG A 200 -24.14 -15.64 22.51
C ARG A 200 -24.11 -16.92 21.69
N PRO A 201 -24.76 -17.98 22.17
CA PRO A 201 -24.79 -19.25 21.44
C PRO A 201 -25.31 -19.10 20.02
N VAL A 202 -26.26 -18.20 19.83
CA VAL A 202 -26.81 -18.01 18.48
C VAL A 202 -25.79 -17.32 17.57
N CYS A 203 -24.98 -16.45 18.16
CA CYS A 203 -23.94 -15.74 17.42
C CYS A 203 -22.76 -16.66 17.16
N VAL A 204 -22.42 -17.53 18.10
CA VAL A 204 -21.28 -18.43 17.92
C VAL A 204 -21.55 -19.49 16.88
N ASP A 205 -22.80 -19.92 16.80
CA ASP A 205 -23.16 -20.95 15.85
C ASP A 205 -23.09 -20.37 14.42
N ALA A 206 -23.40 -19.08 14.30
CA ALA A 206 -23.34 -18.40 13.02
C ALA A 206 -21.87 -18.14 12.65
N ALA A 207 -21.07 -17.78 13.65
CA ALA A 207 -19.67 -17.51 13.45
C ALA A 207 -18.96 -18.73 12.89
N LYS A 208 -19.28 -19.90 13.41
CA LYS A 208 -18.64 -21.11 12.94
C LYS A 208 -19.06 -21.28 11.50
N TYR A 209 -20.31 -20.97 11.22
CA TYR A 209 -20.82 -21.07 9.87
C TYR A 209 -20.09 -20.17 8.89
N TYR A 210 -19.68 -19.00 9.33
CA TYR A 210 -18.99 -18.08 8.44
C TYR A 210 -17.49 -18.24 8.34
N GLY A 211 -16.92 -19.19 9.09
CA GLY A 211 -15.49 -19.40 9.00
C GLY A 211 -14.69 -19.45 10.30
N ALA A 212 -15.36 -19.17 11.41
CA ALA A 212 -14.69 -19.20 12.68
C ALA A 212 -14.12 -20.59 12.93
N THR A 213 -12.87 -20.64 13.37
CA THR A 213 -12.23 -21.90 13.67
C THR A 213 -12.08 -22.13 15.15
N ASP A 214 -12.10 -21.07 15.94
CA ASP A 214 -11.99 -21.17 17.38
C ASP A 214 -12.97 -20.17 17.98
N ILE A 215 -13.72 -20.56 19.00
CA ILE A 215 -14.63 -19.64 19.64
C ILE A 215 -14.02 -19.36 20.99
N VAL A 216 -14.09 -18.09 21.42
CA VAL A 216 -13.54 -17.68 22.69
C VAL A 216 -14.59 -16.95 23.50
N ASN A 217 -14.99 -17.56 24.62
CA ASN A 217 -15.99 -16.99 25.50
C ASN A 217 -15.25 -16.26 26.63
N TYR A 218 -15.53 -14.98 26.83
CA TYR A 218 -14.84 -14.21 27.87
C TYR A 218 -15.14 -14.76 29.27
N LYS A 219 -16.23 -15.51 29.39
CA LYS A 219 -16.65 -16.10 30.66
C LYS A 219 -15.82 -17.33 31.03
N ASP A 220 -14.61 -17.42 30.49
CA ASP A 220 -13.70 -18.52 30.75
C ASP A 220 -12.36 -17.97 31.20
N GLY A 221 -12.29 -16.65 31.27
CA GLY A 221 -11.06 -15.98 31.67
C GLY A 221 -10.72 -14.89 30.69
N PRO A 222 -9.70 -14.07 30.99
CA PRO A 222 -9.28 -12.98 30.12
C PRO A 222 -9.07 -13.38 28.67
N ILE A 223 -9.60 -12.55 27.77
CA ILE A 223 -9.48 -12.78 26.34
C ILE A 223 -8.01 -12.80 25.86
N GLU A 224 -7.22 -11.84 26.34
CA GLU A 224 -5.82 -11.75 25.95
C GLU A 224 -5.05 -12.97 26.35
N SER A 225 -5.41 -13.53 27.51
CA SER A 225 -4.75 -14.73 28.02
C SER A 225 -5.17 -15.96 27.22
N GLN A 226 -6.44 -16.04 26.83
CA GLN A 226 -6.93 -17.17 26.05
C GLN A 226 -6.36 -17.19 24.63
N ILE A 227 -6.39 -16.04 23.96
CA ILE A 227 -5.85 -15.94 22.61
C ILE A 227 -4.37 -16.26 22.63
N MET A 228 -3.66 -15.74 23.62
CA MET A 228 -2.22 -16.00 23.71
C MET A 228 -1.92 -17.49 23.81
N ASN A 229 -2.73 -18.24 24.58
CA ASN A 229 -2.50 -19.66 24.69
C ASN A 229 -2.80 -20.35 23.36
N LEU A 230 -3.94 -20.02 22.77
CA LEU A 230 -4.32 -20.60 21.52
C LEU A 230 -3.26 -20.44 20.44
N THR A 231 -2.50 -19.36 20.51
CA THR A 231 -1.49 -19.10 19.51
C THR A 231 -0.06 -19.33 19.99
N GLU A 232 0.11 -20.19 20.99
CA GLU A 232 1.43 -20.46 21.56
C GLU A 232 2.14 -19.16 21.85
N GLY A 233 1.41 -18.21 22.42
CA GLY A 233 1.99 -16.92 22.76
C GLY A 233 2.52 -16.12 21.59
N LYS A 234 2.01 -16.38 20.38
CA LYS A 234 2.48 -15.64 19.22
C LYS A 234 1.58 -14.45 18.96
N GLY A 235 0.32 -14.55 19.35
CA GLY A 235 -0.58 -13.46 19.12
C GLY A 235 -1.23 -13.65 17.76
N VAL A 236 -2.07 -12.71 17.34
CA VAL A 236 -2.78 -12.79 16.07
C VAL A 236 -2.14 -11.82 15.11
N ASP A 237 -2.35 -12.02 13.80
CA ASP A 237 -1.79 -11.11 12.80
C ASP A 237 -2.64 -9.88 12.64
N ALA A 238 -3.89 -9.97 13.06
CA ALA A 238 -4.79 -8.83 13.00
C ALA A 238 -5.96 -9.03 13.94
N ALA A 239 -6.57 -7.92 14.36
CA ALA A 239 -7.71 -7.98 15.25
C ALA A 239 -8.74 -7.02 14.71
N ILE A 240 -9.92 -7.54 14.40
CA ILE A 240 -11.01 -6.70 13.90
C ILE A 240 -11.99 -6.45 15.05
N ILE A 241 -12.20 -5.18 15.42
CA ILE A 241 -13.14 -4.89 16.48
C ILE A 241 -14.50 -4.64 15.86
N ALA A 242 -15.49 -5.45 16.25
CA ALA A 242 -16.84 -5.29 15.72
C ALA A 242 -17.84 -4.96 16.82
N GLY A 243 -17.35 -4.76 18.05
CA GLY A 243 -18.24 -4.45 19.15
C GLY A 243 -17.56 -4.44 20.49
N GLY A 244 -18.29 -4.06 21.52
CA GLY A 244 -17.74 -4.00 22.87
C GLY A 244 -17.63 -2.52 23.26
N ASN A 245 -17.03 -2.19 24.41
CA ASN A 245 -16.88 -0.76 24.76
C ASN A 245 -15.39 -0.44 24.81
N ALA A 246 -15.07 0.85 24.93
CA ALA A 246 -13.71 1.38 24.99
C ALA A 246 -12.62 0.35 25.26
N ASP A 247 -12.81 -0.43 26.33
CA ASP A 247 -11.88 -1.46 26.78
C ASP A 247 -11.37 -2.36 25.69
N ILE A 248 -12.32 -2.78 24.87
CA ILE A 248 -12.05 -3.70 23.81
C ILE A 248 -10.83 -3.29 22.97
N MET A 249 -10.50 -2.00 22.98
CA MET A 249 -9.36 -1.49 22.24
C MET A 249 -8.05 -2.00 22.85
N ALA A 250 -8.01 -2.04 24.19
CA ALA A 250 -6.82 -2.50 24.90
C ALA A 250 -6.59 -3.96 24.60
N THR A 251 -7.67 -4.74 24.63
CA THR A 251 -7.62 -6.17 24.36
C THR A 251 -6.96 -6.38 23.01
N ALA A 252 -7.45 -5.62 22.04
CA ALA A 252 -6.97 -5.68 20.67
C ALA A 252 -5.45 -5.54 20.61
N VAL A 253 -4.98 -4.39 21.08
CA VAL A 253 -3.55 -4.09 21.08
C VAL A 253 -2.70 -5.19 21.76
N LYS A 254 -3.24 -5.78 22.83
CA LYS A 254 -2.54 -6.83 23.57
C LYS A 254 -2.45 -8.16 22.84
N ILE A 255 -3.45 -8.50 22.02
CA ILE A 255 -3.37 -9.78 21.32
C ILE A 255 -2.72 -9.71 19.94
N VAL A 256 -2.45 -8.50 19.46
CA VAL A 256 -1.84 -8.35 18.14
C VAL A 256 -0.32 -8.29 18.18
N LYS A 257 0.32 -9.11 17.35
CA LYS A 257 1.78 -9.19 17.22
C LYS A 257 2.34 -7.85 16.78
N PRO A 258 3.64 -7.63 17.01
CA PRO A 258 4.30 -6.39 16.63
C PRO A 258 4.28 -6.36 15.10
N GLY A 259 3.75 -5.28 14.54
CA GLY A 259 3.65 -5.18 13.09
C GLY A 259 2.27 -5.60 12.66
N GLY A 260 1.43 -5.96 13.62
CA GLY A 260 0.08 -6.37 13.30
C GLY A 260 -0.86 -5.19 13.17
N THR A 261 -2.06 -5.44 12.66
CA THR A 261 -3.04 -4.39 12.50
C THR A 261 -4.30 -4.64 13.31
N ILE A 262 -4.85 -3.55 13.84
CA ILE A 262 -6.08 -3.60 14.61
C ILE A 262 -7.05 -2.72 13.83
N ALA A 263 -8.03 -3.36 13.18
CA ALA A 263 -9.04 -2.65 12.39
C ALA A 263 -10.33 -2.54 13.18
N ASN A 264 -10.88 -1.34 13.26
CA ASN A 264 -12.10 -1.14 14.01
C ASN A 264 -13.26 -0.63 13.18
N VAL A 265 -14.43 -1.23 13.33
CA VAL A 265 -15.60 -0.79 12.61
C VAL A 265 -16.75 -0.67 13.58
N ASN A 266 -16.42 -0.75 14.87
CA ASN A 266 -17.41 -0.65 15.93
C ASN A 266 -17.70 0.80 16.27
N TYR A 267 -18.94 1.08 16.69
CA TYR A 267 -19.31 2.44 17.04
C TYR A 267 -19.30 2.66 18.56
N PHE A 268 -18.21 3.19 19.09
CA PHE A 268 -18.12 3.44 20.53
C PHE A 268 -18.94 4.67 20.89
N GLY A 269 -19.77 4.55 21.92
CA GLY A 269 -20.60 5.68 22.33
C GLY A 269 -20.32 6.20 23.73
N GLU A 270 -19.67 5.36 24.55
CA GLU A 270 -19.37 5.72 25.93
C GLU A 270 -18.00 6.36 26.11
N GLY A 271 -17.84 7.07 27.23
CA GLY A 271 -16.57 7.71 27.56
C GLY A 271 -16.15 8.76 26.57
N GLU A 272 -14.88 9.16 26.64
CA GLU A 272 -14.35 10.16 25.72
C GLU A 272 -12.90 9.84 25.34
N VAL A 273 -12.43 8.68 25.77
CA VAL A 273 -11.08 8.23 25.46
C VAL A 273 -11.07 6.72 25.28
N LEU A 274 -10.53 6.27 24.15
CA LEU A 274 -10.42 4.86 23.86
C LEU A 274 -9.03 4.49 24.32
N PRO A 275 -8.91 3.52 25.25
CA PRO A 275 -7.65 3.03 25.82
C PRO A 275 -6.69 2.39 24.84
N VAL A 276 -5.44 2.87 24.87
CA VAL A 276 -4.38 2.32 24.04
C VAL A 276 -3.23 2.07 25.00
N PRO A 277 -3.09 0.83 25.49
CA PRO A 277 -2.03 0.43 26.41
C PRO A 277 -0.63 0.70 25.87
N ARG A 278 0.11 1.56 26.55
CA ARG A 278 1.46 1.93 26.12
C ARG A 278 2.52 0.86 26.27
N LEU A 279 2.30 -0.06 27.20
CA LEU A 279 3.26 -1.12 27.42
C LEU A 279 3.20 -2.10 26.24
N GLU A 280 2.01 -2.65 25.98
CA GLU A 280 1.84 -3.60 24.89
C GLU A 280 1.79 -2.94 23.52
N TRP A 281 1.84 -1.61 23.50
CA TRP A 281 1.82 -0.91 22.21
C TRP A 281 3.26 -0.48 21.96
N GLY A 282 4.18 -1.26 22.53
CA GLY A 282 5.60 -1.02 22.38
C GLY A 282 6.02 0.37 22.78
N CYS A 283 5.33 0.93 23.78
CA CYS A 283 5.62 2.28 24.27
C CYS A 283 5.51 3.24 23.08
N GLY A 284 4.69 2.82 22.12
CA GLY A 284 4.47 3.58 20.90
C GLY A 284 5.44 3.20 19.80
N MET A 285 5.90 1.97 19.78
CA MET A 285 6.86 1.55 18.78
C MET A 285 6.71 0.12 18.26
N ALA A 286 5.67 -0.59 18.69
CA ALA A 286 5.43 -1.98 18.28
C ALA A 286 4.81 -2.15 16.93
N HIS A 287 4.80 -1.06 16.15
CA HIS A 287 4.27 -1.15 14.82
C HIS A 287 2.89 -1.82 14.75
N LYS A 288 2.06 -1.55 15.75
CA LYS A 288 0.71 -2.09 15.78
C LYS A 288 -0.26 -1.02 15.29
N THR A 289 -0.41 -0.93 13.97
CA THR A 289 -1.32 0.03 13.35
C THR A 289 -2.77 -0.13 13.81
N ILE A 290 -3.40 0.99 14.16
CA ILE A 290 -4.79 1.00 14.58
C ILE A 290 -5.62 1.74 13.54
N LYS A 291 -6.63 1.06 12.99
CA LYS A 291 -7.52 1.65 11.98
C LYS A 291 -8.97 1.66 12.49
N GLY A 292 -9.76 2.59 11.98
CA GLY A 292 -11.13 2.70 12.39
C GLY A 292 -11.88 3.60 11.43
N GLY A 293 -12.77 3.01 10.64
CA GLY A 293 -13.54 3.78 9.70
C GLY A 293 -14.98 3.36 9.46
N LEU A 294 -15.78 4.31 9.02
CA LEU A 294 -17.19 4.08 8.70
C LEU A 294 -17.23 3.24 7.44
N CYS A 295 -18.22 2.37 7.31
CA CYS A 295 -18.32 1.50 6.14
C CYS A 295 -18.62 2.34 4.87
N PRO A 296 -18.10 1.89 3.78
CA PRO A 296 -18.24 2.51 2.48
C PRO A 296 -19.61 2.33 1.99
N GLY A 297 -20.03 3.34 1.19
CA GLY A 297 -21.34 3.17 0.68
C GLY A 297 -21.24 3.47 -0.78
N GLY A 298 -22.36 3.80 -1.40
CA GLY A 298 -22.32 4.11 -2.81
C GLY A 298 -22.61 2.90 -3.67
N ARG A 299 -22.94 3.15 -4.91
CA ARG A 299 -23.28 2.12 -5.89
C ARG A 299 -22.26 1.00 -6.07
N LEU A 300 -21.03 1.38 -6.40
CA LEU A 300 -19.98 0.39 -6.64
C LEU A 300 -19.83 -0.55 -5.46
N ARG A 301 -19.73 0.04 -4.26
CA ARG A 301 -19.62 -0.79 -3.08
C ARG A 301 -20.75 -1.78 -3.05
N MET A 302 -21.96 -1.32 -3.27
CA MET A 302 -23.11 -2.19 -3.24
C MET A 302 -23.06 -3.27 -4.32
N GLU A 303 -22.66 -2.89 -5.53
CA GLU A 303 -22.56 -3.82 -6.64
C GLU A 303 -21.53 -4.90 -6.36
N ARG A 304 -20.42 -4.49 -5.73
CA ARG A 304 -19.36 -5.43 -5.39
C ARG A 304 -19.92 -6.54 -4.53
N LEU A 305 -20.49 -6.16 -3.39
CA LEU A 305 -21.04 -7.12 -2.46
C LEU A 305 -22.14 -7.96 -3.08
N ILE A 306 -22.94 -7.32 -3.94
CA ILE A 306 -24.04 -8.02 -4.63
C ILE A 306 -23.52 -9.19 -5.46
N ASP A 307 -22.34 -9.04 -6.05
CA ASP A 307 -21.75 -10.11 -6.84
C ASP A 307 -21.27 -11.19 -5.88
N LEU A 308 -20.72 -10.77 -4.74
CA LEU A 308 -20.24 -11.73 -3.75
C LEU A 308 -21.35 -12.66 -3.35
N VAL A 309 -22.57 -12.14 -3.28
CA VAL A 309 -23.71 -12.97 -2.92
C VAL A 309 -24.20 -13.77 -4.14
N PHE A 310 -24.25 -13.11 -5.30
CA PHE A 310 -24.69 -13.73 -6.55
C PHE A 310 -23.84 -14.95 -6.95
N TYR A 311 -22.54 -14.91 -6.63
CA TYR A 311 -21.66 -16.02 -6.98
C TYR A 311 -21.37 -16.92 -5.81
N LYS A 312 -22.34 -17.03 -4.91
CA LYS A 312 -22.26 -17.85 -3.70
C LYS A 312 -20.93 -17.74 -2.94
N ARG A 313 -20.35 -16.55 -2.94
CA ARG A 313 -19.10 -16.30 -2.25
C ARG A 313 -19.42 -16.20 -0.74
N VAL A 314 -20.61 -15.69 -0.40
CA VAL A 314 -21.06 -15.56 0.99
C VAL A 314 -22.57 -15.47 1.02
N ASP A 315 -23.19 -15.97 2.08
CA ASP A 315 -24.63 -15.91 2.19
C ASP A 315 -25.07 -15.29 3.51
N PRO A 316 -25.57 -14.04 3.46
CA PRO A 316 -26.04 -13.25 4.60
C PRO A 316 -27.35 -13.77 5.20
N SER A 317 -27.91 -14.81 4.59
CA SER A 317 -29.16 -15.43 5.05
C SER A 317 -29.11 -15.77 6.54
N LYS A 318 -28.00 -16.35 6.98
CA LYS A 318 -27.83 -16.74 8.37
C LYS A 318 -27.90 -15.61 9.40
N LEU A 319 -27.75 -14.38 8.95
CA LEU A 319 -27.82 -13.24 9.84
C LEU A 319 -29.27 -12.92 10.23
N VAL A 320 -30.20 -13.23 9.33
CA VAL A 320 -31.62 -12.99 9.55
C VAL A 320 -32.19 -14.16 10.34
N THR A 321 -32.73 -13.81 11.51
CA THR A 321 -33.26 -14.82 12.38
C THR A 321 -34.77 -14.63 12.54
N HIS A 322 -35.22 -13.41 12.30
CA HIS A 322 -36.63 -13.09 12.32
C HIS A 322 -37.11 -12.41 11.01
N VAL A 323 -38.32 -12.72 10.57
CA VAL A 323 -38.90 -12.08 9.37
C VAL A 323 -40.37 -11.75 9.67
N PHE A 324 -40.78 -10.51 9.39
CA PHE A 324 -42.15 -10.06 9.63
C PHE A 324 -42.70 -9.44 8.34
N ARG A 325 -44.00 -9.12 8.31
CA ARG A 325 -44.62 -8.49 7.13
C ARG A 325 -45.33 -7.17 7.44
N GLY A 326 -45.38 -6.28 6.46
CA GLY A 326 -46.06 -5.00 6.63
C GLY A 326 -45.43 -3.96 7.54
N PHE A 327 -45.66 -2.70 7.20
CA PHE A 327 -45.11 -1.60 7.97
C PHE A 327 -45.32 -1.73 9.46
N ASP A 328 -46.54 -2.06 9.86
CA ASP A 328 -46.85 -2.21 11.28
C ASP A 328 -45.76 -2.92 12.05
N ASN A 329 -45.13 -3.91 11.40
CA ASN A 329 -44.07 -4.69 12.03
C ASN A 329 -42.72 -4.01 12.10
N ILE A 330 -42.57 -2.88 11.43
CA ILE A 330 -41.31 -2.14 11.48
C ILE A 330 -41.10 -1.72 12.93
N GLU A 331 -42.20 -1.48 13.64
CA GLU A 331 -42.14 -1.10 15.05
C GLU A 331 -41.83 -2.30 15.94
N LYS A 332 -42.45 -3.44 15.66
CA LYS A 332 -42.20 -4.64 16.45
C LYS A 332 -40.75 -5.06 16.28
N ALA A 333 -40.28 -5.04 15.03
CA ALA A 333 -38.90 -5.40 14.72
C ALA A 333 -37.92 -4.47 15.39
N PHE A 334 -38.26 -3.18 15.42
CA PHE A 334 -37.43 -2.16 16.03
C PHE A 334 -37.18 -2.45 17.50
N MET A 335 -38.25 -2.58 18.28
CA MET A 335 -38.11 -2.87 19.70
C MET A 335 -37.31 -4.14 19.91
N LEU A 336 -37.56 -5.14 19.06
CA LEU A 336 -36.87 -6.41 19.16
C LEU A 336 -35.35 -6.17 19.21
N MET A 337 -34.91 -5.05 18.64
CA MET A 337 -33.49 -4.68 18.60
C MET A 337 -32.99 -4.08 19.90
N LYS A 338 -33.91 -3.51 20.65
CA LYS A 338 -33.57 -2.88 21.93
C LYS A 338 -33.34 -3.93 23.00
N ASP A 339 -34.11 -5.01 22.95
CA ASP A 339 -33.99 -6.09 23.93
C ASP A 339 -33.63 -7.39 23.23
N LYS A 340 -32.40 -7.49 22.78
CA LYS A 340 -31.97 -8.68 22.04
C LYS A 340 -32.24 -10.06 22.65
N PRO A 341 -33.28 -10.75 22.14
CA PRO A 341 -33.61 -12.08 22.65
C PRO A 341 -32.38 -12.93 22.37
N LYS A 342 -32.23 -14.04 23.09
CA LYS A 342 -31.06 -14.88 22.89
C LYS A 342 -31.05 -15.56 21.53
N ASP A 343 -32.15 -15.43 20.80
CA ASP A 343 -32.27 -16.07 19.48
C ASP A 343 -32.21 -15.07 18.35
N LEU A 344 -32.04 -13.80 18.70
CA LEU A 344 -31.97 -12.73 17.73
C LEU A 344 -30.59 -12.25 17.28
N ILE A 345 -30.45 -12.03 15.99
CA ILE A 345 -29.22 -11.50 15.42
C ILE A 345 -29.66 -10.26 14.64
N LYS A 346 -30.44 -10.50 13.59
CA LYS A 346 -30.93 -9.41 12.75
C LYS A 346 -32.35 -9.69 12.23
N PRO A 347 -33.33 -8.86 12.63
CA PRO A 347 -34.70 -9.04 12.17
C PRO A 347 -34.93 -8.29 10.84
N VAL A 348 -35.86 -8.76 10.03
CA VAL A 348 -36.15 -8.05 8.78
C VAL A 348 -37.65 -8.14 8.53
N VAL A 349 -38.19 -7.08 8.02
CA VAL A 349 -39.61 -7.04 7.70
C VAL A 349 -39.79 -6.89 6.19
N ILE A 350 -40.22 -7.99 5.55
CA ILE A 350 -40.58 -7.94 4.11
C ILE A 350 -41.70 -6.90 4.07
N LEU A 351 -41.78 -6.08 3.05
CA LEU A 351 -42.85 -5.01 3.00
C LEU A 351 -43.71 -5.33 1.79
N ALA A 352 -44.58 -6.25 1.82
CA ALA A 352 -44.98 -6.88 0.50
C ALA A 352 -45.60 -6.21 -0.73
N MET B 1 38.33 -3.32 30.28
CA MET B 1 37.81 -2.47 29.24
C MET B 1 37.10 -1.39 30.07
N LYS B 2 37.31 -0.13 29.71
CA LYS B 2 36.70 0.99 30.44
C LYS B 2 35.36 1.38 29.78
N GLY B 3 34.33 1.68 30.57
CA GLY B 3 33.06 2.04 29.96
C GLY B 3 32.04 2.70 30.87
N PHE B 4 31.43 3.79 30.40
CA PHE B 4 30.42 4.53 31.17
C PHE B 4 29.12 3.73 31.12
N ALA B 5 28.64 3.29 32.29
CA ALA B 5 27.43 2.48 32.32
C ALA B 5 26.40 2.75 33.42
N MET B 6 25.30 2.01 33.33
CA MET B 6 24.21 2.11 34.30
C MET B 6 24.46 1.08 35.41
N LEU B 7 24.76 1.57 36.61
CA LEU B 7 25.05 0.70 37.74
C LEU B 7 23.78 0.04 38.19
N SER B 8 22.72 0.84 38.22
CA SER B 8 21.38 0.41 38.62
C SER B 8 20.54 1.65 38.44
N ILE B 9 19.22 1.50 38.48
CA ILE B 9 18.37 2.67 38.29
C ILE B 9 18.84 3.86 39.14
N GLY B 10 18.89 5.02 38.50
CA GLY B 10 19.30 6.23 39.19
C GLY B 10 20.78 6.39 39.44
N LYS B 11 21.58 5.38 39.08
CA LYS B 11 23.01 5.48 39.33
C LYS B 11 23.82 5.11 38.10
N VAL B 12 24.83 5.92 37.80
CA VAL B 12 25.70 5.67 36.67
C VAL B 12 27.14 5.96 37.07
N GLY B 13 28.09 5.52 36.22
CA GLY B 13 29.48 5.76 36.50
C GLY B 13 30.30 4.80 35.68
N TRP B 14 31.57 5.13 35.43
CA TRP B 14 32.41 4.24 34.65
C TRP B 14 32.60 2.90 35.36
N ILE B 15 32.76 1.84 34.57
CA ILE B 15 33.00 0.52 35.12
C ILE B 15 33.94 -0.17 34.16
N GLU B 16 34.34 -1.38 34.54
CA GLU B 16 35.24 -2.16 33.68
C GLU B 16 34.64 -3.52 33.43
N LYS B 17 34.72 -3.93 32.18
CA LYS B 17 34.24 -5.22 31.72
C LYS B 17 35.27 -5.74 30.74
N GLU B 18 35.18 -7.03 30.44
CA GLU B 18 36.14 -7.63 29.53
C GLU B 18 35.75 -7.29 28.11
N LYS B 19 36.76 -6.95 27.32
CA LYS B 19 36.59 -6.60 25.91
C LYS B 19 35.83 -7.76 25.29
N PRO B 20 34.73 -7.46 24.59
CA PRO B 20 33.88 -8.46 23.94
C PRO B 20 34.59 -9.24 22.83
N ALA B 21 34.19 -10.51 22.68
CA ALA B 21 34.77 -11.38 21.68
C ALA B 21 33.77 -11.60 20.53
N PRO B 22 34.22 -11.34 19.30
CA PRO B 22 33.36 -11.52 18.13
C PRO B 22 33.06 -12.99 17.84
N GLY B 23 31.80 -13.28 17.52
CA GLY B 23 31.44 -14.63 17.18
C GLY B 23 31.84 -14.78 15.73
N PRO B 24 31.55 -15.91 15.09
CA PRO B 24 31.93 -16.06 13.68
C PRO B 24 31.41 -14.98 12.73
N PHE B 25 30.24 -14.41 13.01
CA PHE B 25 29.67 -13.38 12.13
C PHE B 25 29.65 -11.94 12.73
N ASP B 26 30.26 -11.75 13.88
CA ASP B 26 30.24 -10.43 14.53
C ASP B 26 31.49 -9.59 14.33
N ALA B 27 31.44 -8.39 14.87
CA ALA B 27 32.57 -7.47 14.79
C ALA B 27 32.68 -6.65 16.08
N ILE B 28 33.91 -6.30 16.44
CA ILE B 28 34.15 -5.49 17.63
C ILE B 28 34.56 -4.15 17.04
N VAL B 29 33.88 -3.10 17.49
CA VAL B 29 34.14 -1.75 17.00
C VAL B 29 34.63 -0.87 18.13
N ARG B 30 35.55 0.03 17.77
CA ARG B 30 36.14 1.00 18.67
C ARG B 30 35.45 2.29 18.26
N PRO B 31 34.78 2.97 19.21
CA PRO B 31 34.06 4.22 18.96
C PRO B 31 34.94 5.40 18.51
N LEU B 32 34.44 6.18 17.55
CA LEU B 32 35.16 7.37 17.07
C LEU B 32 34.39 8.60 17.47
N ALA B 33 33.08 8.44 17.63
CA ALA B 33 32.19 9.52 18.03
C ALA B 33 30.89 8.87 18.49
N VAL B 34 30.30 9.44 19.53
CA VAL B 34 29.07 8.90 20.04
C VAL B 34 28.24 10.03 20.57
N ALA B 35 27.00 9.72 20.97
CA ALA B 35 26.11 10.72 21.49
C ALA B 35 25.09 10.12 22.43
N PRO B 36 24.70 10.88 23.47
CA PRO B 36 23.73 10.48 24.48
C PRO B 36 22.31 10.58 23.91
N CYS B 37 21.38 9.80 24.45
CA CYS B 37 19.99 9.82 23.99
C CYS B 37 19.12 10.12 25.19
N THR B 38 18.05 10.88 24.96
CA THR B 38 17.15 11.21 26.06
C THR B 38 16.69 9.89 26.70
N SER B 39 16.63 8.85 25.87
CA SER B 39 16.21 7.51 26.32
C SER B 39 17.14 6.91 27.37
N ASP B 40 18.45 7.04 27.19
CA ASP B 40 19.36 6.51 28.20
C ASP B 40 18.98 7.15 29.53
N ILE B 41 18.65 8.45 29.48
CA ILE B 41 18.27 9.19 30.68
C ILE B 41 17.09 8.47 31.33
N HIS B 42 16.04 8.25 30.54
CA HIS B 42 14.86 7.56 31.05
C HIS B 42 15.25 6.17 31.58
N THR B 43 15.94 5.41 30.74
CA THR B 43 16.38 4.08 31.09
C THR B 43 17.15 4.03 32.41
N VAL B 44 17.85 5.11 32.73
CA VAL B 44 18.64 5.16 33.96
C VAL B 44 17.91 5.82 35.15
N PHE B 45 17.46 7.05 34.97
CA PHE B 45 16.78 7.76 36.04
C PHE B 45 15.25 7.63 36.10
N GLU B 46 14.71 6.66 35.34
CA GLU B 46 13.26 6.44 35.33
C GLU B 46 12.94 4.97 34.95
N GLY B 47 13.97 4.12 35.04
CA GLY B 47 13.82 2.70 34.72
C GLY B 47 12.77 2.38 33.66
N ALA B 48 12.70 3.18 32.61
CA ALA B 48 11.72 2.99 31.54
C ALA B 48 11.74 1.60 30.89
N ILE B 49 12.83 0.84 31.07
CA ILE B 49 12.89 -0.51 30.51
C ILE B 49 13.28 -1.55 31.55
N GLY B 50 13.04 -1.24 32.82
CA GLY B 50 13.37 -2.18 33.88
C GLY B 50 14.71 -1.97 34.54
N GLU B 51 14.94 -2.71 35.61
CA GLU B 51 16.18 -2.62 36.36
C GLU B 51 17.31 -3.22 35.52
N ARG B 52 18.50 -2.67 35.66
CA ARG B 52 19.66 -3.16 34.93
C ARG B 52 20.90 -2.93 35.79
N HIS B 53 21.83 -3.87 35.75
CA HIS B 53 23.06 -3.74 36.53
C HIS B 53 24.31 -3.73 35.64
N ASN B 54 25.10 -2.68 35.76
CA ASN B 54 26.32 -2.58 34.99
C ASN B 54 26.14 -2.80 33.48
N MET B 55 25.22 -2.05 32.89
CA MET B 55 24.96 -2.12 31.44
C MET B 55 25.55 -0.90 30.79
N ILE B 56 26.59 -1.08 29.98
CA ILE B 56 27.21 0.05 29.29
C ILE B 56 26.14 0.76 28.44
N LEU B 57 25.99 2.08 28.61
CA LEU B 57 24.98 2.83 27.90
C LEU B 57 25.34 3.32 26.51
N GLY B 58 24.36 3.98 25.88
CA GLY B 58 24.52 4.54 24.56
C GLY B 58 24.18 3.60 23.43
N HIS B 59 23.69 4.17 22.33
CA HIS B 59 23.32 3.36 21.18
C HIS B 59 23.54 4.08 19.85
N GLU B 60 24.07 5.30 19.91
CA GLU B 60 24.31 6.11 18.73
C GLU B 60 25.80 6.30 18.57
N ALA B 61 26.42 5.48 17.73
CA ALA B 61 27.85 5.61 17.55
C ALA B 61 28.38 5.42 16.15
N VAL B 62 29.53 6.04 15.91
CA VAL B 62 30.24 5.92 14.65
C VAL B 62 31.58 5.40 15.13
N GLY B 63 32.06 4.33 14.51
CA GLY B 63 33.34 3.78 14.97
C GLY B 63 34.28 3.17 13.95
N GLU B 64 35.27 2.44 14.48
CA GLU B 64 36.27 1.77 13.67
C GLU B 64 36.30 0.29 14.00
N VAL B 65 36.14 -0.51 12.97
CA VAL B 65 36.17 -1.96 13.15
C VAL B 65 37.56 -2.31 13.62
N VAL B 66 37.64 -2.95 14.78
CA VAL B 66 38.95 -3.33 15.32
C VAL B 66 39.18 -4.83 15.21
N GLU B 67 38.10 -5.59 15.07
CA GLU B 67 38.22 -7.04 14.95
C GLU B 67 36.92 -7.63 14.43
N VAL B 68 37.02 -8.49 13.42
CA VAL B 68 35.85 -9.12 12.85
C VAL B 68 35.86 -10.61 13.05
N GLY B 69 34.71 -11.24 12.83
CA GLY B 69 34.60 -12.68 12.99
C GLY B 69 35.23 -13.38 11.82
N SER B 70 35.30 -14.70 11.88
CA SER B 70 35.91 -15.47 10.80
C SER B 70 34.97 -15.52 9.60
N GLU B 71 33.68 -15.28 9.85
CA GLU B 71 32.69 -15.32 8.80
C GLU B 71 32.33 -13.97 8.17
N VAL B 72 32.69 -12.89 8.86
CA VAL B 72 32.44 -11.55 8.36
C VAL B 72 33.19 -11.40 7.04
N LYS B 73 32.56 -10.78 6.03
CA LYS B 73 33.20 -10.64 4.73
C LYS B 73 33.28 -9.22 4.17
N ASP B 74 32.39 -8.35 4.63
CA ASP B 74 32.34 -6.96 4.15
C ASP B 74 33.01 -5.95 5.07
N PHE B 75 33.56 -6.41 6.17
CA PHE B 75 34.19 -5.50 7.12
C PHE B 75 35.49 -6.05 7.66
N LYS B 76 36.49 -5.19 7.73
CA LYS B 76 37.82 -5.55 8.22
C LYS B 76 38.29 -4.54 9.25
N PRO B 77 39.28 -4.91 10.06
CA PRO B 77 39.76 -3.96 11.05
C PRO B 77 40.26 -2.71 10.32
N GLY B 78 40.00 -1.55 10.92
CA GLY B 78 40.44 -0.31 10.32
C GLY B 78 39.31 0.43 9.63
N ASP B 79 38.31 -0.31 9.15
CA ASP B 79 37.17 0.30 8.45
C ASP B 79 36.36 1.26 9.32
N ARG B 80 35.97 2.38 8.73
CA ARG B 80 35.13 3.34 9.44
C ARG B 80 33.67 3.05 9.10
N VAL B 81 32.87 2.74 10.12
CA VAL B 81 31.47 2.41 9.90
C VAL B 81 30.47 3.19 10.76
N VAL B 82 29.22 3.23 10.31
CA VAL B 82 28.17 3.89 11.06
C VAL B 82 27.42 2.70 11.66
N VAL B 83 27.19 2.72 12.96
CA VAL B 83 26.52 1.63 13.64
C VAL B 83 25.09 2.01 14.10
N PRO B 84 24.08 1.44 13.45
CA PRO B 84 22.68 1.70 13.75
C PRO B 84 22.22 1.29 15.16
N ALA B 85 21.38 2.12 15.78
CA ALA B 85 20.86 1.87 17.11
C ALA B 85 20.23 0.49 17.08
N ILE B 86 19.44 0.21 16.05
CA ILE B 86 18.82 -1.09 15.93
C ILE B 86 19.77 -2.02 15.19
N THR B 87 20.11 -3.13 15.84
CA THR B 87 21.02 -4.13 15.30
C THR B 87 20.40 -5.48 15.57
N PRO B 88 19.38 -5.86 14.78
CA PRO B 88 18.64 -7.12 14.90
C PRO B 88 19.35 -8.42 14.52
N ASP B 89 18.65 -9.52 14.74
CA ASP B 89 19.12 -10.84 14.36
C ASP B 89 18.29 -11.18 13.13
N TRP B 90 18.86 -10.97 11.96
CA TRP B 90 18.16 -11.19 10.70
C TRP B 90 17.59 -12.55 10.38
N ARG B 91 17.79 -13.54 11.24
CA ARG B 91 17.24 -14.87 10.98
C ARG B 91 16.19 -15.22 12.01
N THR B 92 15.06 -14.53 11.93
CA THR B 92 13.93 -14.76 12.83
C THR B 92 12.63 -14.68 11.99
N SER B 93 11.51 -15.00 12.62
CA SER B 93 10.21 -14.97 11.94
C SER B 93 9.80 -13.55 11.57
N GLU B 94 9.84 -12.67 12.56
CA GLU B 94 9.46 -11.28 12.36
C GLU B 94 10.19 -10.66 11.17
N VAL B 95 11.39 -11.15 10.85
CA VAL B 95 12.15 -10.62 9.71
C VAL B 95 11.52 -11.05 8.39
N GLN B 96 10.81 -12.18 8.41
CA GLN B 96 10.13 -12.68 7.24
C GLN B 96 8.77 -11.99 7.11
N ARG B 97 8.32 -11.38 8.21
CA ARG B 97 7.06 -10.64 8.19
C ARG B 97 7.39 -9.18 7.90
N GLY B 98 8.67 -8.89 7.74
CA GLY B 98 9.10 -7.55 7.41
C GLY B 98 9.26 -6.54 8.53
N TYR B 99 9.39 -7.03 9.76
CA TYR B 99 9.58 -6.12 10.90
C TYR B 99 10.82 -6.53 11.68
N HIS B 100 11.99 -6.22 11.14
CA HIS B 100 13.23 -6.56 11.80
C HIS B 100 13.32 -5.79 13.13
N GLN B 101 12.62 -4.69 13.27
CA GLN B 101 12.68 -3.90 14.52
C GLN B 101 12.26 -4.75 15.66
N HIS B 102 11.47 -5.78 15.33
CA HIS B 102 11.00 -6.63 16.35
C HIS B 102 11.51 -8.04 16.19
N SER B 103 12.75 -8.17 15.72
CA SER B 103 13.37 -9.47 15.51
C SER B 103 13.66 -10.20 16.82
N GLY B 104 12.86 -11.22 17.11
CA GLY B 104 13.04 -11.98 18.33
C GLY B 104 12.10 -11.51 19.43
N GLY B 105 11.25 -10.54 19.11
CA GLY B 105 10.32 -10.01 20.08
C GLY B 105 10.04 -8.55 19.86
N MET B 106 9.12 -7.98 20.64
CA MET B 106 8.75 -6.58 20.49
C MET B 106 9.93 -5.68 20.85
N LEU B 107 10.28 -4.80 19.91
CA LEU B 107 11.41 -3.85 20.07
C LEU B 107 12.75 -4.58 20.23
N ALA B 108 12.71 -5.91 20.08
CA ALA B 108 13.89 -6.80 20.20
C ALA B 108 15.05 -6.50 19.26
N GLY B 109 14.81 -5.64 18.28
CA GLY B 109 15.85 -5.28 17.34
C GLY B 109 16.79 -4.27 17.96
N TRP B 110 16.29 -3.56 18.96
CA TRP B 110 17.09 -2.57 19.66
C TRP B 110 17.86 -3.27 20.76
N LYS B 111 19.13 -3.57 20.53
CA LYS B 111 19.92 -4.28 21.54
C LYS B 111 20.77 -3.32 22.38
N PHE B 112 21.60 -2.53 21.71
CA PHE B 112 22.47 -1.56 22.38
C PHE B 112 21.80 -0.82 23.54
N SER B 113 22.38 -0.94 24.72
CA SER B 113 21.85 -0.24 25.87
C SER B 113 20.43 -0.71 26.20
N ASN B 114 20.13 -1.96 25.88
CA ASN B 114 18.82 -2.53 26.18
C ASN B 114 18.94 -3.99 26.63
N VAL B 115 19.73 -4.78 25.92
CA VAL B 115 19.91 -6.18 26.27
C VAL B 115 21.32 -6.55 25.92
N LYS B 116 22.10 -5.53 25.56
CA LYS B 116 23.49 -5.70 25.14
C LYS B 116 24.22 -4.48 25.67
N ASP B 117 25.51 -4.57 25.97
CA ASP B 117 26.17 -3.36 26.44
C ASP B 117 26.15 -2.36 25.29
N GLY B 118 25.97 -1.09 25.65
CA GLY B 118 25.92 -0.04 24.65
C GLY B 118 27.22 0.31 23.96
N VAL B 119 27.25 1.48 23.34
CA VAL B 119 28.43 1.94 22.63
C VAL B 119 29.35 2.83 23.45
N PHE B 120 28.94 3.16 24.67
CA PHE B 120 29.76 4.00 25.55
C PHE B 120 30.87 3.21 26.27
N GLY B 121 31.79 2.64 25.49
CA GLY B 121 32.90 1.88 26.05
C GLY B 121 34.11 1.95 25.14
N GLU B 122 35.24 1.38 25.58
CA GLU B 122 36.46 1.41 24.80
C GLU B 122 36.25 0.62 23.52
N PHE B 123 35.36 -0.36 23.63
CA PHE B 123 34.97 -1.19 22.51
C PHE B 123 33.56 -1.65 22.77
N PHE B 124 32.89 -2.07 21.69
CA PHE B 124 31.54 -2.58 21.82
C PHE B 124 31.30 -3.67 20.79
N HIS B 125 30.28 -4.46 21.04
CA HIS B 125 29.96 -5.59 20.19
C HIS B 125 28.81 -5.40 19.21
N VAL B 126 29.10 -5.66 17.95
CA VAL B 126 28.12 -5.55 16.88
C VAL B 126 27.83 -6.93 16.27
N ASN B 127 26.63 -7.43 16.49
CA ASN B 127 26.22 -8.72 15.97
C ASN B 127 25.90 -8.59 14.50
N ASP B 128 26.25 -9.63 13.75
CA ASP B 128 26.04 -9.71 12.31
C ASP B 128 26.57 -8.49 11.55
N ALA B 129 27.90 -8.37 11.57
CA ALA B 129 28.62 -7.28 10.93
C ALA B 129 28.26 -6.96 9.47
N ASP B 130 28.08 -8.00 8.64
CA ASP B 130 27.74 -7.77 7.25
C ASP B 130 26.31 -7.28 7.04
N MET B 131 25.43 -7.58 8.00
CA MET B 131 24.04 -7.16 7.94
C MET B 131 23.76 -5.87 8.69
N ASN B 132 24.47 -5.63 9.79
CA ASN B 132 24.24 -4.46 10.64
C ASN B 132 25.27 -3.35 10.68
N LEU B 133 26.18 -3.29 9.72
CA LEU B 133 27.17 -2.23 9.71
C LEU B 133 27.18 -1.60 8.34
N ALA B 134 27.57 -0.34 8.26
CA ALA B 134 27.64 0.35 6.97
C ALA B 134 28.87 1.24 6.90
N HIS B 135 29.60 1.19 5.80
CA HIS B 135 30.80 2.01 5.61
C HIS B 135 30.52 3.52 5.59
N LEU B 136 31.32 4.26 6.33
CA LEU B 136 31.20 5.72 6.39
C LEU B 136 32.12 6.45 5.42
N PRO B 137 31.55 7.11 4.39
CA PRO B 137 32.33 7.83 3.37
C PRO B 137 33.18 8.89 4.06
N LYS B 138 34.39 9.14 3.57
CA LYS B 138 35.26 10.10 4.23
C LYS B 138 34.76 11.51 4.12
N GLU B 139 33.91 11.79 3.15
CA GLU B 139 33.41 13.14 3.03
C GLU B 139 32.35 13.52 4.06
N ILE B 140 31.91 12.56 4.87
CA ILE B 140 30.91 12.86 5.88
C ILE B 140 31.55 12.97 7.27
N PRO B 141 31.56 14.18 7.85
CA PRO B 141 32.13 14.44 9.18
C PRO B 141 31.52 13.57 10.26
N LEU B 142 32.32 13.22 11.26
CA LEU B 142 31.83 12.41 12.37
C LEU B 142 30.62 13.00 13.08
N GLU B 143 30.69 14.27 13.47
CA GLU B 143 29.58 14.90 14.15
C GLU B 143 28.28 14.59 13.43
N ALA B 144 28.28 14.80 12.11
CA ALA B 144 27.10 14.56 11.31
C ALA B 144 26.70 13.10 11.25
N ALA B 145 27.67 12.22 11.02
CA ALA B 145 27.40 10.79 10.90
C ALA B 145 26.75 10.17 12.13
N VAL B 146 27.10 10.64 13.32
CA VAL B 146 26.54 10.07 14.54
C VAL B 146 25.07 10.40 14.71
N MET B 147 24.55 11.26 13.84
CA MET B 147 23.16 11.67 13.88
C MET B 147 22.30 10.72 13.04
N ILE B 148 22.95 9.80 12.32
CA ILE B 148 22.25 8.84 11.46
C ILE B 148 21.72 7.60 12.19
N PRO B 149 22.53 6.99 13.08
CA PRO B 149 22.15 5.80 13.83
C PRO B 149 20.76 5.81 14.51
N ASP B 150 20.35 6.92 15.10
CA ASP B 150 19.03 6.97 15.77
C ASP B 150 18.13 8.15 15.42
N MET B 151 18.68 9.37 15.48
CA MET B 151 17.91 10.59 15.18
C MET B 151 17.28 10.61 13.80
N MET B 152 18.10 10.39 12.79
CA MET B 152 17.61 10.43 11.42
C MET B 152 16.63 9.31 11.10
N THR B 153 16.97 8.05 11.37
CA THR B 153 16.02 7.00 11.06
C THR B 153 14.69 7.16 11.79
N THR B 154 14.75 7.57 13.06
CA THR B 154 13.52 7.77 13.78
C THR B 154 12.71 8.93 13.17
N GLY B 155 13.32 10.11 13.07
CA GLY B 155 12.59 11.21 12.48
C GLY B 155 12.01 10.84 11.13
N PHE B 156 12.87 10.34 10.25
CA PHE B 156 12.45 9.93 8.92
C PHE B 156 11.35 8.88 8.94
N HIS B 157 11.44 7.92 9.86
CA HIS B 157 10.45 6.88 9.93
C HIS B 157 9.12 7.46 10.35
N GLY B 158 9.17 8.64 10.94
CA GLY B 158 7.94 9.28 11.36
C GLY B 158 7.24 9.76 10.11
N ALA B 159 8.01 10.40 9.24
CA ALA B 159 7.48 10.92 8.00
C ALA B 159 7.03 9.76 7.13
N GLU B 160 7.80 8.67 7.19
CA GLU B 160 7.49 7.48 6.42
C GLU B 160 6.16 6.89 6.83
N LEU B 161 5.92 6.83 8.14
CA LEU B 161 4.67 6.29 8.65
C LEU B 161 3.47 7.16 8.32
N ALA B 162 3.67 8.46 8.28
CA ALA B 162 2.61 9.43 8.00
C ALA B 162 1.84 9.30 6.70
N ASP B 163 2.42 8.63 5.71
CA ASP B 163 1.77 8.47 4.42
C ASP B 163 1.52 9.85 3.81
N ILE B 164 2.54 10.70 3.87
CA ILE B 164 2.44 12.04 3.34
C ILE B 164 2.29 12.02 1.82
N GLU B 165 1.48 12.93 1.31
CA GLU B 165 1.30 13.05 -0.12
C GLU B 165 1.85 14.37 -0.63
N LEU B 166 2.29 14.41 -1.87
CA LEU B 166 2.85 15.64 -2.39
C LEU B 166 1.94 16.81 -2.08
N GLY B 167 2.53 17.86 -1.52
CA GLY B 167 1.79 19.06 -1.16
C GLY B 167 0.91 18.97 0.08
N ALA B 168 0.87 17.79 0.72
CA ALA B 168 0.05 17.57 1.91
C ALA B 168 0.54 18.42 3.07
N THR B 169 -0.37 18.78 3.98
CA THR B 169 0.03 19.58 5.12
C THR B 169 0.30 18.66 6.30
N VAL B 170 1.51 18.77 6.84
CA VAL B 170 1.95 17.93 7.94
C VAL B 170 2.29 18.68 9.20
N ALA B 171 1.85 18.17 10.34
CA ALA B 171 2.19 18.80 11.60
C ALA B 171 3.17 17.89 12.33
N VAL B 172 4.13 18.51 13.01
CA VAL B 172 5.11 17.75 13.78
C VAL B 172 4.97 18.19 15.25
N LEU B 173 4.40 17.32 16.05
CA LEU B 173 4.20 17.62 17.47
C LEU B 173 5.48 17.28 18.23
N GLY B 174 6.19 18.31 18.64
CA GLY B 174 7.43 18.12 19.33
C GLY B 174 8.54 18.31 18.33
N ILE B 175 9.39 19.31 18.55
CA ILE B 175 10.49 19.57 17.64
C ILE B 175 11.86 19.30 18.27
N GLY B 176 11.97 18.18 18.98
CA GLY B 176 13.23 17.83 19.60
C GLY B 176 14.20 17.44 18.52
N PRO B 177 15.32 16.79 18.85
CA PRO B 177 16.26 16.43 17.80
C PRO B 177 15.63 15.43 16.82
N VAL B 178 14.76 14.56 17.32
CA VAL B 178 14.07 13.59 16.47
C VAL B 178 12.97 14.28 15.68
N GLY B 179 12.26 15.19 16.34
CA GLY B 179 11.18 15.90 15.69
C GLY B 179 11.73 16.73 14.56
N LEU B 180 12.94 17.26 14.76
CA LEU B 180 13.60 18.06 13.73
C LEU B 180 13.89 17.18 12.55
N MET B 181 14.15 15.90 12.78
CA MET B 181 14.40 15.00 11.67
C MET B 181 13.09 14.53 11.05
N ALA B 182 11.98 14.72 11.75
CA ALA B 182 10.67 14.35 11.22
C ALA B 182 10.20 15.52 10.36
N VAL B 183 10.64 16.72 10.69
CA VAL B 183 10.32 17.90 9.92
C VAL B 183 11.05 17.76 8.59
N ALA B 184 12.28 17.26 8.67
CA ALA B 184 13.12 17.03 7.48
C ALA B 184 12.59 15.87 6.65
N GLY B 185 12.11 14.83 7.35
CA GLY B 185 11.57 13.68 6.69
C GLY B 185 10.30 14.06 5.98
N ALA B 186 9.46 14.89 6.60
CA ALA B 186 8.23 15.34 5.97
C ALA B 186 8.59 16.01 4.65
N LYS B 187 9.48 16.98 4.70
CA LYS B 187 9.90 17.69 3.50
C LYS B 187 10.48 16.70 2.50
N LEU B 188 11.04 15.60 2.98
CA LEU B 188 11.61 14.63 2.09
C LEU B 188 10.54 13.74 1.52
N ARG B 189 9.29 13.86 2.09
CA ARG B 189 8.24 13.06 1.48
C ARG B 189 7.34 13.89 0.57
N GLY B 190 7.76 15.08 0.32
CA GLY B 190 7.04 15.95 -0.59
C GLY B 190 6.02 16.87 0.06
N ALA B 191 6.13 17.04 1.38
CA ALA B 191 5.16 17.83 2.12
C ALA B 191 5.28 19.26 1.69
N GLY B 192 4.16 19.98 1.75
CA GLY B 192 4.14 21.38 1.40
C GLY B 192 4.27 22.14 2.70
N ARG B 193 3.14 22.51 3.29
CA ARG B 193 3.18 23.23 4.55
C ARG B 193 3.52 22.30 5.71
N ILE B 194 4.48 22.71 6.52
CA ILE B 194 4.89 21.93 7.68
C ILE B 194 4.80 22.77 8.93
N ILE B 195 3.88 22.39 9.80
CA ILE B 195 3.65 23.08 11.04
C ILE B 195 4.37 22.37 12.18
N ALA B 196 5.40 23.03 12.72
CA ALA B 196 6.17 22.47 13.82
C ALA B 196 5.65 23.03 15.13
N VAL B 197 5.38 22.13 16.08
CA VAL B 197 4.87 22.57 17.36
C VAL B 197 5.96 22.44 18.42
N GLY B 198 6.43 23.58 18.93
CA GLY B 198 7.45 23.60 19.94
C GLY B 198 7.69 25.00 20.51
N SER B 199 8.36 25.10 21.66
CA SER B 199 8.62 26.40 22.25
C SER B 199 10.10 26.79 22.44
N ARG B 200 11.00 25.80 22.50
CA ARG B 200 12.43 26.08 22.66
C ARG B 200 12.96 26.86 21.46
N PRO B 201 13.43 28.10 21.68
CA PRO B 201 13.96 28.90 20.57
C PRO B 201 15.06 28.25 19.73
N VAL B 202 15.98 27.53 20.36
CA VAL B 202 17.06 26.90 19.62
C VAL B 202 16.50 25.77 18.76
N CYS B 203 15.38 25.18 19.20
CA CYS B 203 14.71 24.09 18.46
C CYS B 203 13.95 24.64 17.26
N VAL B 204 13.28 25.79 17.44
CA VAL B 204 12.49 26.42 16.37
C VAL B 204 13.38 27.01 15.28
N ASP B 205 14.55 27.47 15.67
CA ASP B 205 15.47 28.03 14.69
C ASP B 205 15.95 26.88 13.80
N ALA B 206 16.09 25.70 14.40
CA ALA B 206 16.52 24.50 13.70
C ALA B 206 15.37 24.00 12.87
N ALA B 207 14.17 24.06 13.45
CA ALA B 207 12.96 23.64 12.78
C ALA B 207 12.83 24.39 11.46
N LYS B 208 12.97 25.72 11.50
CA LYS B 208 12.88 26.55 10.30
C LYS B 208 13.90 26.10 9.29
N TYR B 209 15.11 25.84 9.75
CA TYR B 209 16.19 25.36 8.89
C TYR B 209 15.84 24.05 8.15
N TYR B 210 15.13 23.14 8.81
CA TYR B 210 14.76 21.86 8.20
C TYR B 210 13.48 21.84 7.37
N GLY B 211 12.86 23.02 7.18
CA GLY B 211 11.66 23.09 6.37
C GLY B 211 10.36 23.51 7.04
N ALA B 212 10.39 23.82 8.32
CA ALA B 212 9.17 24.21 9.00
C ALA B 212 8.74 25.53 8.41
N THR B 213 7.45 25.65 8.12
CA THR B 213 6.91 26.87 7.54
C THR B 213 6.09 27.66 8.55
N ASP B 214 5.72 27.01 9.64
CA ASP B 214 4.95 27.66 10.70
C ASP B 214 5.41 27.11 12.05
N ILE B 215 5.50 27.99 13.03
CA ILE B 215 5.88 27.59 14.36
C ILE B 215 4.64 27.78 15.25
N VAL B 216 4.35 26.79 16.08
CA VAL B 216 3.23 26.87 17.00
C VAL B 216 3.74 26.66 18.41
N ASN B 217 3.70 27.73 19.21
CA ASN B 217 4.16 27.70 20.59
C ASN B 217 2.93 27.51 21.49
N TYR B 218 2.85 26.36 22.18
CA TYR B 218 1.70 26.07 23.04
C TYR B 218 1.37 27.18 24.03
N LYS B 219 2.33 28.08 24.22
CA LYS B 219 2.16 29.18 25.17
C LYS B 219 1.35 30.33 24.62
N ASP B 220 0.60 30.08 23.55
CA ASP B 220 -0.23 31.12 22.93
C ASP B 220 -1.68 30.65 22.79
N GLY B 221 -1.97 29.50 23.37
CA GLY B 221 -3.33 28.94 23.30
C GLY B 221 -3.28 27.44 22.95
N PRO B 222 -4.42 26.74 23.02
CA PRO B 222 -4.47 25.31 22.70
C PRO B 222 -3.94 25.03 21.29
N ILE B 223 -3.04 24.07 21.18
CA ILE B 223 -2.47 23.72 19.88
C ILE B 223 -3.54 23.40 18.86
N GLU B 224 -4.53 22.59 19.23
CA GLU B 224 -5.58 22.24 18.28
C GLU B 224 -6.30 23.46 17.70
N SER B 225 -6.57 24.45 18.53
CA SER B 225 -7.24 25.64 18.04
C SER B 225 -6.29 26.44 17.14
N GLN B 226 -5.00 26.48 17.48
CA GLN B 226 -4.05 27.21 16.64
C GLN B 226 -3.88 26.58 15.25
N ILE B 227 -3.74 25.25 15.21
CA ILE B 227 -3.61 24.56 13.93
C ILE B 227 -4.91 24.68 13.15
N MET B 228 -6.04 24.53 13.83
CA MET B 228 -7.32 24.66 13.17
C MET B 228 -7.40 26.01 12.47
N ASN B 229 -6.94 27.07 13.15
CA ASN B 229 -6.96 28.39 12.55
C ASN B 229 -6.05 28.42 11.36
N LEU B 230 -4.76 28.19 11.60
CA LEU B 230 -3.77 28.18 10.54
C LEU B 230 -4.28 27.47 9.30
N THR B 231 -5.11 26.44 9.51
CA THR B 231 -5.64 25.65 8.40
C THR B 231 -7.09 25.90 8.02
N GLU B 232 -7.60 27.12 8.25
CA GLU B 232 -8.98 27.45 7.89
C GLU B 232 -9.99 26.41 8.39
N GLY B 233 -9.63 25.74 9.47
CA GLY B 233 -10.50 24.70 10.02
C GLY B 233 -10.42 23.38 9.25
N LYS B 234 -9.52 23.31 8.28
CA LYS B 234 -9.38 22.10 7.49
C LYS B 234 -8.63 20.99 8.23
N GLY B 235 -7.71 21.37 9.10
CA GLY B 235 -6.92 20.38 9.81
C GLY B 235 -5.73 20.01 8.94
N VAL B 236 -4.81 19.23 9.50
CA VAL B 236 -3.64 18.81 8.76
C VAL B 236 -3.87 17.42 8.16
N ASP B 237 -3.11 17.08 7.12
CA ASP B 237 -3.26 15.79 6.47
C ASP B 237 -2.55 14.70 7.24
N ALA B 238 -1.63 15.09 8.12
CA ALA B 238 -0.88 14.13 8.89
C ALA B 238 -0.26 14.81 10.07
N ALA B 239 -0.05 14.05 11.13
CA ALA B 239 0.56 14.55 12.36
C ALA B 239 1.60 13.54 12.81
N ILE B 240 2.85 13.98 12.88
CA ILE B 240 3.95 13.12 13.32
C ILE B 240 4.23 13.49 14.77
N ILE B 241 4.16 12.50 15.66
CA ILE B 241 4.42 12.73 17.06
C ILE B 241 5.89 12.41 17.35
N ALA B 242 6.64 13.39 17.82
CA ALA B 242 8.04 13.16 18.12
C ALA B 242 8.41 13.59 19.54
N GLY B 243 7.40 13.77 20.38
CA GLY B 243 7.63 14.17 21.76
C GLY B 243 6.37 14.48 22.53
N GLY B 244 6.48 14.58 23.84
CA GLY B 244 5.32 14.90 24.67
C GLY B 244 4.89 13.65 25.39
N ASN B 245 3.82 13.78 26.21
CA ASN B 245 3.38 12.59 26.90
C ASN B 245 1.97 12.24 26.40
N ALA B 246 1.49 11.08 26.84
CA ALA B 246 0.18 10.53 26.49
C ALA B 246 -0.75 11.48 25.75
N ASP B 247 -1.02 12.61 26.38
CA ASP B 247 -1.94 13.62 25.85
C ASP B 247 -1.75 14.02 24.41
N ILE B 248 -0.49 14.17 24.01
CA ILE B 248 -0.14 14.55 22.64
C ILE B 248 -0.87 13.69 21.59
N MET B 249 -1.24 12.46 21.98
CA MET B 249 -1.96 11.55 21.10
C MET B 249 -3.35 12.12 20.82
N ALA B 250 -3.92 12.77 21.82
CA ALA B 250 -5.24 13.37 21.70
C ALA B 250 -5.16 14.57 20.77
N THR B 251 -4.10 15.34 20.95
CA THR B 251 -3.89 16.53 20.14
C THR B 251 -3.82 16.12 18.66
N ALA B 252 -3.02 15.09 18.39
CA ALA B 252 -2.85 14.57 17.04
C ALA B 252 -4.19 14.27 16.41
N VAL B 253 -4.94 13.36 17.03
CA VAL B 253 -6.25 12.95 16.53
C VAL B 253 -7.20 14.14 16.34
N LYS B 254 -7.02 15.19 17.16
CA LYS B 254 -7.88 16.35 17.03
C LYS B 254 -7.49 17.29 15.91
N ILE B 255 -6.22 17.27 15.51
CA ILE B 255 -5.77 18.15 14.42
C ILE B 255 -5.75 17.51 13.03
N VAL B 256 -5.82 16.18 12.97
CA VAL B 256 -5.80 15.46 11.71
C VAL B 256 -7.19 15.31 11.09
N LYS B 257 -7.30 15.62 9.81
CA LYS B 257 -8.57 15.52 9.11
C LYS B 257 -8.92 14.04 8.94
N PRO B 258 -10.21 13.74 8.65
CA PRO B 258 -10.69 12.38 8.45
C PRO B 258 -9.94 11.80 7.28
N GLY B 259 -9.40 10.60 7.48
CA GLY B 259 -8.65 9.98 6.42
C GLY B 259 -7.21 10.36 6.54
N GLY B 260 -6.88 11.06 7.62
CA GLY B 260 -5.51 11.47 7.87
C GLY B 260 -4.75 10.41 8.64
N THR B 261 -3.47 10.62 8.85
CA THR B 261 -2.65 9.67 9.56
C THR B 261 -1.86 10.27 10.72
N ILE B 262 -1.97 9.65 11.89
CA ILE B 262 -1.23 10.08 13.08
C ILE B 262 -0.07 9.10 13.16
N ALA B 263 1.14 9.55 12.81
CA ALA B 263 2.30 8.68 12.87
C ALA B 263 3.15 8.98 14.10
N ASN B 264 3.27 8.00 14.99
CA ASN B 264 4.05 8.17 16.19
C ASN B 264 5.41 7.47 16.24
N VAL B 265 6.43 8.20 16.66
CA VAL B 265 7.76 7.66 16.77
C VAL B 265 8.30 8.13 18.11
N ASN B 266 7.39 8.57 18.98
CA ASN B 266 7.75 9.04 20.30
C ASN B 266 7.73 7.85 21.25
N TYR B 267 8.58 7.90 22.27
CA TYR B 267 8.69 6.84 23.25
C TYR B 267 7.99 7.27 24.55
N PHE B 268 6.72 6.88 24.71
CA PHE B 268 5.96 7.26 25.92
C PHE B 268 6.32 6.37 27.13
N GLY B 269 6.68 7.00 28.24
CA GLY B 269 7.04 6.25 29.43
C GLY B 269 6.05 6.39 30.65
N GLU B 270 5.23 7.41 30.73
CA GLU B 270 4.21 7.59 31.82
C GLU B 270 2.87 7.01 31.43
N GLY B 271 2.16 6.58 32.49
CA GLY B 271 0.83 6.00 32.47
C GLY B 271 0.79 4.58 31.92
N GLU B 272 -0.40 4.15 31.51
CA GLU B 272 -0.55 2.82 30.91
C GLU B 272 -1.60 2.86 29.79
N VAL B 273 -2.05 4.07 29.43
CA VAL B 273 -3.05 4.23 28.41
C VAL B 273 -2.80 5.49 27.62
N LEU B 274 -2.71 5.37 26.30
CA LEU B 274 -2.51 6.55 25.47
C LEU B 274 -3.89 6.96 24.99
N PRO B 275 -4.30 8.18 25.29
CA PRO B 275 -5.60 8.75 24.91
C PRO B 275 -5.89 8.83 23.44
N VAL B 276 -7.10 8.43 23.07
CA VAL B 276 -7.57 8.51 21.71
C VAL B 276 -8.98 8.99 21.88
N PRO B 277 -9.21 10.30 21.72
CA PRO B 277 -10.54 10.91 21.85
C PRO B 277 -11.54 10.32 20.84
N ARG B 278 -12.57 9.64 21.37
CA ARG B 278 -13.58 9.00 20.53
C ARG B 278 -14.43 9.96 19.71
N LEU B 279 -14.64 11.16 20.24
CA LEU B 279 -15.44 12.15 19.56
C LEU B 279 -14.76 12.52 18.26
N GLU B 280 -13.55 13.05 18.35
CA GLU B 280 -12.80 13.46 17.16
C GLU B 280 -12.08 12.32 16.42
N TRP B 281 -12.29 11.08 16.84
CA TRP B 281 -11.69 9.97 16.13
C TRP B 281 -12.85 9.35 15.40
N GLY B 282 -13.93 10.15 15.28
CA GLY B 282 -15.15 9.72 14.60
C GLY B 282 -15.86 8.57 15.27
N CYS B 283 -15.67 8.44 16.58
CA CYS B 283 -16.25 7.38 17.40
C CYS B 283 -15.75 6.03 16.87
N GLY B 284 -14.62 6.08 16.17
CA GLY B 284 -14.02 4.89 15.59
C GLY B 284 -14.37 4.73 14.14
N MET B 285 -14.56 5.86 13.46
CA MET B 285 -14.96 5.81 12.05
C MET B 285 -14.51 6.98 11.19
N ALA B 286 -13.66 7.85 11.72
CA ALA B 286 -13.20 8.98 10.95
C ALA B 286 -12.00 8.59 10.05
N HIS B 287 -11.73 7.31 9.92
CA HIS B 287 -10.62 6.79 9.11
C HIS B 287 -9.30 7.54 9.44
N LYS B 288 -9.04 7.81 10.70
CA LYS B 288 -7.79 8.50 11.12
C LYS B 288 -6.75 7.51 11.64
N THR B 289 -6.19 6.72 10.73
CA THR B 289 -5.19 5.72 11.10
C THR B 289 -4.12 6.22 12.05
N ILE B 290 -3.83 5.41 13.06
CA ILE B 290 -2.80 5.73 14.03
C ILE B 290 -1.69 4.72 13.89
N LYS B 291 -0.49 5.22 13.62
CA LYS B 291 0.68 4.37 13.47
C LYS B 291 1.68 4.70 14.58
N GLY B 292 2.65 3.83 14.76
CA GLY B 292 3.64 4.05 15.80
C GLY B 292 4.61 2.88 15.86
N GLY B 293 5.82 3.11 15.35
CA GLY B 293 6.82 2.05 15.37
C GLY B 293 8.27 2.45 15.54
N LEU B 294 9.03 1.53 16.14
CA LEU B 294 10.46 1.65 16.38
C LEU B 294 11.22 1.97 15.10
N CYS B 295 12.26 2.80 15.21
CA CYS B 295 13.02 3.18 14.00
C CYS B 295 13.72 2.01 13.34
N PRO B 296 13.67 1.95 11.99
CA PRO B 296 14.35 0.85 11.32
C PRO B 296 15.86 0.95 11.51
N GLY B 297 16.50 -0.21 11.60
CA GLY B 297 17.93 -0.28 11.75
C GLY B 297 18.46 -1.23 10.67
N GLY B 298 19.74 -1.54 10.74
CA GLY B 298 20.35 -2.42 9.76
C GLY B 298 21.25 -1.66 8.81
N ARG B 299 22.07 -2.38 8.05
CA ARG B 299 23.00 -1.78 7.11
C ARG B 299 22.32 -0.99 6.00
N LEU B 300 21.37 -1.63 5.32
CA LEU B 300 20.67 -0.97 4.24
C LEU B 300 20.10 0.36 4.71
N ARG B 301 19.39 0.35 5.81
CA ARG B 301 18.78 1.57 6.35
C ARG B 301 19.86 2.61 6.52
N MET B 302 21.00 2.18 7.06
CA MET B 302 22.06 3.12 7.25
C MET B 302 22.65 3.59 5.94
N GLU B 303 22.72 2.70 4.95
CA GLU B 303 23.28 3.07 3.66
C GLU B 303 22.40 4.08 2.96
N ARG B 304 21.08 3.90 3.08
CA ARG B 304 20.15 4.83 2.46
C ARG B 304 20.33 6.24 3.03
N LEU B 305 20.26 6.39 4.36
CA LEU B 305 20.43 7.71 4.98
C LEU B 305 21.80 8.33 4.72
N ILE B 306 22.82 7.48 4.66
CA ILE B 306 24.16 7.95 4.38
C ILE B 306 24.17 8.64 3.01
N ASP B 307 23.49 8.06 2.02
CA ASP B 307 23.42 8.65 0.70
C ASP B 307 22.69 9.97 0.76
N LEU B 308 21.64 10.03 1.56
CA LEU B 308 20.89 11.26 1.70
C LEU B 308 21.81 12.37 2.14
N VAL B 309 22.73 12.07 3.05
CA VAL B 309 23.68 13.07 3.52
C VAL B 309 24.78 13.33 2.48
N PHE B 310 25.24 12.26 1.85
CA PHE B 310 26.28 12.34 0.85
C PHE B 310 25.87 13.19 -0.35
N TYR B 311 24.58 13.19 -0.68
CA TYR B 311 24.08 14.00 -1.80
C TYR B 311 23.37 15.26 -1.31
N LYS B 312 23.91 15.86 -0.26
CA LYS B 312 23.37 17.07 0.31
C LYS B 312 21.84 17.16 0.32
N ARG B 313 21.19 16.02 0.51
CA ARG B 313 19.72 15.96 0.57
C ARG B 313 19.24 16.40 1.95
N VAL B 314 20.11 16.29 2.96
CA VAL B 314 19.86 16.76 4.34
C VAL B 314 21.18 16.81 5.07
N ASP B 315 21.24 17.69 6.06
CA ASP B 315 22.45 17.86 6.86
C ASP B 315 22.10 17.94 8.33
N PRO B 316 22.47 16.90 9.08
CA PRO B 316 22.25 16.72 10.52
C PRO B 316 23.07 17.67 11.39
N SER B 317 24.13 18.24 10.81
CA SER B 317 25.01 19.15 11.50
C SER B 317 24.31 20.07 12.51
N LYS B 318 23.26 20.75 12.07
CA LYS B 318 22.58 21.67 12.98
C LYS B 318 21.94 21.04 14.21
N LEU B 319 21.89 19.70 14.27
CA LEU B 319 21.32 19.04 15.44
C LEU B 319 22.39 19.09 16.52
N VAL B 320 23.64 18.96 16.10
CA VAL B 320 24.78 18.98 16.99
C VAL B 320 25.03 20.40 17.44
N THR B 321 24.84 20.66 18.74
CA THR B 321 25.05 22.01 19.26
C THR B 321 26.29 22.05 20.16
N HIS B 322 26.64 20.92 20.70
CA HIS B 322 27.83 20.75 21.50
C HIS B 322 28.77 19.64 20.90
N VAL B 323 30.06 19.77 21.02
CA VAL B 323 31.09 18.74 20.70
C VAL B 323 32.16 18.78 21.79
N PHE B 324 32.58 17.59 22.24
CA PHE B 324 33.57 17.39 23.29
C PHE B 324 34.56 16.33 22.85
N ARG B 325 35.69 16.22 23.54
CA ARG B 325 36.71 15.23 23.21
C ARG B 325 36.96 14.18 24.32
N GLY B 326 37.37 12.99 23.90
CA GLY B 326 37.68 11.91 24.84
C GLY B 326 36.60 11.32 25.75
N PHE B 327 36.75 10.04 26.07
CA PHE B 327 35.80 9.30 26.94
C PHE B 327 35.26 10.06 28.11
N ASP B 328 36.21 10.66 28.87
CA ASP B 328 35.83 11.38 30.05
C ASP B 328 34.59 12.28 29.88
N ASN B 329 34.43 12.85 28.70
CA ASN B 329 33.28 13.72 28.43
C ASN B 329 31.98 12.98 28.12
N ILE B 330 32.07 11.69 27.81
CA ILE B 330 30.88 10.90 27.53
C ILE B 330 29.93 11.05 28.71
N GLU B 331 30.50 11.31 29.89
CA GLU B 331 29.71 11.51 31.10
C GLU B 331 29.22 12.95 31.18
N LYS B 332 30.10 13.90 30.86
CA LYS B 332 29.70 15.30 30.88
C LYS B 332 28.57 15.44 29.88
N ALA B 333 28.75 14.79 28.73
CA ALA B 333 27.74 14.81 27.67
C ALA B 333 26.47 14.12 28.15
N PHE B 334 26.61 12.97 28.80
CA PHE B 334 25.44 12.27 29.28
C PHE B 334 24.61 13.13 30.24
N MET B 335 25.25 13.73 31.25
CA MET B 335 24.48 14.54 32.19
C MET B 335 23.87 15.74 31.46
N LEU B 336 24.56 16.22 30.44
CA LEU B 336 24.08 17.37 29.68
C LEU B 336 22.68 17.10 29.11
N MET B 337 22.37 15.82 28.87
CA MET B 337 21.06 15.41 28.35
C MET B 337 19.97 15.31 29.42
N LYS B 338 20.37 15.15 30.68
CA LYS B 338 19.41 15.04 31.76
C LYS B 338 18.77 16.39 32.11
N ASP B 339 19.58 17.44 32.03
CA ASP B 339 19.12 18.81 32.32
C ASP B 339 19.30 19.72 31.08
N LYS B 340 18.46 19.48 30.07
CA LYS B 340 18.54 20.23 28.81
C LYS B 340 18.68 21.75 28.89
N PRO B 341 19.90 22.27 28.64
CA PRO B 341 20.12 23.72 28.68
C PRO B 341 19.29 24.29 27.55
N LYS B 342 19.00 25.59 27.59
CA LYS B 342 18.20 26.21 26.53
C LYS B 342 18.89 26.30 25.18
N ASP B 343 20.15 25.91 25.14
CA ASP B 343 20.91 25.95 23.89
C ASP B 343 21.29 24.56 23.38
N LEU B 344 20.82 23.54 24.07
CA LEU B 344 21.14 22.16 23.68
C LEU B 344 20.11 21.45 22.83
N ILE B 345 20.60 20.68 21.88
CA ILE B 345 19.73 19.89 21.04
C ILE B 345 20.30 18.49 21.08
N LYS B 346 21.54 18.34 20.63
CA LYS B 346 22.18 17.03 20.61
C LYS B 346 23.69 17.17 20.78
N PRO B 347 24.25 16.64 21.89
CA PRO B 347 25.69 16.70 22.15
C PRO B 347 26.44 15.50 21.55
N VAL B 348 27.65 15.71 21.03
CA VAL B 348 28.44 14.59 20.52
C VAL B 348 29.87 14.73 21.04
N VAL B 349 30.45 13.62 21.43
CA VAL B 349 31.84 13.60 21.91
C VAL B 349 32.72 12.91 20.84
N ILE B 350 33.59 13.72 20.20
CA ILE B 350 34.51 13.23 19.12
C ILE B 350 35.75 12.53 19.73
N LEU B 351 36.32 11.71 18.84
CA LEU B 351 37.42 10.74 19.10
C LEU B 351 37.03 9.86 20.30
N ALA B 352 35.82 9.37 20.27
CA ALA B 352 35.34 8.52 21.36
C ALA B 352 35.69 9.13 22.73
N MET C 1 24.93 -42.33 -3.11
CA MET C 1 23.53 -41.96 -2.75
C MET C 1 22.90 -42.15 -4.14
N LYS C 2 21.61 -42.50 -4.18
CA LYS C 2 20.91 -42.70 -5.44
C LYS C 2 20.07 -41.46 -5.77
N GLY C 3 20.04 -41.05 -7.05
CA GLY C 3 19.26 -39.88 -7.41
C GLY C 3 19.00 -39.69 -8.90
N PHE C 4 17.75 -39.35 -9.24
CA PHE C 4 17.38 -39.11 -10.64
C PHE C 4 17.79 -37.71 -11.02
N ALA C 5 18.74 -37.59 -11.93
CA ALA C 5 19.21 -36.26 -12.31
C ALA C 5 19.31 -35.95 -13.81
N MET C 6 19.77 -34.74 -14.09
CA MET C 6 19.95 -34.27 -15.47
C MET C 6 21.41 -34.50 -15.80
N LEU C 7 21.66 -35.24 -16.87
CA LEU C 7 23.01 -35.55 -17.29
C LEU C 7 23.59 -34.45 -18.21
N SER C 8 23.01 -34.36 -19.34
CA SER C 8 23.30 -33.30 -20.33
C SER C 8 21.92 -32.80 -20.80
N ILE C 9 21.84 -31.76 -21.63
CA ILE C 9 20.59 -31.22 -22.13
C ILE C 9 19.91 -32.38 -22.80
N GLY C 10 18.60 -32.45 -22.68
CA GLY C 10 17.96 -33.53 -23.32
C GLY C 10 18.27 -34.91 -22.73
N LYS C 11 19.12 -34.97 -21.70
CA LYS C 11 19.47 -36.26 -21.12
C LYS C 11 19.35 -36.40 -19.60
N VAL C 12 18.51 -37.34 -19.15
CA VAL C 12 18.33 -37.59 -17.73
C VAL C 12 18.59 -39.08 -17.47
N GLY C 13 18.74 -39.44 -16.19
CA GLY C 13 18.99 -40.83 -15.81
C GLY C 13 19.58 -40.88 -14.41
N TRP C 14 19.26 -41.94 -13.65
CA TRP C 14 19.75 -42.05 -12.28
C TRP C 14 21.27 -42.08 -12.16
N ILE C 15 21.80 -41.38 -11.16
CA ILE C 15 23.25 -41.32 -10.93
C ILE C 15 23.52 -41.49 -9.43
N GLU C 16 24.80 -41.43 -9.08
CA GLU C 16 25.20 -41.56 -7.69
C GLU C 16 26.22 -40.52 -7.25
N LYS C 17 25.83 -39.76 -6.23
CA LYS C 17 26.67 -38.71 -5.67
C LYS C 17 26.79 -39.04 -4.18
N GLU C 18 27.70 -38.34 -3.52
CA GLU C 18 27.90 -38.55 -2.11
C GLU C 18 26.78 -37.88 -1.30
N LYS C 19 26.29 -38.60 -0.31
CA LYS C 19 25.26 -38.08 0.57
C LYS C 19 25.81 -36.75 1.12
N PRO C 20 25.08 -35.63 0.89
CA PRO C 20 25.43 -34.27 1.34
C PRO C 20 25.57 -34.09 2.85
N ALA C 21 26.46 -33.19 3.23
CA ALA C 21 26.70 -32.92 4.64
C ALA C 21 26.10 -31.57 5.04
N PRO C 22 25.43 -31.53 6.20
CA PRO C 22 24.83 -30.29 6.69
C PRO C 22 25.90 -29.31 7.14
N GLY C 23 25.59 -28.03 7.06
CA GLY C 23 26.52 -27.02 7.52
C GLY C 23 26.11 -26.80 8.98
N PRO C 24 26.75 -25.87 9.71
CA PRO C 24 26.28 -25.73 11.09
C PRO C 24 24.80 -25.35 11.19
N PHE C 25 24.25 -24.73 10.13
CA PHE C 25 22.84 -24.30 10.13
C PHE C 25 21.90 -25.04 9.17
N ASP C 26 22.46 -25.91 8.35
CA ASP C 26 21.64 -26.62 7.36
C ASP C 26 21.12 -27.96 7.88
N ALA C 27 20.22 -28.57 7.11
CA ALA C 27 19.67 -29.87 7.47
C ALA C 27 19.64 -30.80 6.25
N ILE C 28 19.66 -32.11 6.49
CA ILE C 28 19.59 -33.08 5.42
C ILE C 28 18.25 -33.77 5.58
N VAL C 29 17.51 -33.85 4.47
CA VAL C 29 16.18 -34.42 4.50
C VAL C 29 15.99 -35.59 3.59
N ARG C 30 15.24 -36.56 4.07
CA ARG C 30 14.94 -37.77 3.31
C ARG C 30 13.52 -37.58 2.81
N PRO C 31 13.33 -37.44 1.49
CA PRO C 31 11.99 -37.25 0.90
C PRO C 31 10.93 -38.28 1.33
N LEU C 32 9.69 -37.81 1.49
CA LEU C 32 8.58 -38.67 1.84
C LEU C 32 7.55 -38.67 0.72
N ALA C 33 7.63 -37.65 -0.13
CA ALA C 33 6.75 -37.50 -1.29
C ALA C 33 7.29 -36.36 -2.15
N VAL C 34 7.20 -36.48 -3.46
CA VAL C 34 7.70 -35.42 -4.33
C VAL C 34 6.84 -35.31 -5.57
N ALA C 35 7.10 -34.28 -6.37
CA ALA C 35 6.34 -34.06 -7.60
C ALA C 35 7.23 -33.42 -8.68
N PRO C 36 7.07 -33.86 -9.91
CA PRO C 36 7.85 -33.33 -11.03
C PRO C 36 7.19 -32.10 -11.46
N CYS C 37 7.99 -31.15 -11.98
CA CYS C 37 7.31 -29.97 -12.41
C CYS C 37 7.64 -29.81 -13.87
N THR C 38 6.75 -29.16 -14.60
CA THR C 38 6.97 -28.90 -16.01
C THR C 38 8.28 -28.14 -16.13
N SER C 39 8.63 -27.41 -15.06
CA SER C 39 9.87 -26.62 -15.07
C SER C 39 11.03 -27.54 -15.40
N ASP C 40 11.14 -28.62 -14.60
CA ASP C 40 12.22 -29.56 -14.75
C ASP C 40 12.32 -29.94 -16.22
N ILE C 41 11.18 -30.31 -16.81
CA ILE C 41 11.15 -30.67 -18.22
C ILE C 41 11.85 -29.58 -19.02
N HIS C 42 11.34 -28.34 -18.93
CA HIS C 42 11.96 -27.23 -19.66
C HIS C 42 13.46 -27.14 -19.33
N THR C 43 13.80 -27.35 -18.05
CA THR C 43 15.18 -27.27 -17.58
C THR C 43 16.08 -28.31 -18.23
N VAL C 44 15.51 -29.48 -18.52
CA VAL C 44 16.26 -30.58 -19.15
C VAL C 44 16.16 -30.61 -20.67
N PHE C 45 14.94 -30.73 -21.18
CA PHE C 45 14.73 -30.81 -22.62
C PHE C 45 14.66 -29.48 -23.35
N GLU C 46 14.96 -28.39 -22.65
CA GLU C 46 14.90 -27.07 -23.27
C GLU C 46 15.92 -26.14 -22.63
N GLY C 47 16.72 -26.70 -21.71
CA GLY C 47 17.75 -25.94 -21.01
C GLY C 47 17.35 -24.51 -20.69
N ALA C 48 16.07 -24.33 -20.36
CA ALA C 48 15.54 -23.00 -20.03
C ALA C 48 16.45 -22.17 -19.10
N ILE C 49 17.29 -22.86 -18.31
CA ILE C 49 18.17 -22.17 -17.37
C ILE C 49 19.66 -22.41 -17.63
N GLY C 50 20.00 -22.83 -18.84
CA GLY C 50 21.40 -23.08 -19.15
C GLY C 50 21.78 -24.54 -19.06
N GLU C 51 23.03 -24.82 -19.44
CA GLU C 51 23.58 -26.18 -19.46
C GLU C 51 23.95 -26.62 -18.04
N ARG C 52 23.65 -27.87 -17.71
CA ARG C 52 23.97 -28.41 -16.39
C ARG C 52 24.35 -29.88 -16.53
N HIS C 53 25.35 -30.32 -15.76
CA HIS C 53 25.77 -31.73 -15.83
C HIS C 53 25.63 -32.49 -14.50
N ASN C 54 24.82 -33.54 -14.52
CA ASN C 54 24.60 -34.37 -13.33
C ASN C 54 24.02 -33.58 -12.15
N MET C 55 22.87 -32.94 -12.40
CA MET C 55 22.16 -32.17 -11.39
C MET C 55 20.88 -32.90 -10.99
N ILE C 56 20.86 -33.44 -9.77
CA ILE C 56 19.66 -34.14 -9.32
C ILE C 56 18.51 -33.15 -9.46
N LEU C 57 17.40 -33.64 -10.04
CA LEU C 57 16.22 -32.82 -10.30
C LEU C 57 15.22 -32.78 -9.18
N GLY C 58 14.17 -31.97 -9.39
CA GLY C 58 13.08 -31.87 -8.43
C GLY C 58 13.25 -30.77 -7.40
N HIS C 59 12.15 -30.06 -7.10
CA HIS C 59 12.20 -28.99 -6.12
C HIS C 59 10.91 -28.92 -5.30
N GLU C 60 10.02 -29.88 -5.51
CA GLU C 60 8.76 -29.94 -4.78
C GLU C 60 8.84 -31.20 -3.91
N ALA C 61 8.98 -31.03 -2.59
CA ALA C 61 9.09 -32.21 -1.72
C ALA C 61 8.71 -32.04 -0.26
N VAL C 62 8.19 -33.12 0.30
CA VAL C 62 7.82 -33.17 1.70
C VAL C 62 8.60 -34.34 2.25
N GLY C 63 9.49 -34.08 3.21
CA GLY C 63 10.30 -35.16 3.73
C GLY C 63 10.51 -35.21 5.23
N GLU C 64 11.51 -35.98 5.63
CA GLU C 64 11.84 -36.16 7.03
C GLU C 64 13.30 -35.72 7.25
N VAL C 65 13.50 -34.93 8.30
CA VAL C 65 14.83 -34.44 8.66
C VAL C 65 15.58 -35.67 9.16
N VAL C 66 16.70 -35.99 8.51
CA VAL C 66 17.48 -37.15 8.92
C VAL C 66 18.71 -36.70 9.72
N GLU C 67 19.21 -35.49 9.40
CA GLU C 67 20.39 -34.96 10.09
C GLU C 67 20.44 -33.43 10.05
N VAL C 68 20.67 -32.81 11.21
CA VAL C 68 20.74 -31.34 11.27
C VAL C 68 22.16 -30.85 11.60
N GLY C 69 22.38 -29.55 11.44
CA GLY C 69 23.66 -28.96 11.74
C GLY C 69 23.72 -28.67 13.22
N SER C 70 24.89 -28.24 13.70
CA SER C 70 25.07 -27.95 15.13
C SER C 70 24.23 -26.77 15.60
N GLU C 71 24.02 -25.84 14.67
CA GLU C 71 23.29 -24.62 14.97
C GLU C 71 21.78 -24.65 14.71
N VAL C 72 21.27 -25.73 14.15
CA VAL C 72 19.84 -25.84 13.90
C VAL C 72 19.14 -26.01 15.25
N LYS C 73 18.05 -25.27 15.47
CA LYS C 73 17.35 -25.32 16.75
C LYS C 73 15.88 -25.73 16.74
N ASP C 74 15.23 -25.56 15.58
CA ASP C 74 13.81 -25.89 15.46
C ASP C 74 13.54 -27.17 14.70
N PHE C 75 14.60 -27.88 14.34
CA PHE C 75 14.43 -29.13 13.61
C PHE C 75 15.46 -30.16 14.07
N LYS C 76 14.97 -31.37 14.29
CA LYS C 76 15.80 -32.47 14.74
C LYS C 76 15.52 -33.63 13.81
N PRO C 77 16.25 -34.74 13.99
CA PRO C 77 16.05 -35.92 13.13
C PRO C 77 14.68 -36.55 13.44
N GLY C 78 13.97 -36.97 12.40
CA GLY C 78 12.66 -37.58 12.57
C GLY C 78 11.48 -36.70 12.27
N ASP C 79 11.70 -35.37 12.27
CA ASP C 79 10.63 -34.41 11.98
C ASP C 79 10.14 -34.35 10.54
N ARG C 80 8.82 -34.41 10.37
CA ARG C 80 8.22 -34.31 9.05
C ARG C 80 8.11 -32.83 8.73
N VAL C 81 8.61 -32.44 7.57
CA VAL C 81 8.56 -31.04 7.18
C VAL C 81 8.29 -30.84 5.69
N VAL C 82 7.74 -29.66 5.35
CA VAL C 82 7.46 -29.29 3.98
C VAL C 82 8.63 -28.42 3.57
N VAL C 83 9.30 -28.76 2.46
CA VAL C 83 10.45 -27.98 2.01
C VAL C 83 10.04 -27.11 0.82
N PRO C 84 10.04 -25.79 1.00
CA PRO C 84 9.67 -24.84 -0.06
C PRO C 84 10.59 -24.90 -1.27
N ALA C 85 10.06 -24.60 -2.45
CA ALA C 85 10.88 -24.61 -3.67
C ALA C 85 12.01 -23.60 -3.51
N ILE C 86 11.64 -22.41 -3.03
CA ILE C 86 12.59 -21.33 -2.80
C ILE C 86 13.15 -21.42 -1.40
N THR C 87 14.47 -21.58 -1.33
CA THR C 87 15.21 -21.71 -0.08
C THR C 87 16.38 -20.73 -0.15
N PRO C 88 16.09 -19.43 0.00
CA PRO C 88 17.11 -18.38 -0.06
C PRO C 88 18.08 -18.34 1.10
N ASP C 89 19.02 -17.40 0.99
CA ASP C 89 20.02 -17.13 2.01
C ASP C 89 19.49 -15.85 2.66
N TRP C 90 18.97 -15.96 3.88
CA TRP C 90 18.39 -14.81 4.55
C TRP C 90 19.30 -13.64 4.93
N ARG C 91 20.61 -13.81 4.80
CA ARG C 91 21.49 -12.70 5.11
C ARG C 91 22.06 -12.11 3.84
N THR C 92 21.22 -11.44 3.08
CA THR C 92 21.66 -10.79 1.86
C THR C 92 21.09 -9.36 1.89
N SER C 93 21.25 -8.64 0.77
CA SER C 93 20.75 -7.28 0.67
C SER C 93 19.26 -7.28 0.37
N GLU C 94 18.90 -7.94 -0.74
CA GLU C 94 17.52 -8.03 -1.19
C GLU C 94 16.56 -8.48 -0.11
N VAL C 95 17.06 -9.25 0.85
CA VAL C 95 16.24 -9.72 1.96
C VAL C 95 15.87 -8.52 2.82
N GLN C 96 16.74 -7.54 2.90
CA GLN C 96 16.41 -6.36 3.66
C GLN C 96 15.46 -5.48 2.84
N ARG C 97 15.54 -5.58 1.51
CA ARG C 97 14.65 -4.79 0.66
C ARG C 97 13.26 -5.47 0.55
N GLY C 98 13.15 -6.69 1.07
CA GLY C 98 11.88 -7.40 1.07
C GLY C 98 11.63 -8.31 -0.11
N TYR C 99 12.69 -8.82 -0.72
CA TYR C 99 12.57 -9.73 -1.87
C TYR C 99 13.46 -10.95 -1.73
N HIS C 100 13.17 -11.80 -0.75
CA HIS C 100 13.99 -12.99 -0.55
C HIS C 100 14.02 -13.87 -1.80
N GLN C 101 13.01 -13.76 -2.67
CA GLN C 101 13.02 -14.57 -3.89
C GLN C 101 14.28 -14.25 -4.71
N HIS C 102 14.87 -13.09 -4.46
CA HIS C 102 16.05 -12.63 -5.20
C HIS C 102 17.26 -12.44 -4.33
N SER C 103 17.27 -13.22 -3.23
CA SER C 103 18.36 -13.13 -2.30
C SER C 103 19.71 -13.50 -2.92
N GLY C 104 20.56 -12.49 -3.14
CA GLY C 104 21.87 -12.72 -3.70
C GLY C 104 21.89 -12.72 -5.21
N GLY C 105 20.74 -12.46 -5.83
CA GLY C 105 20.67 -12.44 -7.28
C GLY C 105 19.23 -12.54 -7.73
N MET C 106 18.98 -12.34 -9.03
CA MET C 106 17.64 -12.41 -9.55
C MET C 106 17.23 -13.87 -9.55
N LEU C 107 16.15 -14.18 -8.86
CA LEU C 107 15.65 -15.55 -8.78
C LEU C 107 16.63 -16.46 -8.03
N ALA C 108 17.61 -15.84 -7.36
CA ALA C 108 18.64 -16.58 -6.59
C ALA C 108 18.02 -17.29 -5.38
N GLY C 109 16.77 -16.95 -5.06
CA GLY C 109 16.11 -17.58 -3.94
C GLY C 109 15.86 -19.04 -4.29
N TRP C 110 15.72 -19.30 -5.59
CA TRP C 110 15.46 -20.64 -6.07
C TRP C 110 16.78 -21.43 -6.24
N LYS C 111 16.99 -22.43 -5.39
CA LYS C 111 18.22 -23.25 -5.45
C LYS C 111 18.01 -24.68 -5.95
N PHE C 112 17.11 -25.43 -5.32
CA PHE C 112 16.80 -26.81 -5.69
C PHE C 112 16.61 -27.03 -7.18
N SER C 113 17.48 -27.85 -7.77
CA SER C 113 17.41 -28.16 -9.19
C SER C 113 17.78 -26.96 -10.09
N ASN C 114 18.67 -26.12 -9.61
CA ASN C 114 19.09 -24.94 -10.37
C ASN C 114 20.56 -24.63 -10.15
N VAL C 115 20.98 -24.70 -8.89
CA VAL C 115 22.39 -24.43 -8.52
C VAL C 115 22.69 -25.32 -7.32
N LYS C 116 21.77 -26.24 -7.06
CA LYS C 116 21.85 -27.14 -5.92
C LYS C 116 21.19 -28.47 -6.40
N ASP C 117 21.57 -29.60 -5.81
CA ASP C 117 20.91 -30.83 -6.25
C ASP C 117 19.47 -30.86 -5.79
N GLY C 118 18.59 -31.22 -6.73
CA GLY C 118 17.16 -31.29 -6.44
C GLY C 118 16.84 -32.22 -5.29
N VAL C 119 15.55 -32.52 -5.16
CA VAL C 119 15.01 -33.37 -4.09
C VAL C 119 14.74 -34.80 -4.58
N PHE C 120 15.03 -35.08 -5.84
CA PHE C 120 14.81 -36.41 -6.41
C PHE C 120 16.03 -37.26 -6.07
N GLY C 121 16.33 -37.37 -4.79
CA GLY C 121 17.46 -38.13 -4.35
C GLY C 121 17.17 -38.83 -3.05
N GLU C 122 17.99 -39.82 -2.73
CA GLU C 122 17.81 -40.56 -1.51
C GLU C 122 17.83 -39.55 -0.38
N PHE C 123 18.60 -38.49 -0.58
CA PHE C 123 18.69 -37.40 0.38
C PHE C 123 18.90 -36.10 -0.39
N PHE C 124 18.58 -34.98 0.26
CA PHE C 124 18.84 -33.67 -0.33
C PHE C 124 19.19 -32.71 0.81
N HIS C 125 19.89 -31.64 0.44
CA HIS C 125 20.37 -30.65 1.38
C HIS C 125 19.54 -29.37 1.45
N VAL C 126 19.05 -29.04 2.64
CA VAL C 126 18.27 -27.82 2.84
C VAL C 126 19.07 -26.81 3.68
N ASN C 127 19.41 -25.67 3.05
CA ASN C 127 20.17 -24.63 3.74
C ASN C 127 19.28 -23.85 4.71
N ASP C 128 19.88 -23.39 5.81
CA ASP C 128 19.18 -22.63 6.85
C ASP C 128 17.88 -23.31 7.30
N ALA C 129 18.01 -24.48 7.89
CA ALA C 129 16.90 -25.27 8.37
C ALA C 129 15.84 -24.47 9.11
N ASP C 130 16.28 -23.68 10.09
CA ASP C 130 15.36 -22.86 10.88
C ASP C 130 14.64 -21.75 10.10
N MET C 131 15.25 -21.30 9.01
CA MET C 131 14.64 -20.26 8.20
C MET C 131 13.98 -20.78 6.91
N ASN C 132 14.23 -22.03 6.53
CA ASN C 132 13.64 -22.56 5.30
C ASN C 132 12.82 -23.84 5.34
N LEU C 133 12.56 -24.38 6.52
CA LEU C 133 11.78 -25.60 6.65
C LEU C 133 10.60 -25.36 7.55
N ALA C 134 9.53 -26.10 7.33
CA ALA C 134 8.34 -25.93 8.14
C ALA C 134 7.69 -27.26 8.53
N HIS C 135 7.41 -27.39 9.81
CA HIS C 135 6.80 -28.59 10.33
C HIS C 135 5.49 -28.93 9.64
N LEU C 136 5.35 -30.20 9.26
CA LEU C 136 4.13 -30.70 8.61
C LEU C 136 3.23 -31.45 9.59
N PRO C 137 2.05 -30.88 9.93
CA PRO C 137 1.09 -31.50 10.86
C PRO C 137 0.67 -32.91 10.36
N LYS C 138 0.53 -33.85 11.28
CA LYS C 138 0.19 -35.20 10.86
C LYS C 138 -1.14 -35.30 10.13
N GLU C 139 -2.12 -34.47 10.48
CA GLU C 139 -3.41 -34.55 9.79
C GLU C 139 -3.41 -34.20 8.29
N ILE C 140 -2.34 -33.55 7.82
CA ILE C 140 -2.29 -33.21 6.41
C ILE C 140 -1.60 -34.29 5.56
N PRO C 141 -2.35 -34.91 4.64
CA PRO C 141 -1.86 -35.97 3.74
C PRO C 141 -0.66 -35.53 2.91
N LEU C 142 0.30 -36.42 2.70
CA LEU C 142 1.49 -36.11 1.91
C LEU C 142 1.15 -35.68 0.48
N GLU C 143 0.21 -36.37 -0.17
CA GLU C 143 -0.14 -35.99 -1.53
C GLU C 143 -0.43 -34.50 -1.51
N ALA C 144 -1.20 -34.05 -0.56
CA ALA C 144 -1.58 -32.63 -0.43
C ALA C 144 -0.39 -31.72 -0.11
N ALA C 145 0.28 -31.96 1.01
CA ALA C 145 1.41 -31.14 1.40
C ALA C 145 2.34 -30.82 0.24
N VAL C 146 2.70 -31.82 -0.55
CA VAL C 146 3.61 -31.64 -1.68
C VAL C 146 3.18 -30.57 -2.68
N MET C 147 1.93 -30.13 -2.61
CA MET C 147 1.45 -29.12 -3.56
C MET C 147 1.72 -27.71 -3.06
N ILE C 148 2.06 -27.61 -1.77
CA ILE C 148 2.34 -26.35 -1.15
C ILE C 148 3.70 -25.75 -1.54
N PRO C 149 4.77 -26.55 -1.55
CA PRO C 149 6.10 -26.05 -1.91
C PRO C 149 6.23 -25.20 -3.16
N ASP C 150 5.41 -25.45 -4.19
CA ASP C 150 5.54 -24.67 -5.41
C ASP C 150 4.23 -24.24 -6.07
N MET C 151 3.28 -25.15 -6.15
CA MET C 151 2.03 -24.85 -6.82
C MET C 151 1.20 -23.82 -6.07
N MET C 152 1.01 -24.08 -4.78
CA MET C 152 0.20 -23.19 -3.95
C MET C 152 0.82 -21.79 -3.82
N THR C 153 2.11 -21.67 -3.47
CA THR C 153 2.72 -20.33 -3.37
C THR C 153 2.73 -19.56 -4.69
N THR C 154 3.04 -20.25 -5.77
CA THR C 154 3.03 -19.56 -7.06
C THR C 154 1.62 -19.10 -7.39
N GLY C 155 0.68 -20.05 -7.35
CA GLY C 155 -0.70 -19.73 -7.64
C GLY C 155 -1.18 -18.59 -6.76
N PHE C 156 -0.98 -18.73 -5.45
CA PHE C 156 -1.39 -17.72 -4.50
C PHE C 156 -0.73 -16.34 -4.68
N HIS C 157 0.56 -16.33 -5.00
CA HIS C 157 1.29 -15.09 -5.20
C HIS C 157 0.66 -14.37 -6.40
N GLY C 158 0.05 -15.14 -7.28
CA GLY C 158 -0.58 -14.53 -8.44
C GLY C 158 -1.71 -13.66 -7.96
N ALA C 159 -2.58 -14.25 -7.13
CA ALA C 159 -3.69 -13.52 -6.57
C ALA C 159 -3.14 -12.36 -5.76
N GLU C 160 -2.16 -12.62 -4.91
CA GLU C 160 -1.57 -11.58 -4.09
C GLU C 160 -1.09 -10.37 -4.91
N LEU C 161 -0.35 -10.61 -5.98
CA LEU C 161 0.14 -9.53 -6.81
C LEU C 161 -0.96 -8.75 -7.50
N ALA C 162 -2.08 -9.41 -7.76
CA ALA C 162 -3.22 -8.81 -8.45
C ALA C 162 -3.89 -7.63 -7.75
N ASP C 163 -3.79 -7.54 -6.43
CA ASP C 163 -4.42 -6.47 -5.68
C ASP C 163 -5.94 -6.55 -5.86
N ILE C 164 -6.46 -7.75 -5.65
CA ILE C 164 -7.87 -8.02 -5.79
C ILE C 164 -8.65 -7.30 -4.68
N GLU C 165 -9.88 -6.91 -4.97
CA GLU C 165 -10.70 -6.23 -3.98
C GLU C 165 -11.94 -7.04 -3.80
N LEU C 166 -12.55 -6.94 -2.62
CA LEU C 166 -13.76 -7.70 -2.34
C LEU C 166 -14.77 -7.52 -3.45
N GLY C 167 -15.21 -8.62 -4.03
CA GLY C 167 -16.19 -8.58 -5.11
C GLY C 167 -15.60 -8.38 -6.49
N ALA C 168 -14.35 -7.97 -6.56
CA ALA C 168 -13.68 -7.75 -7.84
C ALA C 168 -13.72 -8.95 -8.77
N THR C 169 -13.79 -8.67 -10.07
CA THR C 169 -13.80 -9.71 -11.09
C THR C 169 -12.38 -9.97 -11.56
N VAL C 170 -11.94 -11.21 -11.35
CA VAL C 170 -10.60 -11.63 -11.73
C VAL C 170 -10.65 -12.66 -12.83
N ALA C 171 -9.69 -12.57 -13.73
CA ALA C 171 -9.58 -13.49 -14.83
C ALA C 171 -8.22 -14.17 -14.68
N VAL C 172 -8.22 -15.50 -14.76
CA VAL C 172 -6.97 -16.26 -14.66
C VAL C 172 -6.69 -16.85 -16.03
N LEU C 173 -5.57 -16.48 -16.61
CA LEU C 173 -5.20 -16.98 -17.92
C LEU C 173 -4.26 -18.17 -17.76
N GLY C 174 -4.77 -19.38 -18.01
CA GLY C 174 -3.95 -20.56 -17.89
C GLY C 174 -4.37 -21.34 -16.67
N ILE C 175 -5.11 -22.41 -16.88
CA ILE C 175 -5.59 -23.20 -15.76
C ILE C 175 -4.80 -24.47 -15.47
N GLY C 176 -3.47 -24.37 -15.55
CA GLY C 176 -2.62 -25.50 -15.25
C GLY C 176 -2.62 -25.70 -13.74
N PRO C 177 -1.73 -26.55 -13.18
CA PRO C 177 -1.74 -26.72 -11.73
C PRO C 177 -1.50 -25.40 -11.00
N VAL C 178 -0.69 -24.52 -11.61
CA VAL C 178 -0.40 -23.20 -11.03
C VAL C 178 -1.63 -22.29 -11.16
N GLY C 179 -2.25 -22.31 -12.34
CA GLY C 179 -3.41 -21.50 -12.60
C GLY C 179 -4.55 -21.88 -11.70
N LEU C 180 -4.67 -23.17 -11.44
CA LEU C 180 -5.73 -23.66 -10.57
C LEU C 180 -5.56 -23.08 -9.18
N MET C 181 -4.30 -22.93 -8.74
CA MET C 181 -4.04 -22.36 -7.43
C MET C 181 -4.24 -20.86 -7.45
N ALA C 182 -4.12 -20.26 -8.63
CA ALA C 182 -4.32 -18.83 -8.80
C ALA C 182 -5.81 -18.59 -8.73
N VAL C 183 -6.58 -19.58 -9.14
CA VAL C 183 -8.04 -19.47 -9.10
C VAL C 183 -8.51 -19.55 -7.66
N ALA C 184 -7.86 -20.41 -6.87
CA ALA C 184 -8.19 -20.56 -5.44
C ALA C 184 -7.69 -19.30 -4.71
N GLY C 185 -6.56 -18.79 -5.18
CA GLY C 185 -5.97 -17.61 -4.61
C GLY C 185 -6.91 -16.42 -4.74
N ALA C 186 -7.36 -16.15 -5.95
CA ALA C 186 -8.27 -15.03 -6.18
C ALA C 186 -9.51 -15.15 -5.29
N LYS C 187 -10.06 -16.37 -5.20
CA LYS C 187 -11.23 -16.62 -4.37
C LYS C 187 -10.86 -16.40 -2.90
N LEU C 188 -9.59 -16.61 -2.56
CA LEU C 188 -9.10 -16.41 -1.18
C LEU C 188 -8.86 -14.92 -0.91
N ARG C 189 -8.78 -14.21 -1.95
CA ARG C 189 -8.61 -12.77 -1.76
C ARG C 189 -9.95 -12.03 -1.82
N GLY C 190 -11.04 -12.77 -2.00
CA GLY C 190 -12.39 -12.23 -2.03
C GLY C 190 -12.91 -11.82 -3.40
N ALA C 191 -12.37 -12.46 -4.42
CA ALA C 191 -12.79 -12.17 -5.77
C ALA C 191 -14.24 -12.60 -5.87
N GLY C 192 -14.99 -11.95 -6.75
CA GLY C 192 -16.37 -12.31 -6.92
C GLY C 192 -16.42 -13.26 -8.09
N ARG C 193 -16.68 -12.71 -9.26
CA ARG C 193 -16.71 -13.53 -10.45
C ARG C 193 -15.29 -13.86 -10.86
N ILE C 194 -15.02 -15.14 -11.05
CA ILE C 194 -13.70 -15.56 -11.46
C ILE C 194 -13.80 -16.26 -12.81
N ILE C 195 -13.16 -15.66 -13.82
CA ILE C 195 -13.18 -16.21 -15.15
C ILE C 195 -11.91 -16.99 -15.41
N ALA C 196 -12.06 -18.29 -15.61
CA ALA C 196 -10.90 -19.15 -15.87
C ALA C 196 -10.75 -19.43 -17.36
N VAL C 197 -9.59 -19.11 -17.92
CA VAL C 197 -9.31 -19.34 -19.33
C VAL C 197 -8.51 -20.63 -19.53
N GLY C 198 -9.15 -21.64 -20.11
CA GLY C 198 -8.49 -22.92 -20.34
C GLY C 198 -9.32 -23.88 -21.19
N SER C 199 -8.66 -24.91 -21.73
CA SER C 199 -9.35 -25.88 -22.60
C SER C 199 -9.36 -27.34 -22.11
N ARG C 200 -8.28 -27.78 -21.47
CA ARG C 200 -8.22 -29.16 -20.96
C ARG C 200 -9.35 -29.50 -20.01
N PRO C 201 -10.28 -30.36 -20.43
CA PRO C 201 -11.43 -30.74 -19.59
C PRO C 201 -11.10 -31.13 -18.13
N VAL C 202 -9.97 -31.80 -17.93
CA VAL C 202 -9.57 -32.21 -16.58
C VAL C 202 -9.23 -30.96 -15.77
N CYS C 203 -8.66 -29.96 -16.45
CA CYS C 203 -8.27 -28.71 -15.83
C CYS C 203 -9.47 -27.85 -15.45
N VAL C 204 -10.45 -27.78 -16.35
CA VAL C 204 -11.67 -26.97 -16.13
C VAL C 204 -12.58 -27.51 -15.03
N ASP C 205 -12.62 -28.84 -14.91
CA ASP C 205 -13.44 -29.47 -13.90
C ASP C 205 -12.86 -29.15 -12.51
N ALA C 206 -11.55 -28.93 -12.47
CA ALA C 206 -10.89 -28.58 -11.23
C ALA C 206 -11.15 -27.09 -11.01
N ALA C 207 -10.91 -26.30 -12.05
CA ALA C 207 -11.13 -24.86 -11.99
C ALA C 207 -12.48 -24.53 -11.35
N LYS C 208 -13.51 -25.27 -11.76
CA LYS C 208 -14.84 -25.04 -11.19
C LYS C 208 -14.75 -25.35 -9.72
N TYR C 209 -14.12 -26.47 -9.40
CA TYR C 209 -13.97 -26.89 -8.02
C TYR C 209 -13.26 -25.85 -7.13
N TYR C 210 -12.33 -25.09 -7.71
CA TYR C 210 -11.58 -24.10 -6.94
C TYR C 210 -12.12 -22.66 -7.00
N GLY C 211 -13.31 -22.49 -7.54
CA GLY C 211 -13.89 -21.16 -7.55
C GLY C 211 -14.23 -20.48 -8.86
N ALA C 212 -13.77 -21.04 -9.97
CA ALA C 212 -14.06 -20.46 -11.28
C ALA C 212 -15.58 -20.46 -11.48
N THR C 213 -16.12 -19.36 -11.95
CA THR C 213 -17.55 -19.25 -12.17
C THR C 213 -17.92 -19.23 -13.66
N ASP C 214 -16.90 -19.09 -14.50
CA ASP C 214 -17.10 -19.09 -15.94
C ASP C 214 -15.87 -19.67 -16.58
N ILE C 215 -16.07 -20.56 -17.54
CA ILE C 215 -14.96 -21.18 -18.26
C ILE C 215 -14.88 -20.55 -19.65
N VAL C 216 -13.68 -20.14 -20.04
CA VAL C 216 -13.46 -19.54 -21.35
C VAL C 216 -12.44 -20.33 -22.15
N ASN C 217 -12.94 -21.01 -23.20
CA ASN C 217 -12.11 -21.85 -24.08
C ASN C 217 -11.75 -21.04 -25.35
N TYR C 218 -10.45 -20.88 -25.61
CA TYR C 218 -10.01 -20.10 -26.75
C TYR C 218 -10.54 -20.67 -28.06
N LYS C 219 -10.96 -21.93 -28.01
CA LYS C 219 -11.49 -22.62 -29.18
C LYS C 219 -12.90 -22.13 -29.52
N ASP C 220 -13.34 -21.01 -28.95
CA ASP C 220 -14.67 -20.48 -29.25
C ASP C 220 -14.58 -19.03 -29.68
N GLY C 221 -13.37 -18.58 -29.95
CA GLY C 221 -13.19 -17.21 -30.38
C GLY C 221 -12.05 -16.55 -29.61
N PRO C 222 -11.73 -15.29 -29.93
CA PRO C 222 -10.66 -14.59 -29.22
C PRO C 222 -11.02 -14.43 -27.75
N ILE C 223 -10.06 -14.71 -26.88
CA ILE C 223 -10.31 -14.57 -25.45
C ILE C 223 -10.77 -13.15 -25.16
N GLU C 224 -9.95 -12.16 -25.47
CA GLU C 224 -10.30 -10.76 -25.22
C GLU C 224 -11.73 -10.41 -25.59
N SER C 225 -12.15 -10.81 -26.78
CA SER C 225 -13.51 -10.54 -27.20
C SER C 225 -14.56 -11.28 -26.35
N GLN C 226 -14.26 -12.48 -25.88
CA GLN C 226 -15.19 -13.23 -25.05
C GLN C 226 -15.32 -12.59 -23.66
N ILE C 227 -14.19 -12.35 -22.99
CA ILE C 227 -14.24 -11.73 -21.67
C ILE C 227 -14.98 -10.41 -21.77
N MET C 228 -14.74 -9.66 -22.83
CA MET C 228 -15.44 -8.39 -22.99
C MET C 228 -16.95 -8.62 -23.01
N ASN C 229 -17.41 -9.71 -23.64
CA ASN C 229 -18.86 -9.97 -23.70
C ASN C 229 -19.41 -10.38 -22.35
N LEU C 230 -18.71 -11.28 -21.67
CA LEU C 230 -19.14 -11.75 -20.37
C LEU C 230 -19.27 -10.60 -19.37
N THR C 231 -18.44 -9.57 -19.55
CA THR C 231 -18.43 -8.40 -18.67
C THR C 231 -19.02 -7.15 -19.31
N GLU C 232 -20.06 -7.28 -20.14
CA GLU C 232 -20.65 -6.11 -20.77
C GLU C 232 -19.63 -5.06 -21.21
N GLY C 233 -18.47 -5.50 -21.66
CA GLY C 233 -17.47 -4.56 -22.12
C GLY C 233 -16.74 -3.82 -21.02
N LYS C 234 -17.00 -4.18 -19.78
CA LYS C 234 -16.34 -3.53 -18.66
C LYS C 234 -14.92 -4.08 -18.48
N GLY C 235 -14.71 -5.35 -18.79
CA GLY C 235 -13.40 -5.93 -18.61
C GLY C 235 -13.31 -6.52 -17.22
N VAL C 236 -12.15 -7.02 -16.83
CA VAL C 236 -11.99 -7.58 -15.49
C VAL C 236 -11.22 -6.59 -14.63
N ASP C 237 -11.29 -6.77 -13.31
CA ASP C 237 -10.56 -5.89 -12.40
C ASP C 237 -9.10 -6.31 -12.30
N ALA C 238 -8.81 -7.54 -12.69
CA ALA C 238 -7.44 -8.06 -12.64
C ALA C 238 -7.33 -9.36 -13.44
N ALA C 239 -6.16 -9.61 -14.01
CA ALA C 239 -5.93 -10.82 -14.75
C ALA C 239 -4.65 -11.48 -14.27
N ILE C 240 -4.73 -12.74 -13.85
CA ILE C 240 -3.53 -13.46 -13.41
C ILE C 240 -3.06 -14.36 -14.56
N ILE C 241 -1.78 -14.25 -14.91
CA ILE C 241 -1.19 -15.06 -15.95
C ILE C 241 -0.47 -16.24 -15.27
N ALA C 242 -0.96 -17.45 -15.55
CA ALA C 242 -0.37 -18.66 -14.96
C ALA C 242 0.09 -19.65 -16.04
N GLY C 243 0.14 -19.18 -17.28
CA GLY C 243 0.57 -20.01 -18.38
C GLY C 243 0.37 -19.31 -19.71
N GLY C 244 0.90 -19.90 -20.78
CA GLY C 244 0.76 -19.30 -22.11
C GLY C 244 2.16 -18.94 -22.60
N ASN C 245 2.25 -18.26 -23.74
CA ASN C 245 3.57 -17.83 -24.14
C ASN C 245 3.45 -16.29 -24.27
N ALA C 246 4.57 -15.60 -24.44
CA ALA C 246 4.62 -14.14 -24.59
C ALA C 246 3.31 -13.44 -24.96
N ASP C 247 2.57 -13.96 -25.94
CA ASP C 247 1.30 -13.32 -26.37
C ASP C 247 0.37 -12.97 -25.27
N ILE C 248 0.23 -13.96 -24.37
CA ILE C 248 -0.74 -13.84 -23.35
C ILE C 248 -0.69 -12.50 -22.60
N MET C 249 0.49 -11.89 -22.53
CA MET C 249 0.63 -10.59 -21.85
C MET C 249 -0.26 -9.57 -22.56
N ALA C 250 -0.38 -9.69 -23.87
CA ALA C 250 -1.21 -8.78 -24.66
C ALA C 250 -2.67 -9.00 -24.32
N THR C 251 -3.06 -10.26 -24.20
CA THR C 251 -4.44 -10.61 -23.84
C THR C 251 -4.73 -9.88 -22.53
N ALA C 252 -3.90 -10.20 -21.53
CA ALA C 252 -4.02 -9.64 -20.21
C ALA C 252 -4.28 -8.15 -20.21
N VAL C 253 -3.35 -7.38 -20.74
CA VAL C 253 -3.49 -5.94 -20.80
C VAL C 253 -4.75 -5.48 -21.51
N LYS C 254 -5.26 -6.31 -22.41
CA LYS C 254 -6.46 -5.95 -23.16
C LYS C 254 -7.78 -6.18 -22.42
N ILE C 255 -7.82 -7.18 -21.53
CA ILE C 255 -9.04 -7.49 -20.80
C ILE C 255 -9.21 -6.71 -19.51
N VAL C 256 -8.10 -6.25 -18.94
CA VAL C 256 -8.14 -5.50 -17.69
C VAL C 256 -8.62 -4.05 -17.93
N LYS C 257 -9.37 -3.52 -16.98
CA LYS C 257 -9.90 -2.15 -17.05
C LYS C 257 -8.80 -1.18 -16.70
N PRO C 258 -8.97 0.10 -17.06
CA PRO C 258 -7.98 1.11 -16.73
C PRO C 258 -7.96 1.13 -15.21
N GLY C 259 -6.77 1.09 -14.59
CA GLY C 259 -6.66 1.08 -13.15
C GLY C 259 -6.51 -0.32 -12.58
N GLY C 260 -6.71 -1.33 -13.42
CA GLY C 260 -6.58 -2.70 -12.96
C GLY C 260 -5.15 -3.18 -12.91
N THR C 261 -4.94 -4.41 -12.46
CA THR C 261 -3.60 -4.96 -12.38
C THR C 261 -3.44 -6.26 -13.17
N ILE C 262 -2.27 -6.40 -13.81
CA ILE C 262 -1.93 -7.59 -14.55
C ILE C 262 -0.85 -8.27 -13.73
N ALA C 263 -1.21 -9.32 -12.99
CA ALA C 263 -0.25 -10.04 -12.17
C ALA C 263 0.23 -11.29 -12.90
N ASN C 264 1.56 -11.45 -13.03
CA ASN C 264 2.12 -12.62 -13.70
C ASN C 264 3.00 -13.51 -12.81
N VAL C 265 2.83 -14.82 -12.92
CA VAL C 265 3.64 -15.76 -12.15
C VAL C 265 4.09 -16.86 -13.07
N ASN C 266 3.85 -16.64 -14.36
CA ASN C 266 4.20 -17.61 -15.38
C ASN C 266 5.67 -17.50 -15.77
N TYR C 267 6.26 -18.63 -16.18
CA TYR C 267 7.64 -18.65 -16.59
C TYR C 267 7.79 -18.66 -18.10
N PHE C 268 7.97 -17.49 -18.69
CA PHE C 268 8.13 -17.39 -20.14
C PHE C 268 9.57 -17.74 -20.52
N GLY C 269 9.73 -18.62 -21.52
CA GLY C 269 11.04 -19.03 -21.96
C GLY C 269 11.49 -18.69 -23.37
N GLU C 270 10.46 -18.26 -24.19
CA GLU C 270 10.90 -18.03 -25.50
C GLU C 270 10.86 -16.60 -25.81
N GLY C 271 11.11 -16.37 -27.08
CA GLY C 271 11.26 -15.01 -27.49
C GLY C 271 12.18 -14.24 -26.52
N GLU C 272 12.26 -12.92 -26.74
CA GLU C 272 13.11 -12.09 -25.88
C GLU C 272 12.38 -10.80 -25.52
N VAL C 273 11.11 -10.72 -25.85
CA VAL C 273 10.32 -9.53 -25.54
C VAL C 273 8.88 -9.89 -25.27
N LEU C 274 8.37 -9.48 -24.10
CA LEU C 274 7.00 -9.77 -23.75
C LEU C 274 6.13 -8.60 -24.21
N PRO C 275 5.13 -8.89 -25.08
CA PRO C 275 4.16 -7.95 -25.66
C PRO C 275 3.30 -7.17 -24.67
N VAL C 276 3.36 -5.85 -24.79
CA VAL C 276 2.53 -4.96 -23.97
C VAL C 276 1.94 -3.97 -24.98
N PRO C 277 0.72 -4.23 -25.44
CA PRO C 277 0.01 -3.39 -26.41
C PRO C 277 -0.14 -1.95 -25.98
N ARG C 278 0.58 -1.04 -26.63
CA ARG C 278 0.50 0.37 -26.27
C ARG C 278 -0.92 0.91 -26.35
N LEU C 279 -1.64 0.59 -27.43
CA LEU C 279 -3.01 1.10 -27.61
C LEU C 279 -3.86 0.82 -26.38
N GLU C 280 -4.19 -0.45 -26.15
CA GLU C 280 -5.01 -0.79 -24.98
C GLU C 280 -4.28 -0.69 -23.65
N TRP C 281 -3.09 -0.09 -23.66
CA TRP C 281 -2.34 0.10 -22.42
C TRP C 281 -2.33 1.62 -22.21
N GLY C 282 -3.35 2.26 -22.80
CA GLY C 282 -3.52 3.68 -22.69
C GLY C 282 -2.38 4.50 -23.26
N CYS C 283 -1.60 3.90 -24.16
CA CYS C 283 -0.45 4.57 -24.78
C CYS C 283 0.57 4.91 -23.66
N GLY C 284 0.53 4.11 -22.59
CA GLY C 284 1.42 4.31 -21.45
C GLY C 284 0.76 5.15 -20.35
N MET C 285 -0.56 5.08 -20.22
CA MET C 285 -1.25 5.89 -19.23
C MET C 285 -2.59 5.39 -18.65
N ALA C 286 -3.03 4.20 -19.04
CA ALA C 286 -4.30 3.67 -18.55
C ALA C 286 -4.20 3.00 -17.18
N HIS C 287 -3.16 3.36 -16.42
CA HIS C 287 -2.95 2.79 -15.09
C HIS C 287 -3.19 1.29 -14.95
N LYS C 288 -2.74 0.51 -15.91
CA LYS C 288 -2.89 -0.94 -15.84
C LYS C 288 -1.57 -1.53 -15.38
N THR C 289 -1.28 -1.42 -14.09
CA THR C 289 -0.02 -1.93 -13.52
C THR C 289 0.27 -3.40 -13.86
N ILE C 290 1.51 -3.66 -14.29
CA ILE C 290 1.94 -5.02 -14.63
C ILE C 290 2.97 -5.55 -13.63
N LYS C 291 2.62 -6.68 -12.99
CA LYS C 291 3.48 -7.31 -11.99
C LYS C 291 3.87 -8.71 -12.40
N GLY C 292 5.00 -9.17 -11.87
CA GLY C 292 5.48 -10.51 -12.21
C GLY C 292 6.65 -10.95 -11.33
N GLY C 293 6.49 -11.99 -10.57
CA GLY C 293 7.55 -12.40 -9.67
C GLY C 293 7.54 -13.83 -9.24
N LEU C 294 8.75 -14.26 -8.87
CA LEU C 294 9.02 -15.58 -8.38
C LEU C 294 8.23 -15.79 -7.10
N CYS C 295 7.67 -16.98 -6.94
CA CYS C 295 6.88 -17.28 -5.76
C CYS C 295 7.71 -17.22 -4.47
N PRO C 296 7.13 -16.66 -3.40
CA PRO C 296 7.87 -16.58 -2.13
C PRO C 296 8.11 -18.00 -1.60
N GLY C 297 9.16 -18.13 -0.78
CA GLY C 297 9.51 -19.40 -0.18
C GLY C 297 9.87 -19.15 1.27
N GLY C 298 10.55 -20.09 1.93
CA GLY C 298 10.91 -19.89 3.32
C GLY C 298 9.88 -20.50 4.25
N ARG C 299 10.27 -20.67 5.50
CA ARG C 299 9.42 -21.28 6.52
C ARG C 299 8.08 -20.59 6.73
N LEU C 300 8.11 -19.28 6.98
CA LEU C 300 6.92 -18.52 7.22
C LEU C 300 5.94 -18.70 6.08
N ARG C 301 6.40 -18.47 4.87
CA ARG C 301 5.53 -18.64 3.73
C ARG C 301 4.86 -20.00 3.79
N MET C 302 5.66 -21.05 3.97
CA MET C 302 5.10 -22.40 4.04
C MET C 302 4.14 -22.53 5.20
N GLU C 303 4.53 -21.98 6.35
CA GLU C 303 3.69 -22.07 7.52
C GLU C 303 2.30 -21.56 7.17
N ARG C 304 2.24 -20.34 6.64
CA ARG C 304 0.98 -19.71 6.25
C ARG C 304 0.10 -20.62 5.41
N LEU C 305 0.62 -21.15 4.32
CA LEU C 305 -0.18 -22.04 3.48
C LEU C 305 -0.48 -23.37 4.19
N ILE C 306 0.41 -23.80 5.08
CA ILE C 306 0.14 -25.04 5.79
C ILE C 306 -1.14 -24.84 6.59
N ASP C 307 -1.29 -23.64 7.16
CA ASP C 307 -2.49 -23.29 7.93
C ASP C 307 -3.73 -23.20 7.06
N LEU C 308 -3.56 -22.70 5.83
CA LEU C 308 -4.71 -22.61 4.95
C LEU C 308 -5.32 -23.99 4.75
N VAL C 309 -4.48 -24.99 4.51
CA VAL C 309 -4.99 -26.33 4.31
C VAL C 309 -5.47 -26.88 5.64
N PHE C 310 -4.70 -26.64 6.70
CA PHE C 310 -5.05 -27.15 8.00
C PHE C 310 -6.46 -26.75 8.40
N TYR C 311 -6.84 -25.52 8.04
CA TYR C 311 -8.15 -24.98 8.37
C TYR C 311 -9.21 -25.11 7.28
N LYS C 312 -9.07 -26.16 6.49
CA LYS C 312 -10.00 -26.45 5.40
C LYS C 312 -10.36 -25.20 4.62
N ARG C 313 -9.36 -24.34 4.41
CA ARG C 313 -9.52 -23.10 3.65
C ARG C 313 -9.46 -23.51 2.17
N VAL C 314 -8.53 -24.40 1.85
CA VAL C 314 -8.37 -24.91 0.49
C VAL C 314 -7.75 -26.30 0.50
N ASP C 315 -8.12 -27.12 -0.49
CA ASP C 315 -7.59 -28.48 -0.59
C ASP C 315 -6.88 -28.78 -1.91
N PRO C 316 -5.54 -28.88 -1.86
CA PRO C 316 -4.69 -29.16 -3.02
C PRO C 316 -4.80 -30.59 -3.53
N SER C 317 -5.53 -31.42 -2.81
CA SER C 317 -5.71 -32.80 -3.22
C SER C 317 -6.09 -32.93 -4.71
N LYS C 318 -7.10 -32.16 -5.13
CA LYS C 318 -7.56 -32.20 -6.51
C LYS C 318 -6.51 -31.92 -7.56
N LEU C 319 -5.35 -31.43 -7.15
CA LEU C 319 -4.26 -31.17 -8.11
C LEU C 319 -3.55 -32.50 -8.43
N VAL C 320 -3.46 -33.38 -7.42
CA VAL C 320 -2.84 -34.70 -7.59
C VAL C 320 -3.80 -35.63 -8.35
N THR C 321 -3.41 -36.02 -9.56
CA THR C 321 -4.23 -36.91 -10.38
C THR C 321 -3.60 -38.31 -10.41
N HIS C 322 -2.26 -38.37 -10.30
CA HIS C 322 -1.57 -39.67 -10.25
C HIS C 322 -0.59 -39.84 -9.03
N VAL C 323 -0.72 -40.93 -8.31
CA VAL C 323 0.09 -41.35 -7.11
C VAL C 323 0.88 -42.66 -7.33
N PHE C 324 2.21 -42.53 -7.29
CA PHE C 324 3.12 -43.67 -7.51
C PHE C 324 3.89 -44.00 -6.23
N ARG C 325 4.63 -45.11 -6.24
CA ARG C 325 5.42 -45.51 -5.07
C ARG C 325 6.88 -45.83 -5.38
N GLY C 326 7.76 -45.58 -4.40
CA GLY C 326 9.20 -45.86 -4.56
C GLY C 326 9.96 -45.02 -5.57
N PHE C 327 11.20 -44.65 -5.22
CA PHE C 327 12.06 -43.84 -6.08
C PHE C 327 11.96 -44.12 -7.58
N ASP C 328 12.04 -45.41 -7.94
CA ASP C 328 11.98 -45.82 -9.35
C ASP C 328 10.93 -45.05 -10.15
N ASN C 329 9.76 -44.85 -9.54
CA ASN C 329 8.67 -44.13 -10.20
C ASN C 329 8.90 -42.64 -10.41
N ILE C 330 9.90 -42.09 -9.73
CA ILE C 330 10.24 -40.68 -9.86
C ILE C 330 10.55 -40.41 -11.34
N GLU C 331 10.93 -41.46 -12.07
CA GLU C 331 11.26 -41.32 -13.49
C GLU C 331 10.00 -41.41 -14.34
N LYS C 332 9.13 -42.36 -14.02
CA LYS C 332 7.89 -42.52 -14.78
C LYS C 332 7.08 -41.25 -14.58
N ALA C 333 7.11 -40.74 -13.35
CA ALA C 333 6.41 -39.52 -13.00
C ALA C 333 7.04 -38.35 -13.76
N PHE C 334 8.37 -38.36 -13.85
CA PHE C 334 9.06 -37.29 -14.56
C PHE C 334 8.59 -37.26 -16.01
N MET C 335 8.72 -38.41 -16.69
CA MET C 335 8.32 -38.50 -18.09
C MET C 335 6.86 -38.07 -18.27
N LEU C 336 6.00 -38.61 -17.40
CA LEU C 336 4.57 -38.32 -17.42
C LEU C 336 4.30 -36.82 -17.54
N MET C 337 5.20 -36.01 -16.96
CA MET C 337 5.08 -34.54 -17.00
C MET C 337 5.42 -33.98 -18.40
N LYS C 338 6.31 -34.70 -19.09
CA LYS C 338 6.73 -34.28 -20.43
C LYS C 338 5.56 -34.35 -21.40
N ASP C 339 4.91 -35.51 -21.42
CA ASP C 339 3.75 -35.76 -22.29
C ASP C 339 2.44 -35.74 -21.49
N LYS C 340 1.93 -34.54 -21.24
CA LYS C 340 0.71 -34.41 -20.45
C LYS C 340 -0.54 -35.16 -20.94
N PRO C 341 -0.85 -36.31 -20.33
CA PRO C 341 -2.03 -37.09 -20.69
C PRO C 341 -3.27 -36.23 -20.38
N LYS C 342 -4.35 -36.40 -21.14
CA LYS C 342 -5.57 -35.60 -20.93
C LYS C 342 -6.24 -35.78 -19.54
N ASP C 343 -5.68 -36.65 -18.71
CA ASP C 343 -6.23 -36.89 -17.38
C ASP C 343 -5.23 -36.50 -16.29
N LEU C 344 -4.11 -35.89 -16.70
CA LEU C 344 -3.06 -35.49 -15.76
C LEU C 344 -2.95 -33.98 -15.47
N ILE C 345 -2.75 -33.69 -14.19
CA ILE C 345 -2.55 -32.34 -13.70
C ILE C 345 -1.20 -32.35 -13.01
N LYS C 346 -1.11 -33.05 -11.88
CA LYS C 346 0.13 -33.09 -11.11
C LYS C 346 0.30 -34.49 -10.51
N PRO C 347 1.37 -35.20 -10.92
CA PRO C 347 1.69 -36.56 -10.44
C PRO C 347 2.52 -36.48 -9.14
N VAL C 348 2.27 -37.38 -8.20
CA VAL C 348 3.07 -37.38 -6.98
C VAL C 348 3.46 -38.81 -6.60
N VAL C 349 4.73 -39.00 -6.25
CA VAL C 349 5.20 -40.31 -5.85
C VAL C 349 5.42 -40.33 -4.37
N ILE C 350 4.72 -41.27 -3.73
CA ILE C 350 4.80 -41.38 -2.31
C ILE C 350 5.81 -42.40 -1.83
N LEU C 351 6.56 -41.92 -0.83
CA LEU C 351 7.57 -42.62 -0.06
C LEU C 351 8.94 -42.76 -0.66
N ALA C 352 9.55 -41.75 -1.08
CA ALA C 352 10.86 -41.97 -1.65
C ALA C 352 11.64 -40.69 -1.97
N MET D 1 -16.06 34.64 -30.58
CA MET D 1 -14.86 34.38 -29.72
C MET D 1 -13.71 33.91 -30.59
N LYS D 2 -12.54 34.49 -30.39
CA LYS D 2 -11.36 34.12 -31.21
C LYS D 2 -10.61 32.99 -30.49
N GLY D 3 -9.98 32.11 -31.26
CA GLY D 3 -9.25 31.01 -30.64
C GLY D 3 -8.37 30.24 -31.62
N PHE D 4 -7.12 30.01 -31.23
CA PHE D 4 -6.20 29.27 -32.07
C PHE D 4 -6.55 27.78 -31.99
N ALA D 5 -6.88 27.16 -33.13
CA ALA D 5 -7.28 25.75 -33.10
C ALA D 5 -6.69 24.82 -34.17
N MET D 6 -7.12 23.56 -34.11
CA MET D 6 -6.69 22.53 -35.06
C MET D 6 -7.79 22.41 -36.11
N LEU D 7 -7.47 22.77 -37.35
CA LEU D 7 -8.46 22.71 -38.41
C LEU D 7 -8.67 21.25 -38.79
N SER D 8 -7.57 20.58 -39.04
CA SER D 8 -7.58 19.18 -39.43
C SER D 8 -6.14 18.76 -39.25
N ILE D 9 -5.87 17.46 -39.30
CA ILE D 9 -4.49 17.00 -39.12
C ILE D 9 -3.51 17.78 -39.99
N GLY D 10 -2.44 18.23 -39.35
CA GLY D 10 -1.42 18.99 -40.04
C GLY D 10 -1.77 20.44 -40.32
N LYS D 11 -2.99 20.86 -39.96
CA LYS D 11 -3.41 22.24 -40.23
C LYS D 11 -3.99 22.97 -39.03
N VAL D 12 -3.39 24.11 -38.69
CA VAL D 12 -3.88 24.91 -37.57
C VAL D 12 -4.12 26.34 -38.05
N GLY D 13 -4.75 27.14 -37.20
CA GLY D 13 -5.03 28.53 -37.54
C GLY D 13 -6.16 29.03 -36.68
N TRP D 14 -6.27 30.33 -36.52
CA TRP D 14 -7.33 30.89 -35.69
C TRP D 14 -8.71 30.69 -36.30
N ILE D 15 -9.70 30.55 -35.44
CA ILE D 15 -11.08 30.40 -35.85
C ILE D 15 -11.95 31.14 -34.85
N GLU D 16 -13.24 31.20 -35.13
CA GLU D 16 -14.15 31.87 -34.22
C GLU D 16 -15.34 31.00 -33.96
N LYS D 17 -15.63 30.84 -32.67
CA LYS D 17 -16.74 30.02 -32.22
C LYS D 17 -17.55 30.90 -31.30
N GLU D 18 -18.72 30.42 -30.93
CA GLU D 18 -19.54 31.18 -30.05
C GLU D 18 -19.05 30.95 -28.61
N LYS D 19 -19.10 32.02 -27.81
CA LYS D 19 -18.65 31.96 -26.41
C LYS D 19 -19.50 30.94 -25.66
N PRO D 20 -18.85 29.91 -25.05
CA PRO D 20 -19.48 28.83 -24.29
C PRO D 20 -20.39 29.31 -23.19
N ALA D 21 -21.42 28.52 -22.92
CA ALA D 21 -22.39 28.85 -21.88
C ALA D 21 -22.22 27.84 -20.75
N PRO D 22 -22.04 28.35 -19.53
CA PRO D 22 -21.86 27.48 -18.38
C PRO D 22 -23.15 26.72 -18.03
N GLY D 23 -22.97 25.46 -17.63
CA GLY D 23 -24.11 24.65 -17.20
C GLY D 23 -24.29 25.04 -15.76
N PRO D 24 -25.34 24.59 -15.08
CA PRO D 24 -25.46 24.99 -13.68
C PRO D 24 -24.21 24.75 -12.83
N PHE D 25 -23.39 23.78 -13.20
CA PHE D 25 -22.19 23.49 -12.40
C PHE D 25 -20.83 23.87 -13.02
N ASP D 26 -20.85 24.44 -14.22
CA ASP D 26 -19.60 24.82 -14.86
C ASP D 26 -19.18 26.29 -14.67
N ALA D 27 -18.08 26.67 -15.30
CA ALA D 27 -17.58 28.03 -15.23
C ALA D 27 -16.95 28.41 -16.54
N ILE D 28 -16.93 29.71 -16.83
CA ILE D 28 -16.32 30.22 -18.04
C ILE D 28 -15.11 30.99 -17.57
N VAL D 29 -13.95 30.60 -18.09
CA VAL D 29 -12.72 31.23 -17.67
C VAL D 29 -12.02 31.98 -18.79
N ARG D 30 -11.45 33.11 -18.43
CA ARG D 30 -10.72 33.94 -19.39
C ARG D 30 -9.24 33.69 -19.06
N PRO D 31 -8.49 33.08 -19.98
CA PRO D 31 -7.07 32.79 -19.75
C PRO D 31 -6.27 34.02 -19.39
N LEU D 32 -5.28 33.83 -18.50
CA LEU D 32 -4.40 34.91 -18.11
C LEU D 32 -3.00 34.54 -18.55
N ALA D 33 -2.78 33.25 -18.75
CA ALA D 33 -1.49 32.73 -19.18
C ALA D 33 -1.76 31.33 -19.67
N VAL D 34 -1.03 30.90 -20.69
CA VAL D 34 -1.21 29.56 -21.22
C VAL D 34 0.11 29.08 -21.78
N ALA D 35 0.19 27.81 -22.13
CA ALA D 35 1.42 27.23 -22.67
C ALA D 35 1.17 26.05 -23.60
N PRO D 36 1.94 25.95 -24.69
CA PRO D 36 1.84 24.89 -25.67
C PRO D 36 2.50 23.62 -25.14
N CYS D 37 1.95 22.48 -25.51
CA CYS D 37 2.49 21.20 -25.06
C CYS D 37 2.89 20.39 -26.26
N THR D 38 3.98 19.66 -26.14
CA THR D 38 4.43 18.84 -27.26
C THR D 38 3.31 17.93 -27.73
N SER D 39 2.34 17.69 -26.85
CA SER D 39 1.22 16.81 -27.18
C SER D 39 0.31 17.45 -28.21
N ASP D 40 0.16 18.78 -28.14
CA ASP D 40 -0.66 19.47 -29.12
C ASP D 40 -0.02 19.22 -30.49
N ILE D 41 1.28 19.47 -30.56
CA ILE D 41 2.03 19.25 -31.80
C ILE D 41 1.71 17.90 -32.41
N HIS D 42 1.89 16.85 -31.62
CA HIS D 42 1.62 15.49 -32.09
C HIS D 42 0.13 15.32 -32.43
N THR D 43 -0.74 15.90 -31.61
CA THR D 43 -2.17 15.79 -31.84
C THR D 43 -2.56 16.41 -33.17
N VAL D 44 -1.84 17.44 -33.56
CA VAL D 44 -2.11 18.13 -34.80
C VAL D 44 -1.32 17.57 -35.97
N PHE D 45 0.00 17.62 -35.84
CA PHE D 45 0.88 17.15 -36.91
C PHE D 45 1.16 15.66 -36.96
N GLU D 46 0.47 14.89 -36.12
CA GLU D 46 0.67 13.44 -36.07
C GLU D 46 -0.58 12.68 -35.63
N GLY D 47 -1.71 13.41 -35.58
CA GLY D 47 -2.98 12.81 -35.18
C GLY D 47 -2.84 11.76 -34.11
N ALA D 48 -2.03 12.06 -33.11
CA ALA D 48 -1.79 11.14 -32.00
C ALA D 48 -3.08 10.70 -31.31
N ILE D 49 -4.16 11.49 -31.50
CA ILE D 49 -5.44 11.16 -30.90
C ILE D 49 -6.58 11.10 -31.91
N GLY D 50 -6.23 10.96 -33.17
CA GLY D 50 -7.27 10.87 -34.19
C GLY D 50 -7.55 12.16 -34.92
N GLU D 51 -8.46 12.04 -35.89
CA GLU D 51 -8.87 13.16 -36.73
C GLU D 51 -9.75 14.10 -35.94
N ARG D 52 -9.42 15.40 -35.97
CA ARG D 52 -10.19 16.38 -35.23
C ARG D 52 -10.38 17.58 -36.14
N HIS D 53 -11.57 18.17 -36.10
CA HIS D 53 -11.82 19.35 -36.95
C HIS D 53 -12.25 20.67 -36.16
N ASN D 54 -11.54 21.78 -36.26
CA ASN D 54 -11.99 23.05 -35.60
C ASN D 54 -12.00 22.85 -34.07
N MET D 55 -11.02 22.25 -33.55
CA MET D 55 -10.79 21.97 -32.07
C MET D 55 -9.75 22.90 -31.50
N ILE D 56 -10.18 23.88 -30.71
CA ILE D 56 -9.24 24.82 -30.13
C ILE D 56 -8.24 24.02 -29.29
N LEU D 57 -6.95 24.31 -29.47
CA LEU D 57 -5.90 23.58 -28.77
C LEU D 57 -5.52 24.12 -27.39
N GLY D 58 -4.55 23.48 -26.76
CA GLY D 58 -4.09 23.91 -25.46
C GLY D 58 -4.88 23.33 -24.29
N HIS D 59 -4.19 22.96 -23.22
CA HIS D 59 -4.85 22.41 -22.06
C HIS D 59 -4.21 22.88 -20.75
N GLU D 60 -3.15 23.66 -20.86
CA GLU D 60 -2.45 24.20 -19.69
C GLU D 60 -2.75 25.67 -19.60
N ALA D 61 -3.69 26.05 -18.74
CA ALA D 61 -4.03 27.45 -18.62
C ALA D 61 -4.27 27.93 -17.22
N VAL D 62 -4.04 29.22 -17.02
CA VAL D 62 -4.26 29.90 -15.76
C VAL D 62 -5.17 31.04 -16.20
N GLY D 63 -6.22 31.35 -15.45
CA GLY D 63 -7.07 32.42 -15.90
C GLY D 63 -8.01 33.04 -14.89
N GLU D 64 -8.95 33.84 -15.40
CA GLU D 64 -9.91 34.48 -14.54
C GLU D 64 -11.32 34.04 -14.85
N VAL D 65 -12.02 33.61 -13.80
CA VAL D 65 -13.39 33.16 -13.92
C VAL D 65 -14.22 34.35 -14.34
N VAL D 66 -14.86 34.28 -15.50
CA VAL D 66 -15.70 35.40 -15.94
C VAL D 66 -17.19 35.14 -15.72
N GLU D 67 -17.58 33.88 -15.68
CA GLU D 67 -18.98 33.53 -15.46
C GLU D 67 -19.13 32.11 -14.90
N VAL D 68 -19.98 31.98 -13.90
CA VAL D 68 -20.20 30.68 -13.27
C VAL D 68 -21.67 30.26 -13.36
N GLY D 69 -21.89 28.95 -13.30
CA GLY D 69 -23.23 28.41 -13.36
C GLY D 69 -23.99 28.66 -12.08
N SER D 70 -25.31 28.53 -12.12
CA SER D 70 -26.11 28.78 -10.94
C SER D 70 -25.74 27.94 -9.73
N GLU D 71 -25.17 26.76 -9.96
CA GLU D 71 -24.82 25.88 -8.85
C GLU D 71 -23.39 25.95 -8.34
N VAL D 72 -22.53 26.72 -9.00
CA VAL D 72 -21.16 26.84 -8.55
C VAL D 72 -21.20 27.59 -7.23
N LYS D 73 -20.36 27.23 -6.26
CA LYS D 73 -20.41 27.93 -4.99
C LYS D 73 -19.07 28.41 -4.47
N ASP D 74 -17.98 27.88 -5.00
CA ASP D 74 -16.66 28.27 -4.54
C ASP D 74 -15.93 29.21 -5.49
N PHE D 75 -16.53 29.47 -6.64
CA PHE D 75 -15.90 30.36 -7.60
C PHE D 75 -16.91 31.40 -8.07
N LYS D 76 -16.43 32.64 -8.22
CA LYS D 76 -17.22 33.77 -8.66
C LYS D 76 -16.45 34.51 -9.74
N PRO D 77 -17.15 35.32 -10.55
CA PRO D 77 -16.45 36.07 -11.61
C PRO D 77 -15.36 36.93 -10.98
N GLY D 78 -14.20 36.98 -11.60
CA GLY D 78 -13.11 37.78 -11.08
C GLY D 78 -12.04 36.98 -10.37
N ASP D 79 -12.35 35.73 -10.00
CA ASP D 79 -11.39 34.89 -9.33
C ASP D 79 -10.28 34.39 -10.22
N ARG D 80 -9.06 34.43 -9.70
CA ARG D 80 -7.89 33.94 -10.41
C ARG D 80 -7.80 32.46 -10.05
N VAL D 81 -7.66 31.60 -11.04
CA VAL D 81 -7.59 30.15 -10.79
C VAL D 81 -6.62 29.41 -11.70
N VAL D 82 -6.09 28.30 -11.20
CA VAL D 82 -5.20 27.44 -11.98
C VAL D 82 -6.17 26.37 -12.47
N VAL D 83 -6.09 26.00 -13.76
CA VAL D 83 -6.99 25.01 -14.34
C VAL D 83 -6.25 23.76 -14.77
N PRO D 84 -6.53 22.62 -14.13
CA PRO D 84 -5.89 21.33 -14.43
C PRO D 84 -6.10 20.84 -15.86
N ALA D 85 -5.10 20.20 -16.45
CA ALA D 85 -5.24 19.65 -17.80
C ALA D 85 -6.38 18.63 -17.74
N ILE D 86 -6.37 17.80 -16.71
CA ILE D 86 -7.42 16.81 -16.52
C ILE D 86 -8.57 17.42 -15.70
N THR D 87 -9.75 17.45 -16.32
CA THR D 87 -10.97 18.00 -15.71
C THR D 87 -12.10 16.99 -15.93
N PRO D 88 -12.10 15.93 -15.13
CA PRO D 88 -13.07 14.83 -15.18
C PRO D 88 -14.48 15.18 -14.82
N ASP D 89 -15.33 14.16 -14.95
CA ASP D 89 -16.72 14.23 -14.55
C ASP D 89 -16.72 13.39 -13.27
N TRP D 90 -16.66 14.06 -12.12
CA TRP D 90 -16.59 13.34 -10.87
C TRP D 90 -17.69 12.39 -10.48
N ARG D 91 -18.77 12.35 -11.24
CA ARG D 91 -19.85 11.43 -10.91
C ARG D 91 -19.89 10.17 -11.78
N THR D 92 -18.75 9.50 -11.85
CA THR D 92 -18.66 8.31 -12.65
C THR D 92 -18.25 7.12 -11.77
N SER D 93 -18.20 5.92 -12.37
CA SER D 93 -17.84 4.71 -11.66
C SER D 93 -16.37 4.70 -11.27
N GLU D 94 -15.51 4.83 -12.28
CA GLU D 94 -14.07 4.84 -12.07
C GLU D 94 -13.63 5.84 -10.98
N VAL D 95 -14.48 6.83 -10.71
CA VAL D 95 -14.17 7.80 -9.68
C VAL D 95 -14.34 7.12 -8.32
N GLN D 96 -15.15 6.06 -8.30
CA GLN D 96 -15.33 5.32 -7.07
C GLN D 96 -14.21 4.26 -6.96
N ARG D 97 -13.61 3.90 -8.09
CA ARG D 97 -12.50 2.93 -8.10
C ARG D 97 -11.20 3.66 -7.76
N GLY D 98 -11.26 4.99 -7.75
CA GLY D 98 -10.09 5.78 -7.43
C GLY D 98 -9.26 6.26 -8.60
N TYR D 99 -9.82 6.23 -9.82
CA TYR D 99 -9.09 6.71 -11.02
C TYR D 99 -9.87 7.75 -11.82
N HIS D 100 -9.90 8.99 -11.33
CA HIS D 100 -10.61 10.05 -12.02
C HIS D 100 -9.99 10.33 -13.38
N GLN D 101 -8.73 9.94 -13.57
CA GLN D 101 -8.12 10.19 -14.87
C GLN D 101 -8.89 9.46 -15.96
N HIS D 102 -9.55 8.36 -15.59
CA HIS D 102 -10.29 7.58 -16.56
C HIS D 102 -11.79 7.60 -16.28
N SER D 103 -12.27 8.74 -15.82
CA SER D 103 -13.68 8.92 -15.51
C SER D 103 -14.52 8.94 -16.80
N GLY D 104 -15.17 7.82 -17.07
CA GLY D 104 -16.01 7.72 -18.24
C GLY D 104 -15.28 7.13 -19.43
N GLY D 105 -14.10 6.57 -19.19
CA GLY D 105 -13.33 5.99 -20.27
C GLY D 105 -11.84 6.12 -20.05
N MET D 106 -11.06 5.33 -20.79
CA MET D 106 -9.60 5.34 -20.68
C MET D 106 -9.07 6.71 -21.12
N LEU D 107 -8.47 7.44 -20.18
CA LEU D 107 -7.92 8.77 -20.44
C LEU D 107 -9.02 9.83 -20.58
N ALA D 108 -10.26 9.42 -20.31
CA ALA D 108 -11.42 10.30 -20.39
C ALA D 108 -11.33 11.53 -19.48
N GLY D 109 -10.50 11.46 -18.46
CA GLY D 109 -10.37 12.59 -17.57
C GLY D 109 -9.85 13.81 -18.30
N TRP D 110 -9.09 13.58 -19.38
CA TRP D 110 -8.51 14.65 -20.19
C TRP D 110 -9.47 15.11 -21.28
N LYS D 111 -10.03 16.31 -21.09
CA LYS D 111 -11.00 16.89 -22.02
C LYS D 111 -10.46 18.01 -22.91
N PHE D 112 -9.83 19.01 -22.30
CA PHE D 112 -9.25 20.13 -23.01
C PHE D 112 -8.35 19.70 -24.15
N SER D 113 -8.75 20.07 -25.36
CA SER D 113 -7.99 19.75 -26.57
C SER D 113 -7.96 18.26 -26.88
N ASN D 114 -9.06 17.59 -26.54
CA ASN D 114 -9.20 16.17 -26.80
C ASN D 114 -10.63 15.84 -27.18
N VAL D 115 -11.60 16.37 -26.42
CA VAL D 115 -13.02 16.15 -26.69
C VAL D 115 -13.77 17.41 -26.33
N LYS D 116 -13.00 18.42 -25.99
CA LYS D 116 -13.53 19.70 -25.53
C LYS D 116 -12.61 20.76 -26.13
N ASP D 117 -13.13 21.93 -26.46
CA ASP D 117 -12.24 22.94 -26.99
C ASP D 117 -11.18 23.32 -25.96
N GLY D 118 -9.96 23.49 -26.43
CA GLY D 118 -8.85 23.84 -25.56
C GLY D 118 -8.94 25.20 -24.90
N VAL D 119 -7.85 25.59 -24.27
CA VAL D 119 -7.77 26.84 -23.54
C VAL D 119 -7.19 27.99 -24.34
N PHE D 120 -6.82 27.72 -25.59
CA PHE D 120 -6.27 28.74 -26.49
C PHE D 120 -7.38 29.54 -27.18
N GLY D 121 -8.17 30.23 -26.36
CA GLY D 121 -9.27 31.04 -26.87
C GLY D 121 -9.55 32.19 -25.93
N GLU D 122 -10.29 33.21 -26.39
CA GLU D 122 -10.60 34.33 -25.54
C GLU D 122 -11.31 33.85 -24.29
N PHE D 123 -11.93 32.68 -24.40
CA PHE D 123 -12.61 32.05 -23.27
C PHE D 123 -12.63 30.55 -23.53
N PHE D 124 -12.85 29.78 -22.47
CA PHE D 124 -12.96 28.32 -22.55
C PHE D 124 -13.89 27.86 -21.46
N HIS D 125 -14.41 26.65 -21.62
CA HIS D 125 -15.36 26.09 -20.64
C HIS D 125 -14.81 25.01 -19.71
N VAL D 126 -14.93 25.25 -18.40
CA VAL D 126 -14.46 24.30 -17.39
C VAL D 126 -15.66 23.62 -16.73
N ASN D 127 -15.77 22.31 -16.88
CA ASN D 127 -16.87 21.57 -16.29
C ASN D 127 -16.65 21.34 -14.79
N ASP D 128 -17.73 21.46 -14.01
CA ASP D 128 -17.71 21.27 -12.58
C ASP D 128 -16.67 22.15 -11.89
N ALA D 129 -16.91 23.46 -11.91
CA ALA D 129 -15.99 24.43 -11.32
C ALA D 129 -15.54 24.16 -9.88
N ASP D 130 -16.47 23.83 -8.98
CA ASP D 130 -16.12 23.54 -7.57
C ASP D 130 -15.21 22.31 -7.41
N MET D 131 -15.35 21.32 -8.29
CA MET D 131 -14.54 20.11 -8.25
C MET D 131 -13.28 20.19 -9.13
N ASN D 132 -13.27 21.03 -10.15
CA ASN D 132 -12.10 21.10 -11.03
C ASN D 132 -11.28 22.37 -11.15
N LEU D 133 -11.57 23.38 -10.35
CA LEU D 133 -10.78 24.61 -10.40
C LEU D 133 -10.12 24.82 -9.07
N ALA D 134 -9.10 25.67 -9.03
CA ALA D 134 -8.41 25.93 -7.76
C ALA D 134 -7.91 27.36 -7.74
N HIS D 135 -8.15 28.05 -6.63
CA HIS D 135 -7.70 29.41 -6.53
C HIS D 135 -6.20 29.55 -6.57
N LEU D 136 -5.76 30.61 -7.25
CA LEU D 136 -4.36 30.96 -7.41
C LEU D 136 -4.02 32.12 -6.50
N PRO D 137 -3.19 31.89 -5.47
CA PRO D 137 -2.78 32.94 -4.52
C PRO D 137 -2.01 34.02 -5.28
N LYS D 138 -2.22 35.28 -4.93
CA LYS D 138 -1.55 36.35 -5.70
C LYS D 138 -0.04 36.31 -5.66
N GLU D 139 0.54 35.78 -4.60
CA GLU D 139 1.99 35.71 -4.52
C GLU D 139 2.66 34.82 -5.58
N ILE D 140 1.90 33.93 -6.22
CA ILE D 140 2.50 33.08 -7.24
C ILE D 140 2.38 33.71 -8.62
N PRO D 141 3.53 33.92 -9.29
CA PRO D 141 3.65 34.51 -10.63
C PRO D 141 2.99 33.62 -11.68
N LEU D 142 2.38 34.22 -12.69
CA LEU D 142 1.72 33.47 -13.74
C LEU D 142 2.63 32.53 -14.52
N GLU D 143 3.85 32.95 -14.79
CA GLU D 143 4.78 32.12 -15.53
C GLU D 143 4.91 30.78 -14.81
N ALA D 144 4.99 30.85 -13.48
CA ALA D 144 5.13 29.68 -12.64
C ALA D 144 3.85 28.82 -12.55
N ALA D 145 2.72 29.46 -12.27
CA ALA D 145 1.44 28.80 -12.15
C ALA D 145 1.09 27.90 -13.32
N VAL D 146 1.27 28.38 -14.54
CA VAL D 146 0.94 27.62 -15.75
C VAL D 146 1.68 26.29 -15.88
N MET D 147 2.70 26.11 -15.05
CA MET D 147 3.48 24.89 -15.14
C MET D 147 2.86 23.81 -14.29
N ILE D 148 1.91 24.21 -13.45
CA ILE D 148 1.22 23.28 -12.57
C ILE D 148 0.18 22.38 -13.27
N PRO D 149 -0.73 22.95 -14.08
CA PRO D 149 -1.76 22.19 -14.78
C PRO D 149 -1.41 20.86 -15.43
N ASP D 150 -0.21 20.75 -16.00
CA ASP D 150 0.18 19.53 -16.68
C ASP D 150 1.62 19.07 -16.43
N MET D 151 2.59 19.97 -16.57
CA MET D 151 3.99 19.57 -16.36
C MET D 151 4.22 19.07 -14.95
N MET D 152 3.80 19.86 -13.96
CA MET D 152 4.04 19.49 -12.56
C MET D 152 3.37 18.18 -12.15
N THR D 153 2.06 18.06 -12.34
CA THR D 153 1.35 16.82 -11.98
C THR D 153 1.91 15.58 -12.69
N THR D 154 2.30 15.72 -13.95
CA THR D 154 2.82 14.61 -14.71
C THR D 154 4.16 14.13 -14.18
N GLY D 155 5.09 15.05 -14.03
CA GLY D 155 6.40 14.70 -13.51
C GLY D 155 6.32 14.16 -12.09
N PHE D 156 5.53 14.84 -11.25
CA PHE D 156 5.31 14.44 -9.88
C PHE D 156 4.64 13.07 -9.79
N HIS D 157 3.77 12.79 -10.74
CA HIS D 157 3.07 11.52 -10.77
C HIS D 157 4.07 10.46 -11.22
N GLY D 158 5.18 10.91 -11.79
CA GLY D 158 6.19 9.96 -12.21
C GLY D 158 6.81 9.45 -10.92
N ALA D 159 7.28 10.39 -10.11
CA ALA D 159 7.88 10.06 -8.84
C ALA D 159 6.89 9.25 -8.01
N GLU D 160 5.65 9.69 -7.92
CA GLU D 160 4.66 8.98 -7.16
C GLU D 160 4.57 7.53 -7.53
N LEU D 161 4.25 7.22 -8.78
CA LEU D 161 4.13 5.83 -9.24
C LEU D 161 5.39 5.01 -9.04
N ALA D 162 6.53 5.68 -8.92
CA ALA D 162 7.82 5.04 -8.76
C ALA D 162 8.07 4.34 -7.42
N ASP D 163 7.23 4.60 -6.42
CA ASP D 163 7.41 3.98 -5.12
C ASP D 163 8.83 4.22 -4.59
N ILE D 164 9.26 5.47 -4.63
CA ILE D 164 10.59 5.81 -4.14
C ILE D 164 10.64 5.74 -2.62
N GLU D 165 11.78 5.33 -2.10
CA GLU D 165 11.96 5.24 -0.67
C GLU D 165 13.11 6.15 -0.23
N LEU D 166 13.10 6.58 1.01
CA LEU D 166 14.14 7.47 1.48
C LEU D 166 15.51 6.95 1.15
N GLY D 167 16.27 7.77 0.44
CA GLY D 167 17.63 7.42 0.08
C GLY D 167 17.71 6.53 -1.12
N ALA D 168 16.57 6.26 -1.72
CA ALA D 168 16.57 5.40 -2.90
C ALA D 168 17.29 6.08 -4.05
N THR D 169 17.77 5.27 -4.98
CA THR D 169 18.44 5.77 -6.16
C THR D 169 17.48 5.68 -7.34
N VAL D 170 17.11 6.85 -7.85
CA VAL D 170 16.19 6.95 -8.95
C VAL D 170 16.89 7.44 -10.21
N ALA D 171 16.35 7.04 -11.36
CA ALA D 171 16.87 7.45 -12.64
C ALA D 171 15.69 7.98 -13.41
N VAL D 172 15.86 9.13 -14.03
CA VAL D 172 14.82 9.79 -14.82
C VAL D 172 15.20 9.71 -16.30
N LEU D 173 14.50 8.84 -17.03
CA LEU D 173 14.75 8.65 -18.46
C LEU D 173 13.97 9.67 -19.30
N GLY D 174 14.70 10.68 -19.80
CA GLY D 174 14.10 11.74 -20.58
C GLY D 174 13.94 12.94 -19.68
N ILE D 175 14.73 13.99 -19.92
CA ILE D 175 14.64 15.19 -19.08
C ILE D 175 14.02 16.40 -19.75
N GLY D 176 12.85 16.22 -20.35
CA GLY D 176 12.18 17.35 -20.96
C GLY D 176 11.50 18.11 -19.84
N PRO D 177 10.48 18.94 -20.13
CA PRO D 177 9.84 19.66 -19.03
C PRO D 177 9.20 18.68 -18.03
N VAL D 178 8.64 17.58 -18.54
CA VAL D 178 8.02 16.58 -17.67
C VAL D 178 9.10 15.81 -16.87
N GLY D 179 10.17 15.42 -17.57
CA GLY D 179 11.23 14.73 -16.89
C GLY D 179 11.78 15.62 -15.81
N LEU D 180 11.91 16.90 -16.13
CA LEU D 180 12.42 17.86 -15.15
C LEU D 180 11.60 17.88 -13.89
N MET D 181 10.29 17.80 -14.03
CA MET D 181 9.43 17.80 -12.86
C MET D 181 9.40 16.41 -12.21
N ALA D 182 9.82 15.40 -12.96
CA ALA D 182 9.87 14.05 -12.42
C ALA D 182 11.14 14.01 -11.57
N VAL D 183 12.14 14.79 -11.96
CA VAL D 183 13.40 14.87 -11.23
C VAL D 183 13.17 15.59 -9.92
N ALA D 184 12.31 16.60 -9.95
CA ALA D 184 12.00 17.33 -8.74
C ALA D 184 11.05 16.46 -7.92
N GLY D 185 10.30 15.60 -8.61
CA GLY D 185 9.37 14.72 -7.94
C GLY D 185 10.11 13.71 -7.09
N ALA D 186 11.10 13.05 -7.68
CA ALA D 186 11.92 12.08 -6.95
C ALA D 186 12.54 12.76 -5.73
N LYS D 187 13.08 13.95 -5.93
CA LYS D 187 13.72 14.69 -4.85
C LYS D 187 12.72 14.95 -3.80
N LEU D 188 11.47 15.10 -4.25
CA LEU D 188 10.38 15.34 -3.35
C LEU D 188 9.98 14.10 -2.59
N ARG D 189 10.30 12.92 -3.08
CA ARG D 189 9.93 11.70 -2.40
C ARG D 189 11.07 11.15 -1.54
N GLY D 190 12.17 12.03 -1.46
CA GLY D 190 13.35 11.72 -0.67
C GLY D 190 14.37 10.84 -1.36
N ALA D 191 14.45 10.94 -2.67
CA ALA D 191 15.41 10.16 -3.46
C ALA D 191 16.78 10.67 -3.12
N GLY D 192 17.75 9.75 -3.05
CA GLY D 192 19.11 10.16 -2.73
C GLY D 192 19.79 10.56 -4.02
N ARG D 193 20.40 9.58 -4.66
CA ARG D 193 21.07 9.80 -5.93
C ARG D 193 19.99 9.80 -7.02
N ILE D 194 20.03 10.80 -7.88
CA ILE D 194 19.07 10.92 -8.97
C ILE D 194 19.87 11.07 -10.25
N ILE D 195 19.74 10.07 -11.11
CA ILE D 195 20.43 10.02 -12.40
C ILE D 195 19.51 10.49 -13.51
N ALA D 196 19.79 11.65 -14.07
CA ALA D 196 18.98 12.19 -15.16
C ALA D 196 19.61 11.81 -16.49
N VAL D 197 18.80 11.20 -17.37
CA VAL D 197 19.25 10.75 -18.69
C VAL D 197 18.80 11.75 -19.78
N GLY D 198 19.74 12.50 -20.35
CA GLY D 198 19.38 13.48 -21.37
C GLY D 198 20.61 14.13 -21.98
N SER D 199 20.46 14.79 -23.12
CA SER D 199 21.60 15.43 -23.78
C SER D 199 21.51 16.94 -23.97
N ARG D 200 20.30 17.47 -24.17
CA ARG D 200 20.15 18.92 -24.36
C ARG D 200 20.77 19.69 -23.18
N PRO D 201 21.79 20.50 -23.46
CA PRO D 201 22.49 21.31 -22.46
C PRO D 201 21.57 22.20 -21.62
N VAL D 202 20.49 22.68 -22.22
CA VAL D 202 19.55 23.55 -21.51
C VAL D 202 18.72 22.75 -20.50
N CYS D 203 18.48 21.48 -20.83
CA CYS D 203 17.70 20.60 -19.96
C CYS D 203 18.59 20.09 -18.82
N VAL D 204 19.82 19.70 -19.13
CA VAL D 204 20.72 19.19 -18.12
C VAL D 204 21.02 20.23 -17.07
N ASP D 205 21.11 21.48 -17.51
CA ASP D 205 21.41 22.54 -16.57
C ASP D 205 20.22 22.74 -15.63
N ALA D 206 19.02 22.44 -16.12
CA ALA D 206 17.82 22.57 -15.32
C ALA D 206 17.73 21.36 -14.43
N ALA D 207 18.03 20.21 -15.00
CA ALA D 207 18.00 18.96 -14.25
C ALA D 207 18.85 19.12 -12.99
N LYS D 208 20.09 19.55 -13.16
CA LYS D 208 20.98 19.75 -12.02
C LYS D 208 20.34 20.66 -11.01
N TYR D 209 19.64 21.68 -11.48
CA TYR D 209 18.97 22.64 -10.63
C TYR D 209 17.81 22.03 -9.82
N TYR D 210 17.17 21.00 -10.36
CA TYR D 210 16.05 20.36 -9.68
C TYR D 210 16.40 19.17 -8.82
N GLY D 211 17.67 18.77 -8.83
CA GLY D 211 18.06 17.66 -7.98
C GLY D 211 18.90 16.56 -8.57
N ALA D 212 19.09 16.54 -9.88
CA ALA D 212 19.88 15.50 -10.50
C ALA D 212 21.29 15.66 -9.99
N THR D 213 21.91 14.54 -9.63
CA THR D 213 23.27 14.51 -9.10
C THR D 213 24.27 14.00 -10.12
N ASP D 214 23.79 13.28 -11.13
CA ASP D 214 24.65 12.75 -12.19
C ASP D 214 23.90 12.98 -13.51
N ILE D 215 24.64 13.27 -14.58
CA ILE D 215 24.00 13.46 -15.87
C ILE D 215 24.51 12.31 -16.73
N VAL D 216 23.62 11.71 -17.52
CA VAL D 216 23.99 10.61 -18.42
C VAL D 216 23.58 10.97 -19.81
N ASN D 217 24.57 11.13 -20.70
CA ASN D 217 24.32 11.48 -22.09
C ASN D 217 24.48 10.22 -22.95
N TYR D 218 23.38 9.80 -23.59
CA TYR D 218 23.41 8.58 -24.41
C TYR D 218 24.53 8.62 -25.45
N LYS D 219 25.06 9.82 -25.71
CA LYS D 219 26.13 10.00 -26.69
C LYS D 219 27.50 9.57 -26.16
N ASP D 220 27.52 8.79 -25.08
CA ASP D 220 28.78 8.34 -24.51
C ASP D 220 28.76 6.84 -24.33
N GLY D 221 27.77 6.20 -24.96
CA GLY D 221 27.63 4.76 -24.86
C GLY D 221 26.23 4.36 -24.44
N PRO D 222 25.96 3.06 -24.31
CA PRO D 222 24.64 2.57 -23.91
C PRO D 222 24.28 3.07 -22.50
N ILE D 223 23.07 3.58 -22.35
CA ILE D 223 22.63 4.05 -21.05
C ILE D 223 22.74 2.88 -20.06
N GLU D 224 22.02 1.77 -20.34
CA GLU D 224 22.02 0.62 -19.46
C GLU D 224 23.37 0.29 -18.85
N SER D 225 24.42 0.33 -19.65
CA SER D 225 25.74 0.03 -19.11
C SER D 225 26.29 1.22 -18.31
N GLN D 226 26.04 2.45 -18.77
CA GLN D 226 26.55 3.60 -18.05
C GLN D 226 25.97 3.68 -16.64
N ILE D 227 24.67 3.41 -16.49
CA ILE D 227 24.06 3.46 -15.17
C ILE D 227 24.59 2.30 -14.33
N MET D 228 24.79 1.14 -14.99
CA MET D 228 25.31 -0.02 -14.28
C MET D 228 26.69 0.34 -13.73
N ASN D 229 27.46 1.12 -14.49
CA ASN D 229 28.79 1.53 -14.02
C ASN D 229 28.68 2.45 -12.81
N LEU D 230 27.91 3.52 -12.95
CA LEU D 230 27.73 4.47 -11.87
C LEU D 230 27.26 3.82 -10.54
N THR D 231 26.50 2.73 -10.65
CA THR D 231 25.98 2.02 -9.48
C THR D 231 26.67 0.67 -9.15
N GLU D 232 27.95 0.54 -9.53
CA GLU D 232 28.69 -0.70 -9.29
C GLU D 232 27.89 -1.94 -9.62
N GLY D 233 27.16 -1.90 -10.73
CA GLY D 233 26.37 -3.05 -11.12
C GLY D 233 25.17 -3.29 -10.23
N LYS D 234 24.85 -2.34 -9.35
CA LYS D 234 23.70 -2.51 -8.48
C LYS D 234 22.41 -2.09 -9.20
N GLY D 235 22.51 -1.10 -10.08
CA GLY D 235 21.35 -0.64 -10.81
C GLY D 235 20.62 0.40 -9.98
N VAL D 236 19.44 0.83 -10.41
CA VAL D 236 18.68 1.81 -9.64
C VAL D 236 17.53 1.15 -8.94
N ASP D 237 16.94 1.89 -8.00
CA ASP D 237 15.80 1.42 -7.23
C ASP D 237 14.50 1.64 -7.98
N ALA D 238 14.49 2.62 -8.86
CA ALA D 238 13.31 2.93 -9.65
C ALA D 238 13.72 3.75 -10.85
N ALA D 239 12.92 3.68 -11.91
CA ALA D 239 13.21 4.42 -13.13
C ALA D 239 11.94 5.07 -13.61
N ILE D 240 11.99 6.40 -13.73
CA ILE D 240 10.86 7.19 -14.19
C ILE D 240 11.07 7.54 -15.66
N ILE D 241 10.20 7.00 -16.52
CA ILE D 241 10.25 7.26 -17.95
C ILE D 241 9.46 8.54 -18.20
N ALA D 242 10.13 9.60 -18.66
CA ALA D 242 9.43 10.85 -18.94
C ALA D 242 9.51 11.25 -20.41
N GLY D 243 10.01 10.33 -21.25
CA GLY D 243 10.12 10.60 -22.67
C GLY D 243 10.89 9.53 -23.42
N GLY D 244 10.91 9.64 -24.76
CA GLY D 244 11.59 8.66 -25.57
C GLY D 244 10.54 7.92 -26.36
N ASN D 245 10.98 6.85 -27.06
CA ASN D 245 9.99 6.07 -27.73
C ASN D 245 9.84 4.81 -26.90
N ALA D 246 9.53 3.75 -27.59
CA ALA D 246 9.20 2.49 -26.97
C ALA D 246 10.37 1.71 -26.54
N ASP D 247 11.50 2.17 -26.99
CA ASP D 247 12.70 1.44 -26.73
C ASP D 247 13.16 1.68 -25.34
N ILE D 248 12.73 2.80 -24.81
CA ILE D 248 13.07 3.29 -23.47
C ILE D 248 12.53 2.34 -22.40
N MET D 249 11.38 1.73 -22.64
CA MET D 249 10.79 0.79 -21.70
C MET D 249 11.78 -0.34 -21.40
N ALA D 250 12.58 -0.70 -22.40
CA ALA D 250 13.57 -1.79 -22.26
C ALA D 250 14.73 -1.31 -21.41
N THR D 251 15.24 -0.13 -21.74
CA THR D 251 16.34 0.48 -21.01
C THR D 251 15.95 0.46 -19.55
N ALA D 252 14.73 0.94 -19.27
CA ALA D 252 14.19 1.00 -17.92
C ALA D 252 14.28 -0.33 -17.18
N VAL D 253 13.61 -1.35 -17.71
CA VAL D 253 13.61 -2.67 -17.09
C VAL D 253 15.03 -3.15 -16.81
N LYS D 254 15.93 -2.79 -17.72
CA LYS D 254 17.34 -3.18 -17.63
C LYS D 254 18.21 -2.48 -16.59
N ILE D 255 17.79 -1.33 -16.09
CA ILE D 255 18.57 -0.61 -15.08
C ILE D 255 17.95 -0.71 -13.68
N VAL D 256 16.75 -1.29 -13.59
CA VAL D 256 16.08 -1.42 -12.31
C VAL D 256 16.37 -2.76 -11.62
N LYS D 257 16.77 -2.70 -10.35
CA LYS D 257 17.06 -3.89 -9.55
C LYS D 257 15.83 -4.76 -9.43
N PRO D 258 16.01 -6.05 -9.11
CA PRO D 258 14.86 -6.93 -8.96
C PRO D 258 14.08 -6.35 -7.78
N GLY D 259 12.76 -6.21 -7.92
CA GLY D 259 11.96 -5.65 -6.85
C GLY D 259 11.78 -4.15 -7.04
N GLY D 260 12.44 -3.63 -8.06
CA GLY D 260 12.36 -2.22 -8.35
C GLY D 260 11.06 -1.92 -9.06
N THR D 261 10.88 -0.65 -9.42
CA THR D 261 9.67 -0.23 -10.10
C THR D 261 9.97 0.74 -11.22
N ILE D 262 9.36 0.44 -12.37
CA ILE D 262 9.46 1.26 -13.56
C ILE D 262 8.18 2.06 -13.62
N ALA D 263 8.27 3.37 -13.46
CA ALA D 263 7.09 4.22 -13.51
C ALA D 263 7.19 5.05 -14.78
N ASN D 264 6.15 4.94 -15.60
CA ASN D 264 6.09 5.65 -16.86
C ASN D 264 4.95 6.67 -17.00
N VAL D 265 5.30 7.91 -17.29
CA VAL D 265 4.30 8.94 -17.49
C VAL D 265 4.39 9.49 -18.93
N ASN D 266 5.23 8.85 -19.73
CA ASN D 266 5.41 9.27 -21.11
C ASN D 266 4.30 8.79 -22.04
N TYR D 267 3.93 9.65 -22.99
CA TYR D 267 2.88 9.34 -23.96
C TYR D 267 3.49 8.75 -25.23
N PHE D 268 3.52 7.42 -25.32
CA PHE D 268 4.08 6.77 -26.48
C PHE D 268 3.09 6.86 -27.64
N GLY D 269 3.59 7.21 -28.83
CA GLY D 269 2.72 7.31 -29.99
C GLY D 269 3.04 6.31 -31.09
N GLU D 270 4.32 6.02 -31.27
CA GLU D 270 4.78 5.09 -32.30
C GLU D 270 4.50 3.62 -32.01
N GLY D 271 4.75 2.77 -33.01
CA GLY D 271 4.55 1.33 -32.87
C GLY D 271 3.22 0.92 -32.27
N GLU D 272 3.11 -0.36 -31.92
CA GLU D 272 1.88 -0.85 -31.31
C GLU D 272 2.19 -1.84 -30.19
N VAL D 273 3.42 -1.81 -29.70
CA VAL D 273 3.84 -2.68 -28.61
C VAL D 273 5.05 -2.07 -27.90
N LEU D 274 4.94 -1.94 -26.59
CA LEU D 274 6.04 -1.40 -25.80
C LEU D 274 6.82 -2.64 -25.34
N PRO D 275 8.10 -2.73 -25.72
CA PRO D 275 8.99 -3.85 -25.37
C PRO D 275 9.27 -4.02 -23.89
N VAL D 276 9.30 -5.27 -23.46
CA VAL D 276 9.59 -5.60 -22.06
C VAL D 276 10.50 -6.80 -22.18
N PRO D 277 11.83 -6.59 -22.05
CA PRO D 277 12.84 -7.64 -22.14
C PRO D 277 12.62 -8.72 -21.10
N ARG D 278 12.15 -9.89 -21.54
CA ARG D 278 11.88 -11.00 -20.64
C ARG D 278 13.10 -11.45 -19.86
N LEU D 279 14.27 -11.36 -20.49
CA LEU D 279 15.51 -11.78 -19.85
C LEU D 279 15.71 -10.97 -18.57
N GLU D 280 16.04 -9.69 -18.72
CA GLU D 280 16.24 -8.82 -17.58
C GLU D 280 14.96 -8.53 -16.79
N TRP D 281 13.84 -9.13 -17.21
CA TRP D 281 12.60 -8.95 -16.47
C TRP D 281 12.39 -10.22 -15.65
N GLY D 282 13.47 -10.96 -15.47
CA GLY D 282 13.44 -12.20 -14.71
C GLY D 282 12.57 -13.28 -15.33
N CYS D 283 12.34 -13.16 -16.64
CA CYS D 283 11.49 -14.11 -17.38
C CYS D 283 10.08 -14.02 -16.81
N GLY D 284 9.79 -12.86 -16.21
CA GLY D 284 8.48 -12.61 -15.63
C GLY D 284 8.51 -12.96 -14.15
N MET D 285 9.63 -12.68 -13.48
CA MET D 285 9.74 -13.02 -12.07
C MET D 285 10.71 -12.17 -11.22
N ALA D 286 11.28 -11.11 -11.78
CA ALA D 286 12.25 -10.31 -11.01
C ALA D 286 11.54 -9.29 -10.18
N HIS D 287 10.22 -9.33 -10.26
CA HIS D 287 9.27 -8.46 -9.55
C HIS D 287 9.23 -6.99 -9.97
N LYS D 288 9.94 -6.68 -11.06
CA LYS D 288 10.06 -5.34 -11.57
C LYS D 288 8.76 -4.73 -12.01
N THR D 289 7.98 -4.25 -11.06
CA THR D 289 6.68 -3.66 -11.33
C THR D 289 6.71 -2.52 -12.33
N ILE D 290 5.87 -2.62 -13.36
CA ILE D 290 5.79 -1.56 -14.36
C ILE D 290 4.48 -0.78 -14.22
N LYS D 291 4.61 0.53 -14.02
CA LYS D 291 3.46 1.38 -13.85
C LYS D 291 3.44 2.49 -14.90
N GLY D 292 2.23 2.89 -15.29
CA GLY D 292 2.09 3.94 -16.27
C GLY D 292 0.69 4.49 -16.24
N GLY D 293 0.55 5.76 -15.83
CA GLY D 293 -0.76 6.35 -15.77
C GLY D 293 -0.78 7.83 -16.05
N LEU D 294 -1.90 8.30 -16.59
CA LEU D 294 -2.13 9.72 -16.90
C LEU D 294 -2.01 10.49 -15.60
N CYS D 295 -1.62 11.75 -15.66
CA CYS D 295 -1.48 12.57 -14.47
C CYS D 295 -2.84 12.91 -13.84
N PRO D 296 -2.89 12.94 -12.49
CA PRO D 296 -4.14 13.27 -11.80
C PRO D 296 -4.51 14.71 -12.09
N GLY D 297 -5.81 15.02 -11.96
CA GLY D 297 -6.30 16.36 -12.18
C GLY D 297 -7.29 16.72 -11.11
N GLY D 298 -8.08 17.76 -11.35
CA GLY D 298 -9.06 18.18 -10.36
C GLY D 298 -8.53 19.24 -9.42
N ARG D 299 -9.45 19.85 -8.71
CA ARG D 299 -9.15 20.90 -7.74
C ARG D 299 -8.09 20.55 -6.71
N LEU D 300 -8.30 19.43 -6.02
CA LEU D 300 -7.40 19.00 -4.97
C LEU D 300 -5.98 18.84 -5.46
N ARG D 301 -5.80 18.08 -6.54
CA ARG D 301 -4.48 17.90 -7.11
C ARG D 301 -3.82 19.25 -7.34
N MET D 302 -4.61 20.21 -7.81
CA MET D 302 -4.11 21.55 -8.09
C MET D 302 -3.84 22.34 -6.83
N GLU D 303 -4.61 22.07 -5.77
CA GLU D 303 -4.39 22.80 -4.53
C GLU D 303 -3.12 22.30 -3.86
N ARG D 304 -2.90 20.99 -3.90
CA ARG D 304 -1.70 20.37 -3.32
C ARG D 304 -0.44 20.92 -3.97
N LEU D 305 -0.36 20.80 -5.29
CA LEU D 305 0.81 21.30 -5.99
C LEU D 305 0.98 22.81 -5.88
N ILE D 306 -0.10 23.55 -5.68
CA ILE D 306 0.01 25.00 -5.52
C ILE D 306 0.70 25.32 -4.20
N ASP D 307 0.40 24.56 -3.15
CA ASP D 307 1.04 24.80 -1.86
C ASP D 307 2.51 24.45 -1.98
N LEU D 308 2.86 23.47 -2.82
CA LEU D 308 4.28 23.12 -2.97
C LEU D 308 5.04 24.33 -3.47
N VAL D 309 4.43 25.06 -4.40
CA VAL D 309 5.07 26.25 -4.93
C VAL D 309 5.04 27.35 -3.89
N PHE D 310 3.89 27.54 -3.26
CA PHE D 310 3.70 28.59 -2.26
C PHE D 310 4.69 28.51 -1.10
N TYR D 311 5.03 27.30 -0.69
CA TYR D 311 5.95 27.10 0.42
C TYR D 311 7.34 26.79 -0.10
N LYS D 312 7.71 27.45 -1.19
CA LYS D 312 9.02 27.28 -1.79
C LYS D 312 9.57 25.87 -1.80
N ARG D 313 8.69 24.88 -1.96
CA ARG D 313 9.13 23.49 -2.03
C ARG D 313 9.81 23.26 -3.40
N VAL D 314 9.18 23.75 -4.47
CA VAL D 314 9.76 23.65 -5.82
C VAL D 314 9.44 24.93 -6.57
N ASP D 315 10.25 25.23 -7.58
CA ASP D 315 10.03 26.42 -8.39
C ASP D 315 10.00 26.07 -9.87
N PRO D 316 8.81 26.05 -10.47
CA PRO D 316 8.64 25.72 -11.87
C PRO D 316 9.23 26.74 -12.83
N SER D 317 9.46 27.95 -12.35
CA SER D 317 10.01 29.03 -13.17
C SER D 317 11.07 28.59 -14.17
N LYS D 318 12.11 27.91 -13.70
CA LYS D 318 13.18 27.48 -14.58
C LYS D 318 12.73 26.70 -15.79
N LEU D 319 11.47 26.29 -15.79
CA LEU D 319 10.94 25.53 -16.92
C LEU D 319 10.62 26.50 -18.07
N VAL D 320 10.09 27.67 -17.69
CA VAL D 320 9.74 28.72 -18.63
C VAL D 320 11.02 29.37 -19.13
N THR D 321 11.29 29.22 -20.42
CA THR D 321 12.49 29.77 -21.02
C THR D 321 12.18 30.88 -22.05
N HIS D 322 10.90 31.19 -22.20
CA HIS D 322 10.43 32.24 -23.12
C HIS D 322 9.09 32.73 -22.63
N VAL D 323 8.86 34.03 -22.78
CA VAL D 323 7.59 34.63 -22.35
C VAL D 323 7.06 35.59 -23.43
N PHE D 324 5.83 35.37 -23.88
CA PHE D 324 5.23 36.20 -24.91
C PHE D 324 4.03 36.95 -24.38
N ARG D 325 3.42 37.78 -25.24
CA ARG D 325 2.24 38.54 -24.84
C ARG D 325 1.14 38.60 -25.89
N GLY D 326 -0.12 38.72 -25.45
CA GLY D 326 -1.24 38.78 -26.38
C GLY D 326 -1.51 37.50 -27.18
N PHE D 327 -2.77 37.19 -27.46
CA PHE D 327 -3.16 35.96 -28.19
C PHE D 327 -2.34 35.70 -29.44
N ASP D 328 -2.04 36.76 -30.18
CA ASP D 328 -1.35 36.67 -31.44
C ASP D 328 -0.29 35.67 -31.36
N ASN D 329 0.40 35.77 -30.26
CA ASN D 329 1.59 34.99 -29.88
C ASN D 329 1.30 33.53 -29.58
N ILE D 330 0.06 33.23 -29.19
CA ILE D 330 -0.31 31.86 -28.89
C ILE D 330 0.07 30.97 -30.08
N GLU D 331 0.22 31.59 -31.23
CA GLU D 331 0.59 30.84 -32.41
C GLU D 331 2.12 30.73 -32.57
N LYS D 332 2.82 31.82 -32.25
CA LYS D 332 4.27 31.83 -32.37
C LYS D 332 4.84 30.86 -31.33
N ALA D 333 4.22 30.88 -30.15
CA ALA D 333 4.62 30.00 -29.04
C ALA D 333 4.26 28.56 -29.41
N PHE D 334 3.17 28.38 -30.15
CA PHE D 334 2.77 27.04 -30.57
C PHE D 334 3.85 26.47 -31.48
N MET D 335 4.15 27.18 -32.56
CA MET D 335 5.16 26.75 -33.52
C MET D 335 6.49 26.49 -32.86
N LEU D 336 6.84 27.34 -31.90
CA LEU D 336 8.10 27.21 -31.17
C LEU D 336 8.27 25.79 -30.61
N MET D 337 7.16 25.16 -30.21
CA MET D 337 7.19 23.81 -29.64
C MET D 337 7.38 22.69 -30.65
N LYS D 338 7.11 23.00 -31.92
CA LYS D 338 7.24 22.03 -33.00
C LYS D 338 8.71 21.83 -33.39
N ASP D 339 9.46 22.93 -33.32
CA ASP D 339 10.88 22.93 -33.65
C ASP D 339 11.65 23.43 -32.44
N LYS D 340 11.86 22.52 -31.49
CA LYS D 340 12.55 22.85 -30.24
C LYS D 340 13.94 23.49 -30.34
N PRO D 341 14.00 24.82 -30.21
CA PRO D 341 15.31 25.49 -30.26
C PRO D 341 16.15 24.92 -29.09
N LYS D 342 17.46 24.80 -29.30
CA LYS D 342 18.34 24.28 -28.26
C LYS D 342 18.27 25.07 -26.96
N ASP D 343 17.49 26.14 -26.92
CA ASP D 343 17.39 26.96 -25.73
C ASP D 343 15.97 26.93 -25.14
N LEU D 344 15.12 26.10 -25.73
CA LEU D 344 13.73 26.01 -25.27
C LEU D 344 13.40 24.82 -24.36
N ILE D 345 12.53 25.09 -23.40
CA ILE D 345 12.03 24.09 -22.47
C ILE D 345 10.50 24.22 -22.52
N LYS D 346 10.01 25.38 -22.07
CA LYS D 346 8.59 25.60 -22.04
C LYS D 346 8.28 27.08 -22.19
N PRO D 347 7.58 27.47 -23.30
CA PRO D 347 7.20 28.85 -23.57
C PRO D 347 5.86 29.18 -22.93
N VAL D 348 5.68 30.40 -22.45
CA VAL D 348 4.38 30.75 -21.91
C VAL D 348 3.96 32.14 -22.41
N VAL D 349 2.68 32.28 -22.76
CA VAL D 349 2.17 33.56 -23.23
C VAL D 349 1.34 34.24 -22.17
N ILE D 350 1.83 35.39 -21.74
CA ILE D 350 1.22 36.14 -20.69
C ILE D 350 0.01 36.89 -21.16
N LEU D 351 -0.91 36.97 -20.22
CA LEU D 351 -2.19 37.66 -20.35
C LEU D 351 -2.88 37.32 -21.65
N ALA D 352 -3.68 36.33 -21.55
CA ALA D 352 -4.58 35.98 -22.63
C ALA D 352 -3.93 35.37 -23.85
ZN ZN E . -27.93 -3.67 13.85
CL CL F . -1.36 -20.49 15.30
MG MG G . -24.11 -8.90 -11.58
C1 SBT H . -24.31 3.58 9.59
C2 SBT H . -23.63 3.07 10.87
C3 SBT H . -23.91 4.04 12.00
C4 SBT H . -22.89 3.81 13.19
OH SBT H . -24.10 1.75 11.22
ZN ZN I . 18.39 11.03 21.79
CL CL J . -3.52 25.09 4.58
MG MG K . 27.39 6.03 -2.13
C1 SBT L . 16.01 3.38 19.62
C2 SBT L . 15.21 4.45 20.39
C3 SBT L . 14.88 3.74 21.65
C4 SBT L . 13.96 4.59 22.55
OH SBT L . 16.04 5.62 20.79
ZN ZN M . 5.24 -28.46 -11.65
CL CL N . -19.54 -8.61 -14.25
MG MG O . -0.61 -25.60 12.31
C1 SBT P . 10.13 -22.15 -8.81
C2 SBT P . 9.53 -22.16 -10.24
C3 SBT P . 10.61 -22.36 -11.42
C4 SBT P . 9.98 -21.84 -12.76
OH SBT P . 8.15 -22.71 -10.43
ZN ZN Q . 4.19 19.73 -23.34
CL CL R . 25.27 4.05 -5.74
MG MG S . -2.40 28.28 0.55
C1 SBT T . -2.47 15.92 -20.82
C2 SBT T . -1.27 15.14 -21.42
C3 SBT T . -1.76 14.18 -22.58
C4 SBT T . -0.58 13.32 -23.09
OH SBT T . -0.26 16.10 -21.88
#